data_1B0Y
# 
_entry.id   1B0Y 
# 
_audit_conform.dict_name       mmcif_pdbx.dic 
_audit_conform.dict_version    5.383 
_audit_conform.dict_location   http://mmcif.pdb.org/dictionaries/ascii/mmcif_pdbx.dic 
# 
loop_
_database_2.database_id 
_database_2.database_code 
_database_2.pdbx_database_accession 
_database_2.pdbx_DOI 
PDB   1B0Y         pdb_00001b0y 10.2210/pdb1b0y/pdb 
RCSB  RCSB000083   ?            ?                   
WWPDB D_1000000083 ?            ?                   
# 
loop_
_pdbx_audit_revision_history.ordinal 
_pdbx_audit_revision_history.data_content_type 
_pdbx_audit_revision_history.major_revision 
_pdbx_audit_revision_history.minor_revision 
_pdbx_audit_revision_history.revision_date 
1 'Structure model' 1 0 1998-12-16 
2 'Structure model' 1 1 2008-04-26 
3 'Structure model' 1 2 2011-07-13 
4 'Structure model' 1 3 2016-02-17 
5 'Structure model' 1 4 2021-11-03 
6 'Structure model' 1 5 2023-12-27 
# 
_pdbx_audit_revision_details.ordinal             1 
_pdbx_audit_revision_details.revision_ordinal    1 
_pdbx_audit_revision_details.data_content_type   'Structure model' 
_pdbx_audit_revision_details.provider            repository 
_pdbx_audit_revision_details.type                'Initial release' 
_pdbx_audit_revision_details.description         ? 
_pdbx_audit_revision_details.details             ? 
# 
loop_
_pdbx_audit_revision_group.ordinal 
_pdbx_audit_revision_group.revision_ordinal 
_pdbx_audit_revision_group.data_content_type 
_pdbx_audit_revision_group.group 
1 2 'Structure model' 'Version format compliance' 
2 3 'Structure model' 'Version format compliance' 
3 4 'Structure model' 'Atomic model'              
4 4 'Structure model' 'Derived calculations'      
5 5 'Structure model' 'Data collection'           
6 5 'Structure model' 'Database references'       
7 5 'Structure model' 'Derived calculations'      
8 6 'Structure model' 'Data collection'           
# 
loop_
_pdbx_audit_revision_category.ordinal 
_pdbx_audit_revision_category.revision_ordinal 
_pdbx_audit_revision_category.data_content_type 
_pdbx_audit_revision_category.category 
1 5 'Structure model' database_2             
2 5 'Structure model' diffrn_source          
3 5 'Structure model' pdbx_struct_conn_angle 
4 5 'Structure model' struct_conn            
5 5 'Structure model' struct_ref_seq_dif     
6 5 'Structure model' struct_site            
7 6 'Structure model' chem_comp_atom         
8 6 'Structure model' chem_comp_bond         
# 
loop_
_pdbx_audit_revision_item.ordinal 
_pdbx_audit_revision_item.revision_ordinal 
_pdbx_audit_revision_item.data_content_type 
_pdbx_audit_revision_item.item 
1  5 'Structure model' '_database_2.pdbx_DOI'                        
2  5 'Structure model' '_database_2.pdbx_database_accession'         
3  5 'Structure model' '_diffrn_source.pdbx_synchrotron_site'        
4  5 'Structure model' '_pdbx_struct_conn_angle.ptnr1_auth_seq_id'   
5  5 'Structure model' '_pdbx_struct_conn_angle.ptnr1_label_atom_id' 
6  5 'Structure model' '_pdbx_struct_conn_angle.ptnr1_label_seq_id'  
7  5 'Structure model' '_pdbx_struct_conn_angle.ptnr2_label_atom_id' 
8  5 'Structure model' '_pdbx_struct_conn_angle.ptnr3_label_atom_id' 
9  5 'Structure model' '_pdbx_struct_conn_angle.value'               
10 5 'Structure model' '_struct_conn.pdbx_dist_value'                
11 5 'Structure model' '_struct_conn.ptnr1_auth_seq_id'              
12 5 'Structure model' '_struct_conn.ptnr1_label_seq_id'             
13 5 'Structure model' '_struct_conn.ptnr2_label_atom_id'            
14 5 'Structure model' '_struct_ref_seq_dif.details'                 
15 5 'Structure model' '_struct_site.pdbx_auth_asym_id'              
16 5 'Structure model' '_struct_site.pdbx_auth_comp_id'              
17 5 'Structure model' '_struct_site.pdbx_auth_seq_id'               
# 
_pdbx_database_status.status_code                     REL 
_pdbx_database_status.entry_id                        1B0Y 
_pdbx_database_status.recvd_initial_deposition_date   1998-11-15 
_pdbx_database_status.deposit_site                    ? 
_pdbx_database_status.process_site                    RCSB 
_pdbx_database_status.status_code_sf                  REL 
_pdbx_database_status.SG_entry                        . 
_pdbx_database_status.status_code_mr                  ? 
_pdbx_database_status.status_code_cs                  ? 
_pdbx_database_status.pdb_format_compatible           Y 
_pdbx_database_status.status_code_nmr_data            ? 
_pdbx_database_status.methods_development_category    ? 
# 
_audit_author.name           'Sheldrick, G.M.' 
_audit_author.pdbx_ordinal   1 
# 
loop_
_citation.id 
_citation.title 
_citation.journal_abbrev 
_citation.journal_volume 
_citation.page_first 
_citation.page_last 
_citation.year 
_citation.journal_id_ASTM 
_citation.country 
_citation.journal_id_ISSN 
_citation.journal_id_CSD 
_citation.book_publisher 
_citation.pdbx_database_id_PubMed 
_citation.pdbx_database_id_DOI 
primary 'Ab initio solution and refinement of two high-potential iron protein structures at atomic resolution.' 
'Acta Crystallogr.,Sect.D' 55  1773 1784 1999 ABCRE6 DK 0907-4449 0766 ? 10531472 10.1107/S0907444999009129 
1       'Two-Angstrom Crystal Structure of Oxidized Chromatium High Potential Iron Protein'                     J.Biol.Chem. 249 
4212 ?    1974 JBCHA3 US 0021-9258 0071 ? ?        ?                         
# 
loop_
_citation_author.citation_id 
_citation_author.name 
_citation_author.ordinal 
_citation_author.identifier_ORCID 
primary 'Parisini, E.'    1  ? 
primary 'Capozzi, F.'     2  ? 
primary 'Lubini, P.'      3  ? 
primary 'Lamzin, V.'      4  ? 
primary 'Luchinat, C.'    5  ? 
primary 'Sheldrick, G.M.' 6  ? 
1       'Carter, C.W.'    7  ? 
1       'Kraut, J.'       8  ? 
1       'Freer, S.T.'     9  ? 
1       'Xuong, N.-H.'    10 ? 
1       'Alden, R.A.'     11 ? 
1       'Bartsch, R.G.'   12 ? 
# 
loop_
_entity.id 
_entity.type 
_entity.src_method 
_entity.pdbx_description 
_entity.formula_weight 
_entity.pdbx_number_of_molecules 
_entity.pdbx_ec 
_entity.pdbx_mutation 
_entity.pdbx_fragment 
_entity.details 
1 polymer     man 'PROTEIN (HIPIP)'     8901.924 1   ? H42Q ? ? 
2 non-polymer syn 'IRON/SULFUR CLUSTER' 351.640  1   ? ?    ? ? 
3 water       nat water                 18.015   206 ? ?    ? ? 
# 
_entity_poly.entity_id                      1 
_entity_poly.type                           'polypeptide(L)' 
_entity_poly.nstd_linkage                   no 
_entity_poly.nstd_monomer                   no 
_entity_poly.pdbx_seq_one_letter_code       
;SAPANAVAADNATAIALKYNQDATKSERVAAARPGLPPEEQQCANCQFMQADAAGATDEWKGCQLFPGKLINVNGWCASW
TLKAG
;
_entity_poly.pdbx_seq_one_letter_code_can   
;SAPANAVAADNATAIALKYNQDATKSERVAAARPGLPPEEQQCANCQFMQADAAGATDEWKGCQLFPGKLINVNGWCASW
TLKAG
;
_entity_poly.pdbx_strand_id                 A 
_entity_poly.pdbx_target_identifier         ? 
# 
loop_
_pdbx_entity_nonpoly.entity_id 
_pdbx_entity_nonpoly.name 
_pdbx_entity_nonpoly.comp_id 
2 'IRON/SULFUR CLUSTER' SF4 
3 water                 HOH 
# 
loop_
_entity_poly_seq.entity_id 
_entity_poly_seq.num 
_entity_poly_seq.mon_id 
_entity_poly_seq.hetero 
1 1  SER n 
1 2  ALA n 
1 3  PRO n 
1 4  ALA n 
1 5  ASN n 
1 6  ALA n 
1 7  VAL n 
1 8  ALA n 
1 9  ALA n 
1 10 ASP n 
1 11 ASN n 
1 12 ALA n 
1 13 THR n 
1 14 ALA n 
1 15 ILE n 
1 16 ALA n 
1 17 LEU n 
1 18 LYS n 
1 19 TYR n 
1 20 ASN n 
1 21 GLN n 
1 22 ASP n 
1 23 ALA n 
1 24 THR n 
1 25 LYS n 
1 26 SER n 
1 27 GLU n 
1 28 ARG n 
1 29 VAL n 
1 30 ALA n 
1 31 ALA n 
1 32 ALA n 
1 33 ARG n 
1 34 PRO n 
1 35 GLY n 
1 36 LEU n 
1 37 PRO n 
1 38 PRO n 
1 39 GLU n 
1 40 GLU n 
1 41 GLN n 
1 42 GLN n 
1 43 CYS n 
1 44 ALA n 
1 45 ASN n 
1 46 CYS n 
1 47 GLN n 
1 48 PHE n 
1 49 MET n 
1 50 GLN n 
1 51 ALA n 
1 52 ASP n 
1 53 ALA n 
1 54 ALA n 
1 55 GLY n 
1 56 ALA n 
1 57 THR n 
1 58 ASP n 
1 59 GLU n 
1 60 TRP n 
1 61 LYS n 
1 62 GLY n 
1 63 CYS n 
1 64 GLN n 
1 65 LEU n 
1 66 PHE n 
1 67 PRO n 
1 68 GLY n 
1 69 LYS n 
1 70 LEU n 
1 71 ILE n 
1 72 ASN n 
1 73 VAL n 
1 74 ASN n 
1 75 GLY n 
1 76 TRP n 
1 77 CYS n 
1 78 ALA n 
1 79 SER n 
1 80 TRP n 
1 81 THR n 
1 82 LEU n 
1 83 LYS n 
1 84 ALA n 
1 85 GLY n 
# 
_entity_src_gen.entity_id                          1 
_entity_src_gen.pdbx_src_id                        1 
_entity_src_gen.pdbx_alt_source_flag               sample 
_entity_src_gen.pdbx_seq_type                      ? 
_entity_src_gen.pdbx_beg_seq_num                   ? 
_entity_src_gen.pdbx_end_seq_num                   ? 
_entity_src_gen.gene_src_common_name               ? 
_entity_src_gen.gene_src_genus                     Allochromatium 
_entity_src_gen.pdbx_gene_src_gene                 ? 
_entity_src_gen.gene_src_species                   ? 
_entity_src_gen.gene_src_strain                    XL1BLUE 
_entity_src_gen.gene_src_tissue                    ? 
_entity_src_gen.gene_src_tissue_fraction           ? 
_entity_src_gen.gene_src_details                   ? 
_entity_src_gen.pdbx_gene_src_fragment             ? 
_entity_src_gen.pdbx_gene_src_scientific_name      'Allochromatium vinosum' 
_entity_src_gen.pdbx_gene_src_ncbi_taxonomy_id     1049 
_entity_src_gen.pdbx_gene_src_variant              ? 
_entity_src_gen.pdbx_gene_src_cell_line            ? 
_entity_src_gen.pdbx_gene_src_atcc                 ? 
_entity_src_gen.pdbx_gene_src_organ                ? 
_entity_src_gen.pdbx_gene_src_organelle            ? 
_entity_src_gen.pdbx_gene_src_cell                 ? 
_entity_src_gen.pdbx_gene_src_cellular_location    ? 
_entity_src_gen.host_org_common_name               ? 
_entity_src_gen.pdbx_host_org_scientific_name      'Escherichia coli' 
_entity_src_gen.pdbx_host_org_ncbi_taxonomy_id     562 
_entity_src_gen.host_org_genus                     Escherichia 
_entity_src_gen.pdbx_host_org_gene                 ? 
_entity_src_gen.pdbx_host_org_organ                ? 
_entity_src_gen.host_org_species                   ? 
_entity_src_gen.pdbx_host_org_tissue               ? 
_entity_src_gen.pdbx_host_org_tissue_fraction      ? 
_entity_src_gen.pdbx_host_org_strain               XL1BLUE 
_entity_src_gen.pdbx_host_org_variant              ? 
_entity_src_gen.pdbx_host_org_cell_line            ? 
_entity_src_gen.pdbx_host_org_atcc                 ? 
_entity_src_gen.pdbx_host_org_culture_collection   ? 
_entity_src_gen.pdbx_host_org_cell                 ? 
_entity_src_gen.pdbx_host_org_organelle            ? 
_entity_src_gen.pdbx_host_org_cellular_location    ? 
_entity_src_gen.pdbx_host_org_vector_type          ? 
_entity_src_gen.pdbx_host_org_vector               ? 
_entity_src_gen.host_org_details                   ? 
_entity_src_gen.expression_system_id               ? 
_entity_src_gen.plasmid_name                       PLEHP20 
_entity_src_gen.plasmid_details                    ? 
_entity_src_gen.pdbx_description                   ? 
# 
loop_
_chem_comp.id 
_chem_comp.type 
_chem_comp.mon_nstd_flag 
_chem_comp.name 
_chem_comp.pdbx_synonyms 
_chem_comp.formula 
_chem_comp.formula_weight 
ALA 'L-peptide linking' y ALANINE               ? 'C3 H7 N O2'     89.093  
ARG 'L-peptide linking' y ARGININE              ? 'C6 H15 N4 O2 1' 175.209 
ASN 'L-peptide linking' y ASPARAGINE            ? 'C4 H8 N2 O3'    132.118 
ASP 'L-peptide linking' y 'ASPARTIC ACID'       ? 'C4 H7 N O4'     133.103 
CYS 'L-peptide linking' y CYSTEINE              ? 'C3 H7 N O2 S'   121.158 
GLN 'L-peptide linking' y GLUTAMINE             ? 'C5 H10 N2 O3'   146.144 
GLU 'L-peptide linking' y 'GLUTAMIC ACID'       ? 'C5 H9 N O4'     147.129 
GLY 'peptide linking'   y GLYCINE               ? 'C2 H5 N O2'     75.067  
HIS 'L-peptide linking' y HISTIDINE             ? 'C6 H10 N3 O2 1' 156.162 
HOH non-polymer         . WATER                 ? 'H2 O'           18.015  
ILE 'L-peptide linking' y ISOLEUCINE            ? 'C6 H13 N O2'    131.173 
LEU 'L-peptide linking' y LEUCINE               ? 'C6 H13 N O2'    131.173 
LYS 'L-peptide linking' y LYSINE                ? 'C6 H15 N2 O2 1' 147.195 
MET 'L-peptide linking' y METHIONINE            ? 'C5 H11 N O2 S'  149.211 
PHE 'L-peptide linking' y PHENYLALANINE         ? 'C9 H11 N O2'    165.189 
PRO 'L-peptide linking' y PROLINE               ? 'C5 H9 N O2'     115.130 
SER 'L-peptide linking' y SERINE                ? 'C3 H7 N O3'     105.093 
SF4 non-polymer         . 'IRON/SULFUR CLUSTER' ? 'Fe4 S4'         351.640 
THR 'L-peptide linking' y THREONINE             ? 'C4 H9 N O3'     119.119 
TRP 'L-peptide linking' y TRYPTOPHAN            ? 'C11 H12 N2 O2'  204.225 
TYR 'L-peptide linking' y TYROSINE              ? 'C9 H11 N O3'    181.189 
VAL 'L-peptide linking' y VALINE                ? 'C5 H11 N O2'    117.146 
# 
loop_
_pdbx_poly_seq_scheme.asym_id 
_pdbx_poly_seq_scheme.entity_id 
_pdbx_poly_seq_scheme.seq_id 
_pdbx_poly_seq_scheme.mon_id 
_pdbx_poly_seq_scheme.ndb_seq_num 
_pdbx_poly_seq_scheme.pdb_seq_num 
_pdbx_poly_seq_scheme.auth_seq_num 
_pdbx_poly_seq_scheme.pdb_mon_id 
_pdbx_poly_seq_scheme.auth_mon_id 
_pdbx_poly_seq_scheme.pdb_strand_id 
_pdbx_poly_seq_scheme.pdb_ins_code 
_pdbx_poly_seq_scheme.hetero 
A 1 1  SER 1  1  1  SER SER A . n 
A 1 2  ALA 2  2  2  ALA ALA A . n 
A 1 3  PRO 3  3  3  PRO PRO A . n 
A 1 4  ALA 4  4  4  ALA ALA A . n 
A 1 5  ASN 5  5  5  ASN ASN A . n 
A 1 6  ALA 6  6  6  ALA ALA A . n 
A 1 7  VAL 7  7  7  VAL VAL A . n 
A 1 8  ALA 8  8  8  ALA ALA A . n 
A 1 9  ALA 9  9  9  ALA ALA A . n 
A 1 10 ASP 10 10 10 ASP ASP A . n 
A 1 11 ASN 11 11 11 ASN ASN A . n 
A 1 12 ALA 12 12 12 ALA ALA A . n 
A 1 13 THR 13 13 13 THR THR A . n 
A 1 14 ALA 14 14 14 ALA ALA A . n 
A 1 15 ILE 15 15 15 ILE ILE A . n 
A 1 16 ALA 16 16 16 ALA ALA A . n 
A 1 17 LEU 17 17 17 LEU LEU A . n 
A 1 18 LYS 18 18 18 LYS LYS A . n 
A 1 19 TYR 19 19 19 TYR TYR A . n 
A 1 20 ASN 20 20 20 ASN ASN A . n 
A 1 21 GLN 21 21 21 GLN GLN A . n 
A 1 22 ASP 22 22 22 ASP ASP A . n 
A 1 23 ALA 23 23 23 ALA ALA A . n 
A 1 24 THR 24 24 24 THR THR A . n 
A 1 25 LYS 25 25 25 LYS LYS A . n 
A 1 26 SER 26 26 26 SER SER A . n 
A 1 27 GLU 27 27 27 GLU GLU A . n 
A 1 28 ARG 28 28 28 ARG ARG A . n 
A 1 29 VAL 29 29 29 VAL VAL A . n 
A 1 30 ALA 30 30 30 ALA ALA A . n 
A 1 31 ALA 31 31 31 ALA ALA A . n 
A 1 32 ALA 32 32 32 ALA ALA A . n 
A 1 33 ARG 33 33 33 ARG ARG A . n 
A 1 34 PRO 34 34 34 PRO PRO A . n 
A 1 35 GLY 35 35 35 GLY GLY A . n 
A 1 36 LEU 36 36 36 LEU LEU A . n 
A 1 37 PRO 37 37 37 PRO PRO A . n 
A 1 38 PRO 38 38 38 PRO PRO A . n 
A 1 39 GLU 39 39 39 GLU GLU A . n 
A 1 40 GLU 40 40 40 GLU GLU A . n 
A 1 41 GLN 41 41 41 GLN GLN A . n 
A 1 42 GLN 42 42 42 GLN GLN A . n 
A 1 43 CYS 43 43 43 CYS CYS A . n 
A 1 44 ALA 44 44 44 ALA ALA A . n 
A 1 45 ASN 45 45 45 ASN ASN A . n 
A 1 46 CYS 46 46 46 CYS CYS A . n 
A 1 47 GLN 47 47 47 GLN GLN A . n 
A 1 48 PHE 48 48 48 PHE PHE A . n 
A 1 49 MET 49 49 49 MET MET A . n 
A 1 50 GLN 50 50 50 GLN GLN A . n 
A 1 51 ALA 51 51 51 ALA ALA A . n 
A 1 52 ASP 52 52 52 ASP ASP A . n 
A 1 53 ALA 53 53 53 ALA ALA A . n 
A 1 54 ALA 54 54 54 ALA ALA A . n 
A 1 55 GLY 55 55 55 GLY GLY A . n 
A 1 56 ALA 56 56 56 ALA ALA A . n 
A 1 57 THR 57 57 57 THR THR A . n 
A 1 58 ASP 58 58 58 ASP ASP A . n 
A 1 59 GLU 59 59 59 GLU GLU A . n 
A 1 60 TRP 60 60 60 TRP TRP A . n 
A 1 61 LYS 61 61 61 LYS LYS A . n 
A 1 62 GLY 62 62 62 GLY GLY A . n 
A 1 63 CYS 63 63 63 CYS CYS A . n 
A 1 64 GLN 64 64 64 GLN GLN A . n 
A 1 65 LEU 65 65 65 LEU LEU A . n 
A 1 66 PHE 66 66 66 PHE PHE A . n 
A 1 67 PRO 67 67 67 PRO PRO A . n 
A 1 68 GLY 68 68 68 GLY GLY A . n 
A 1 69 LYS 69 69 69 LYS LYS A . n 
A 1 70 LEU 70 70 70 LEU LEU A . n 
A 1 71 ILE 71 71 71 ILE ILE A . n 
A 1 72 ASN 72 72 72 ASN ASN A . n 
A 1 73 VAL 73 73 73 VAL VAL A . n 
A 1 74 ASN 74 74 74 ASN ASN A . n 
A 1 75 GLY 75 75 75 GLY GLY A . n 
A 1 76 TRP 76 76 76 TRP TRP A . n 
A 1 77 CYS 77 77 77 CYS CYS A . n 
A 1 78 ALA 78 78 78 ALA ALA A . n 
A 1 79 SER 79 79 79 SER SER A . n 
A 1 80 TRP 80 80 80 TRP TRP A . n 
A 1 81 THR 81 81 81 THR THR A . n 
A 1 82 LEU 82 82 82 LEU LEU A . n 
A 1 83 LYS 83 83 83 LYS LYS A . n 
A 1 84 ALA 84 84 84 ALA ALA A . n 
A 1 85 GLY 85 85 85 GLY GLY A . n 
# 
loop_
_pdbx_nonpoly_scheme.asym_id 
_pdbx_nonpoly_scheme.entity_id 
_pdbx_nonpoly_scheme.mon_id 
_pdbx_nonpoly_scheme.ndb_seq_num 
_pdbx_nonpoly_scheme.pdb_seq_num 
_pdbx_nonpoly_scheme.auth_seq_num 
_pdbx_nonpoly_scheme.pdb_mon_id 
_pdbx_nonpoly_scheme.auth_mon_id 
_pdbx_nonpoly_scheme.pdb_strand_id 
_pdbx_nonpoly_scheme.pdb_ins_code 
B 2 SF4 1   87  87  SF4 FS4 A . 
C 3 HOH 1   101 101 HOH HOH A . 
C 3 HOH 2   102 102 HOH HOH A . 
C 3 HOH 3   103 103 HOH HOH A . 
C 3 HOH 4   104 104 HOH HOH A . 
C 3 HOH 5   105 105 HOH HOH A . 
C 3 HOH 6   106 106 HOH HOH A . 
C 3 HOH 7   107 107 HOH HOH A . 
C 3 HOH 8   108 108 HOH HOH A . 
C 3 HOH 9   109 109 HOH HOH A . 
C 3 HOH 10  110 110 HOH HOH A . 
C 3 HOH 11  111 111 HOH HOH A . 
C 3 HOH 12  112 112 HOH HOH A . 
C 3 HOH 13  113 113 HOH HOH A . 
C 3 HOH 14  114 114 HOH HOH A . 
C 3 HOH 15  115 115 HOH HOH A . 
C 3 HOH 16  116 116 HOH HOH A . 
C 3 HOH 17  117 117 HOH HOH A . 
C 3 HOH 18  118 118 HOH HOH A . 
C 3 HOH 19  119 119 HOH HOH A . 
C 3 HOH 20  120 120 HOH HOH A . 
C 3 HOH 21  121 121 HOH HOH A . 
C 3 HOH 22  122 122 HOH HOH A . 
C 3 HOH 23  123 123 HOH HOH A . 
C 3 HOH 24  124 124 HOH HOH A . 
C 3 HOH 25  125 125 HOH HOH A . 
C 3 HOH 26  126 126 HOH HOH A . 
C 3 HOH 27  127 127 HOH HOH A . 
C 3 HOH 28  128 128 HOH HOH A . 
C 3 HOH 29  129 129 HOH HOH A . 
C 3 HOH 30  130 130 HOH HOH A . 
C 3 HOH 31  131 131 HOH HOH A . 
C 3 HOH 32  132 132 HOH HOH A . 
C 3 HOH 33  133 133 HOH HOH A . 
C 3 HOH 34  134 134 HOH HOH A . 
C 3 HOH 35  135 135 HOH HOH A . 
C 3 HOH 36  136 136 HOH HOH A . 
C 3 HOH 37  137 137 HOH HOH A . 
C 3 HOH 38  138 138 HOH HOH A . 
C 3 HOH 39  139 139 HOH HOH A . 
C 3 HOH 40  140 140 HOH HOH A . 
C 3 HOH 41  141 141 HOH HOH A . 
C 3 HOH 42  142 142 HOH HOH A . 
C 3 HOH 43  143 143 HOH HOH A . 
C 3 HOH 44  144 144 HOH HOH A . 
C 3 HOH 45  145 145 HOH HOH A . 
C 3 HOH 46  146 146 HOH HOH A . 
C 3 HOH 47  147 147 HOH HOH A . 
C 3 HOH 48  148 148 HOH HOH A . 
C 3 HOH 49  149 149 HOH HOH A . 
C 3 HOH 50  150 150 HOH HOH A . 
C 3 HOH 51  151 151 HOH HOH A . 
C 3 HOH 52  152 152 HOH HOH A . 
C 3 HOH 53  153 153 HOH HOH A . 
C 3 HOH 54  154 154 HOH HOH A . 
C 3 HOH 55  155 155 HOH HOH A . 
C 3 HOH 56  156 156 HOH HOH A . 
C 3 HOH 57  157 157 HOH HOH A . 
C 3 HOH 58  158 158 HOH HOH A . 
C 3 HOH 59  159 159 HOH HOH A . 
C 3 HOH 60  160 160 HOH HOH A . 
C 3 HOH 61  161 161 HOH HOH A . 
C 3 HOH 62  162 162 HOH HOH A . 
C 3 HOH 63  163 163 HOH HOH A . 
C 3 HOH 64  164 164 HOH HOH A . 
C 3 HOH 65  165 165 HOH HOH A . 
C 3 HOH 66  166 166 HOH HOH A . 
C 3 HOH 67  167 167 HOH HOH A . 
C 3 HOH 68  168 168 HOH HOH A . 
C 3 HOH 69  169 169 HOH HOH A . 
C 3 HOH 70  170 170 HOH HOH A . 
C 3 HOH 71  171 171 HOH HOH A . 
C 3 HOH 72  172 172 HOH HOH A . 
C 3 HOH 73  173 173 HOH HOH A . 
C 3 HOH 74  174 174 HOH HOH A . 
C 3 HOH 75  175 175 HOH HOH A . 
C 3 HOH 76  176 176 HOH HOH A . 
C 3 HOH 77  177 177 HOH HOH A . 
C 3 HOH 78  178 178 HOH HOH A . 
C 3 HOH 79  179 179 HOH HOH A . 
C 3 HOH 80  180 180 HOH HOH A . 
C 3 HOH 81  181 181 HOH HOH A . 
C 3 HOH 82  182 182 HOH HOH A . 
C 3 HOH 83  183 183 HOH HOH A . 
C 3 HOH 84  184 184 HOH HOH A . 
C 3 HOH 85  185 185 HOH HOH A . 
C 3 HOH 86  186 186 HOH HOH A . 
C 3 HOH 87  187 187 HOH HOH A . 
C 3 HOH 88  188 188 HOH HOH A . 
C 3 HOH 89  189 189 HOH HOH A . 
C 3 HOH 90  190 190 HOH HOH A . 
C 3 HOH 91  191 191 HOH HOH A . 
C 3 HOH 92  192 192 HOH HOH A . 
C 3 HOH 93  193 193 HOH HOH A . 
C 3 HOH 94  194 194 HOH HOH A . 
C 3 HOH 95  195 195 HOH HOH A . 
C 3 HOH 96  196 196 HOH HOH A . 
C 3 HOH 97  197 197 HOH HOH A . 
C 3 HOH 98  198 198 HOH HOH A . 
C 3 HOH 99  199 199 HOH HOH A . 
C 3 HOH 100 200 200 HOH HOH A . 
C 3 HOH 101 201 201 HOH HOH A . 
C 3 HOH 102 202 202 HOH HOH A . 
C 3 HOH 103 203 203 HOH HOH A . 
C 3 HOH 104 204 204 HOH HOH A . 
C 3 HOH 105 205 205 HOH HOH A . 
C 3 HOH 106 206 206 HOH HOH A . 
C 3 HOH 107 207 207 HOH HOH A . 
C 3 HOH 108 208 208 HOH HOH A . 
C 3 HOH 109 209 209 HOH HOH A . 
C 3 HOH 110 210 210 HOH HOH A . 
C 3 HOH 111 211 211 HOH HOH A . 
C 3 HOH 112 212 212 HOH HOH A . 
C 3 HOH 113 213 213 HOH HOH A . 
C 3 HOH 114 214 214 HOH HOH A . 
C 3 HOH 115 215 215 HOH HOH A . 
C 3 HOH 116 216 216 HOH HOH A . 
C 3 HOH 117 217 217 HOH HOH A . 
C 3 HOH 118 218 218 HOH HOH A . 
C 3 HOH 119 219 219 HOH HOH A . 
C 3 HOH 120 220 220 HOH HOH A . 
C 3 HOH 121 221 221 HOH HOH A . 
C 3 HOH 122 222 222 HOH HOH A . 
C 3 HOH 123 223 223 HOH HOH A . 
C 3 HOH 124 224 224 HOH HOH A . 
C 3 HOH 125 225 225 HOH HOH A . 
C 3 HOH 126 226 226 HOH HOH A . 
C 3 HOH 127 227 227 HOH HOH A . 
C 3 HOH 128 228 228 HOH HOH A . 
C 3 HOH 129 229 229 HOH HOH A . 
C 3 HOH 130 230 230 HOH HOH A . 
C 3 HOH 131 231 231 HOH HOH A . 
C 3 HOH 132 232 232 HOH HOH A . 
C 3 HOH 133 233 233 HOH HOH A . 
C 3 HOH 134 234 234 HOH HOH A . 
C 3 HOH 135 235 235 HOH HOH A . 
C 3 HOH 136 236 236 HOH HOH A . 
C 3 HOH 137 237 237 HOH HOH A . 
C 3 HOH 138 238 238 HOH HOH A . 
C 3 HOH 139 239 239 HOH HOH A . 
C 3 HOH 140 240 240 HOH HOH A . 
C 3 HOH 141 241 241 HOH HOH A . 
C 3 HOH 142 242 242 HOH HOH A . 
C 3 HOH 143 243 243 HOH HOH A . 
C 3 HOH 144 244 244 HOH HOH A . 
C 3 HOH 145 245 245 HOH HOH A . 
C 3 HOH 146 246 246 HOH HOH A . 
C 3 HOH 147 247 247 HOH HOH A . 
C 3 HOH 148 248 248 HOH HOH A . 
C 3 HOH 149 249 249 HOH HOH A . 
C 3 HOH 150 250 250 HOH HOH A . 
C 3 HOH 151 251 251 HOH HOH A . 
C 3 HOH 152 252 252 HOH HOH A . 
C 3 HOH 153 253 253 HOH HOH A . 
C 3 HOH 154 254 254 HOH HOH A . 
C 3 HOH 155 255 255 HOH HOH A . 
C 3 HOH 156 256 256 HOH HOH A . 
C 3 HOH 157 257 257 HOH HOH A . 
C 3 HOH 158 258 258 HOH HOH A . 
C 3 HOH 159 259 259 HOH HOH A . 
C 3 HOH 160 260 260 HOH HOH A . 
C 3 HOH 161 261 261 HOH HOH A . 
C 3 HOH 162 262 262 HOH HOH A . 
C 3 HOH 163 263 263 HOH HOH A . 
C 3 HOH 164 264 264 HOH HOH A . 
C 3 HOH 165 265 265 HOH HOH A . 
C 3 HOH 166 266 266 HOH HOH A . 
C 3 HOH 167 267 267 HOH HOH A . 
C 3 HOH 168 268 268 HOH HOH A . 
C 3 HOH 169 269 269 HOH HOH A . 
C 3 HOH 170 270 270 HOH HOH A . 
C 3 HOH 171 271 271 HOH HOH A . 
C 3 HOH 172 272 272 HOH HOH A . 
C 3 HOH 173 273 273 HOH HOH A . 
C 3 HOH 174 274 274 HOH HOH A . 
C 3 HOH 175 275 275 HOH HOH A . 
C 3 HOH 176 276 276 HOH HOH A . 
C 3 HOH 177 277 277 HOH HOH A . 
C 3 HOH 178 278 278 HOH HOH A . 
C 3 HOH 179 279 279 HOH HOH A . 
C 3 HOH 180 280 280 HOH HOH A . 
C 3 HOH 181 281 281 HOH HOH A . 
C 3 HOH 182 282 282 HOH HOH A . 
C 3 HOH 183 283 283 HOH HOH A . 
C 3 HOH 184 284 284 HOH HOH A . 
C 3 HOH 185 285 285 HOH HOH A . 
C 3 HOH 186 286 286 HOH HOH A . 
C 3 HOH 187 287 287 HOH HOH A . 
C 3 HOH 188 288 288 HOH HOH A . 
C 3 HOH 189 289 289 HOH HOH A . 
C 3 HOH 190 290 290 HOH HOH A . 
C 3 HOH 191 291 291 HOH HOH A . 
C 3 HOH 192 292 292 HOH HOH A . 
C 3 HOH 193 293 293 HOH HOH A . 
C 3 HOH 194 294 294 HOH HOH A . 
C 3 HOH 195 295 295 HOH HOH A . 
C 3 HOH 196 296 296 HOH HOH A . 
C 3 HOH 197 297 297 HOH HOH A . 
C 3 HOH 198 298 298 HOH HOH A . 
C 3 HOH 199 299 299 HOH HOH A . 
C 3 HOH 200 300 300 HOH HOH A . 
C 3 HOH 201 301 301 HOH HOH A . 
C 3 HOH 202 302 302 HOH HOH A . 
C 3 HOH 203 303 303 HOH HOH A . 
C 3 HOH 204 304 304 HOH HOH A . 
C 3 HOH 205 305 305 HOH HOH A . 
C 3 HOH 206 306 306 HOH HOH A . 
# 
loop_
_software.name 
_software.classification 
_software.version 
_software.citation_id 
_software.pdbx_ordinal 
SHELX     'model building' . ? 1 
SHELXL-97 refinement       . ? 2 
DENZO     'data reduction' . ? 3 
SCALEPACK 'data scaling'   . ? 4 
SHELX     phasing          . ? 5 
# 
_cell.entry_id           1B0Y 
_cell.length_a           37.681 
_cell.length_b           41.675 
_cell.length_c           41.913 
_cell.angle_alpha        90.00 
_cell.angle_beta         90.00 
_cell.angle_gamma        90.00 
_cell.Z_PDB              4 
_cell.pdbx_unique_axis   ? 
# 
_symmetry.entry_id                         1B0Y 
_symmetry.space_group_name_H-M             'P 21 21 21' 
_symmetry.pdbx_full_space_group_name_H-M   ? 
_symmetry.cell_setting                     ? 
_symmetry.Int_Tables_number                19 
# 
_exptl.entry_id          1B0Y 
_exptl.method            'X-RAY DIFFRACTION' 
_exptl.crystals_number   2 
# 
_exptl_crystal.id                    1 
_exptl_crystal.density_meas          ? 
_exptl_crystal.density_Matthews      1.78 
_exptl_crystal.density_percent_sol   30 
_exptl_crystal.description           ? 
# 
_exptl_crystal_grow.crystal_id      1 
_exptl_crystal_grow.method          ? 
_exptl_crystal_grow.temp            ? 
_exptl_crystal_grow.temp_details    ? 
_exptl_crystal_grow.pH              5.3 
_exptl_crystal_grow.pdbx_details    '2M AMMONIUM SULPHATE, 40 MM TRI 180 MM KCL, pH 5.3' 
_exptl_crystal_grow.pdbx_pH_range   . 
# 
_diffrn.id                     1 
_diffrn.ambient_temp           100 
_diffrn.ambient_temp_details   ? 
_diffrn.crystal_id             1 
# 
_diffrn_detector.diffrn_id              1 
_diffrn_detector.detector               'IMAGE PLATE' 
_diffrn_detector.type                   MARRESEARCH 
_diffrn_detector.pdbx_collection_date   1996-09-24 
_diffrn_detector.details                'BENT CRYSTAL' 
# 
_diffrn_radiation.diffrn_id                        1 
_diffrn_radiation.wavelength_id                    1 
_diffrn_radiation.pdbx_monochromatic_or_laue_m_l   M 
_diffrn_radiation.monochromator                    'GE SINGLE CRYSTAL' 
_diffrn_radiation.pdbx_diffrn_protocol             'SINGLE WAVELENGTH' 
_diffrn_radiation.pdbx_scattering_type             x-ray 
# 
_diffrn_radiation_wavelength.id           1 
_diffrn_radiation_wavelength.wavelength   0.9116 
_diffrn_radiation_wavelength.wt           1.0 
# 
_diffrn_source.diffrn_id                   1 
_diffrn_source.source                      SYNCHROTRON 
_diffrn_source.type                        'EMBL/DESY, HAMBURG BEAMLINE X11' 
_diffrn_source.pdbx_synchrotron_site       'EMBL/DESY, HAMBURG' 
_diffrn_source.pdbx_synchrotron_beamline   X11 
_diffrn_source.pdbx_wavelength             0.9116 
_diffrn_source.pdbx_wavelength_list        ? 
# 
_reflns.entry_id                     1B0Y 
_reflns.observed_criterion_sigma_I   0 
_reflns.observed_criterion_sigma_F   ? 
_reflns.d_resolution_low             20 
_reflns.d_resolution_high            0.93 
_reflns.number_obs                   39854 
_reflns.number_all                   ? 
_reflns.percent_possible_obs         93.0 
_reflns.pdbx_Rmerge_I_obs            0.073 
_reflns.pdbx_Rsym_value              ? 
_reflns.pdbx_netI_over_sigmaI        11.5 
_reflns.B_iso_Wilson_estimate        ? 
_reflns.pdbx_redundancy              10.1 
_reflns.R_free_details               ? 
_reflns.limit_h_max                  ? 
_reflns.limit_h_min                  ? 
_reflns.limit_k_max                  ? 
_reflns.limit_k_min                  ? 
_reflns.limit_l_max                  ? 
_reflns.limit_l_min                  ? 
_reflns.observed_criterion_F_max     ? 
_reflns.observed_criterion_F_min     ? 
_reflns.pdbx_ordinal                 1 
_reflns.pdbx_diffrn_id               1 
# 
_reflns_shell.d_res_high             0.93 
_reflns_shell.d_res_low              0.95 
_reflns_shell.percent_possible_all   88.9 
_reflns_shell.Rmerge_I_obs           0.34 
_reflns_shell.pdbx_Rsym_value        ? 
_reflns_shell.meanI_over_sigI_obs    3.1 
_reflns_shell.pdbx_redundancy        3.4 
_reflns_shell.percent_possible_obs   ? 
_reflns_shell.number_unique_all      ? 
_reflns_shell.pdbx_ordinal           1 
_reflns_shell.pdbx_diffrn_id         1 
# 
_refine.entry_id                                 1B0Y 
_refine.ls_number_reflns_obs                     ? 
_refine.ls_number_reflns_all                     41951 
_refine.pdbx_ls_sigma_I                          ? 
_refine.pdbx_ls_sigma_F                          0.0 
_refine.pdbx_data_cutoff_high_absF               ? 
_refine.pdbx_data_cutoff_low_absF                ? 
_refine.pdbx_data_cutoff_high_rms_absF           ? 
_refine.ls_d_res_low                             20.00 
_refine.ls_d_res_high                            0.93 
_refine.ls_percent_reflns_obs                    93.0 
_refine.ls_R_factor_obs                          0.1529 
_refine.ls_R_factor_all                          0.1548 
_refine.ls_R_factor_R_work                       ? 
_refine.ls_R_factor_R_free                       0.2046 
_refine.ls_R_factor_R_free_error                 ? 
_refine.ls_R_factor_R_free_error_details         ? 
_refine.ls_percent_reflns_R_free                 5.0 
_refine.ls_number_reflns_R_free                  2097 
_refine.ls_number_parameters                     7536 
_refine.ls_number_restraints                     8810 
_refine.occupancy_min                            ? 
_refine.occupancy_max                            ? 
_refine.B_iso_mean                               ? 
_refine.aniso_B[1][1]                            ? 
_refine.aniso_B[2][2]                            ? 
_refine.aniso_B[3][3]                            ? 
_refine.aniso_B[1][2]                            ? 
_refine.aniso_B[1][3]                            ? 
_refine.aniso_B[2][3]                            ? 
_refine.solvent_model_details                    'MOEWS & KRETSINGER, J.MOL.BIOL.91(1973)201-228' 
_refine.solvent_model_param_ksol                 ? 
_refine.solvent_model_param_bsol                 ? 
_refine.pdbx_ls_cross_valid_method               'FREE R' 
_refine.details                                  
;NO RESTRAINTS ON PROSTHETIC GROUP B23 (A**2) : ESTIMATED OVERALL COORDINATE 
ERROR.
;
_refine.pdbx_starting_model                      ? 
_refine.pdbx_method_to_determine_struct          'DIRECT METHODS' 
_refine.pdbx_isotropic_thermal_model             ? 
_refine.pdbx_stereochemistry_target_values       'ENGH AND HUBER' 
_refine.pdbx_stereochem_target_val_spec_case     'NO RESTRAINTS ON PROSTHETIC GROUP (RESIDUE 87)' 
_refine.pdbx_R_Free_selection_details            RANDOM 
_refine.pdbx_overall_ESU_R                       ? 
_refine.pdbx_overall_ESU_R_Free                  ? 
_refine.overall_SU_ML                            ? 
_refine.overall_SU_B                             ? 
_refine.ls_redundancy_reflns_obs                 ? 
_refine.B_iso_min                                ? 
_refine.B_iso_max                                ? 
_refine.pdbx_refine_id                           'X-RAY DIFFRACTION' 
_refine.pdbx_diffrn_id                           1 
_refine.pdbx_TLS_residual_ADP_flag               ? 
_refine.correlation_coeff_Fo_to_Fc               ? 
_refine.correlation_coeff_Fo_to_Fc_free          ? 
_refine.pdbx_solvent_vdw_probe_radii             ? 
_refine.pdbx_solvent_ion_probe_radii             ? 
_refine.pdbx_solvent_shrinkage_radii             ? 
_refine.pdbx_overall_phase_error                 ? 
_refine.overall_SU_R_Cruickshank_DPI             ? 
_refine.pdbx_overall_SU_R_free_Cruickshank_DPI   ? 
_refine.pdbx_overall_SU_R_Blow_DPI               ? 
_refine.pdbx_overall_SU_R_free_Blow_DPI          ? 
# 
_refine_analyze.entry_id                        1B0Y 
_refine_analyze.Luzzati_coordinate_error_obs    ? 
_refine_analyze.Luzzati_sigma_a_obs             ? 
_refine_analyze.Luzzati_d_res_low_obs           ? 
_refine_analyze.Luzzati_coordinate_error_free   ? 
_refine_analyze.Luzzati_sigma_a_free            ? 
_refine_analyze.Luzzati_d_res_low_free          ? 
_refine_analyze.number_disordered_residues      37 
_refine_analyze.occupancy_sum_hydrogen          594.00 
_refine_analyze.occupancy_sum_non_hydrogen      800.00 
_refine_analyze.pdbx_Luzzati_d_res_high_obs     ? 
_refine_analyze.pdbx_refine_id                  'X-RAY DIFFRACTION' 
# 
_refine_hist.pdbx_refine_id                   'X-RAY DIFFRACTION' 
_refine_hist.cycle_id                         LAST 
_refine_hist.pdbx_number_atoms_protein        623 
_refine_hist.pdbx_number_atoms_nucleic_acid   0 
_refine_hist.pdbx_number_atoms_ligand         8 
_refine_hist.number_atoms_solvent             206 
_refine_hist.number_atoms_total               837 
_refine_hist.d_res_high                       0.93 
_refine_hist.d_res_low                        20.00 
# 
loop_
_refine_ls_restr.type 
_refine_ls_restr.dev_ideal 
_refine_ls_restr.dev_ideal_target 
_refine_ls_restr.weight 
_refine_ls_restr.number 
_refine_ls_restr.pdbx_refine_id 
_refine_ls_restr.pdbx_restraint_function 
s_bond_d               0.014 ? ? ? 'X-RAY DIFFRACTION' ? 
s_angle_d              0.034 ? ? ? 'X-RAY DIFFRACTION' ? 
s_similar_dist         ?     ? ? ? 'X-RAY DIFFRACTION' ? 
s_from_restr_planes    0.029 ? ? ? 'X-RAY DIFFRACTION' ? 
s_zero_chiral_vol      0.116 ? ? ? 'X-RAY DIFFRACTION' ? 
s_non_zero_chiral_vol  ?     ? ? ? 'X-RAY DIFFRACTION' ? 
s_anti_bump_dis_restr  0.064 ? ? ? 'X-RAY DIFFRACTION' ? 
s_rigid_bond_adp_cmpnt 0.005 ? ? ? 'X-RAY DIFFRACTION' ? 
s_similar_adp_cmpnt    0.033 ? ? ? 'X-RAY DIFFRACTION' ? 
s_approx_iso_adps      0.077 ? ? ? 'X-RAY DIFFRACTION' ? 
# 
_pdbx_refine.entry_id                                    1B0Y 
_pdbx_refine.R_factor_all_no_cutoff                      0.1548 
_pdbx_refine.R_factor_obs_no_cutoff                      0.1529 
_pdbx_refine.free_R_factor_no_cutoff                     0.2046 
_pdbx_refine.free_R_val_test_set_size_perc_no_cutoff     5.0 
_pdbx_refine.free_R_val_test_set_ct_no_cutoff            2097 
_pdbx_refine.R_factor_all_4sig_cutoff                    0.1378 
_pdbx_refine.R_factor_obs_4sig_cutoff                    0.1359 
_pdbx_refine.free_R_factor_4sig_cutoff                   0.1879 
_pdbx_refine.free_R_val_test_set_size_perc_4sig_cutoff   5.1 
_pdbx_refine.free_R_val_test_set_ct_4sig_cutoff          1786 
_pdbx_refine.number_reflns_obs_4sig_cutoff               35189 
_pdbx_refine.number_reflns_obs_no_cutoff                 ? 
_pdbx_refine.pdbx_refine_id                              'X-RAY DIFFRACTION' 
_pdbx_refine.free_R_error_no_cutoff                      ? 
# 
_struct.entry_id                  1B0Y 
_struct.title                     'MUTANT H42Q OF HIPIP FROM CHROMATIUM VINOSUM AT 0.93A' 
_struct.pdbx_model_details        ? 
_struct.pdbx_CASP_flag            ? 
_struct.pdbx_model_type_details   ? 
# 
_struct_keywords.entry_id        1B0Y 
_struct_keywords.pdbx_keywords   'ELECTRON TRANSPORT' 
_struct_keywords.text            
'ELECTRON TRANSFER PROTEIN, ATOMIC RESOLUTION, DIRECT METHODS IRON-SULPHUR CLUSTER, METALLOPROTEIN, ELECTRON TRANSPORT' 
# 
loop_
_struct_asym.id 
_struct_asym.pdbx_blank_PDB_chainid_flag 
_struct_asym.pdbx_modified 
_struct_asym.entity_id 
_struct_asym.details 
A N N 1 ? 
B N N 2 ? 
C N N 3 ? 
# 
_struct_ref.id                         1 
_struct_ref.db_name                    UNP 
_struct_ref.db_code                    HIP_CHRVI 
_struct_ref.entity_id                  1 
_struct_ref.pdbx_db_accession          P00260 
_struct_ref.pdbx_align_begin           ? 
_struct_ref.pdbx_seq_one_letter_code   ? 
_struct_ref.pdbx_db_isoform            ? 
# 
_struct_ref_seq.align_id                      1 
_struct_ref_seq.ref_id                        1 
_struct_ref_seq.pdbx_PDB_id_code              1B0Y 
_struct_ref_seq.pdbx_strand_id                A 
_struct_ref_seq.seq_align_beg                 1 
_struct_ref_seq.pdbx_seq_align_beg_ins_code   ? 
_struct_ref_seq.seq_align_end                 85 
_struct_ref_seq.pdbx_seq_align_end_ins_code   ? 
_struct_ref_seq.pdbx_db_accession             P00260 
_struct_ref_seq.db_align_beg                  38 
_struct_ref_seq.pdbx_db_align_beg_ins_code    ? 
_struct_ref_seq.db_align_end                  122 
_struct_ref_seq.pdbx_db_align_end_ins_code    ? 
_struct_ref_seq.pdbx_auth_seq_align_beg       1 
_struct_ref_seq.pdbx_auth_seq_align_end       85 
# 
_struct_ref_seq_dif.align_id                     1 
_struct_ref_seq_dif.pdbx_pdb_id_code             1B0Y 
_struct_ref_seq_dif.mon_id                       GLN 
_struct_ref_seq_dif.pdbx_pdb_strand_id           A 
_struct_ref_seq_dif.seq_num                      42 
_struct_ref_seq_dif.pdbx_pdb_ins_code            ? 
_struct_ref_seq_dif.pdbx_seq_db_name             UNP 
_struct_ref_seq_dif.pdbx_seq_db_accession_code   P00260 
_struct_ref_seq_dif.db_mon_id                    HIS 
_struct_ref_seq_dif.pdbx_seq_db_seq_num          42 
_struct_ref_seq_dif.details                      'engineered mutation' 
_struct_ref_seq_dif.pdbx_auth_seq_num            42 
_struct_ref_seq_dif.pdbx_ordinal                 1 
# 
_pdbx_struct_assembly.id                   1 
_pdbx_struct_assembly.details              author_defined_assembly 
_pdbx_struct_assembly.method_details       ? 
_pdbx_struct_assembly.oligomeric_details   monomeric 
_pdbx_struct_assembly.oligomeric_count     1 
# 
_pdbx_struct_assembly_gen.assembly_id       1 
_pdbx_struct_assembly_gen.oper_expression   1 
_pdbx_struct_assembly_gen.asym_id_list      A,B,C 
# 
_pdbx_struct_oper_list.id                   1 
_pdbx_struct_oper_list.type                 'identity operation' 
_pdbx_struct_oper_list.name                 1_555 
_pdbx_struct_oper_list.symmetry_operation   x,y,z 
_pdbx_struct_oper_list.matrix[1][1]         1.0000000000 
_pdbx_struct_oper_list.matrix[1][2]         0.0000000000 
_pdbx_struct_oper_list.matrix[1][3]         0.0000000000 
_pdbx_struct_oper_list.vector[1]            0.0000000000 
_pdbx_struct_oper_list.matrix[2][1]         0.0000000000 
_pdbx_struct_oper_list.matrix[2][2]         1.0000000000 
_pdbx_struct_oper_list.matrix[2][3]         0.0000000000 
_pdbx_struct_oper_list.vector[2]            0.0000000000 
_pdbx_struct_oper_list.matrix[3][1]         0.0000000000 
_pdbx_struct_oper_list.matrix[3][2]         0.0000000000 
_pdbx_struct_oper_list.matrix[3][3]         1.0000000000 
_pdbx_struct_oper_list.vector[3]            0.0000000000 
# 
_struct_biol.id   1 
# 
loop_
_struct_conf.conf_type_id 
_struct_conf.id 
_struct_conf.pdbx_PDB_helix_id 
_struct_conf.beg_label_comp_id 
_struct_conf.beg_label_asym_id 
_struct_conf.beg_label_seq_id 
_struct_conf.pdbx_beg_PDB_ins_code 
_struct_conf.end_label_comp_id 
_struct_conf.end_label_asym_id 
_struct_conf.end_label_seq_id 
_struct_conf.pdbx_end_PDB_ins_code 
_struct_conf.beg_auth_comp_id 
_struct_conf.beg_auth_asym_id 
_struct_conf.beg_auth_seq_id 
_struct_conf.end_auth_comp_id 
_struct_conf.end_auth_asym_id 
_struct_conf.end_auth_seq_id 
_struct_conf.pdbx_PDB_helix_class 
_struct_conf.details 
_struct_conf.pdbx_PDB_helix_length 
HELX_P HELX_P1 1 ALA A 12 ? LEU A 17 ? ALA A 12 LEU A 17 1 ? 6 
HELX_P HELX_P2 2 ALA A 23 ? LYS A 25 ? ALA A 23 LYS A 25 5 ? 3 
HELX_P HELX_P3 3 ARG A 28 ? ALA A 31 ? ARG A 28 ALA A 31 1 ? 4 
HELX_P HELX_P4 4 PRO A 38 ? GLU A 40 ? PRO A 38 GLU A 40 5 ? 3 
HELX_P HELX_P5 5 CYS A 43 ? ASN A 45 ? CYS A 43 ASN A 45 5 ? 3 
# 
_struct_conf_type.id          HELX_P 
_struct_conf_type.criteria    ? 
_struct_conf_type.reference   ? 
# 
loop_
_struct_conn.id 
_struct_conn.conn_type_id 
_struct_conn.pdbx_leaving_atom_flag 
_struct_conn.pdbx_PDB_id 
_struct_conn.ptnr1_label_asym_id 
_struct_conn.ptnr1_label_comp_id 
_struct_conn.ptnr1_label_seq_id 
_struct_conn.ptnr1_label_atom_id 
_struct_conn.pdbx_ptnr1_label_alt_id 
_struct_conn.pdbx_ptnr1_PDB_ins_code 
_struct_conn.pdbx_ptnr1_standard_comp_id 
_struct_conn.ptnr1_symmetry 
_struct_conn.ptnr2_label_asym_id 
_struct_conn.ptnr2_label_comp_id 
_struct_conn.ptnr2_label_seq_id 
_struct_conn.ptnr2_label_atom_id 
_struct_conn.pdbx_ptnr2_label_alt_id 
_struct_conn.pdbx_ptnr2_PDB_ins_code 
_struct_conn.ptnr1_auth_asym_id 
_struct_conn.ptnr1_auth_comp_id 
_struct_conn.ptnr1_auth_seq_id 
_struct_conn.ptnr2_auth_asym_id 
_struct_conn.ptnr2_auth_comp_id 
_struct_conn.ptnr2_auth_seq_id 
_struct_conn.ptnr2_symmetry 
_struct_conn.pdbx_ptnr3_label_atom_id 
_struct_conn.pdbx_ptnr3_label_seq_id 
_struct_conn.pdbx_ptnr3_label_comp_id 
_struct_conn.pdbx_ptnr3_label_asym_id 
_struct_conn.pdbx_ptnr3_label_alt_id 
_struct_conn.pdbx_ptnr3_PDB_ins_code 
_struct_conn.details 
_struct_conn.pdbx_dist_value 
_struct_conn.pdbx_value_order 
_struct_conn.pdbx_role 
metalc1 metalc ? ? A CYS 43 SG ? ? ? 1_555 B SF4 . FE4 ? ? A CYS 43 A SF4 87 1_555 ? ? ? ? ? ? ? 2.251 ? ? 
metalc2 metalc ? ? A CYS 46 SG ? ? ? 1_555 B SF4 . FE3 ? ? A CYS 46 A SF4 87 1_555 ? ? ? ? ? ? ? 2.274 ? ? 
metalc3 metalc ? ? A CYS 63 SG ? ? ? 1_555 B SF4 . FE1 ? ? A CYS 63 A SF4 87 1_555 ? ? ? ? ? ? ? 2.258 ? ? 
metalc4 metalc ? ? A CYS 77 SG ? ? ? 1_555 B SF4 . FE2 ? ? A CYS 77 A SF4 87 1_555 ? ? ? ? ? ? ? 2.252 ? ? 
# 
_struct_conn_type.id          metalc 
_struct_conn_type.criteria    ? 
_struct_conn_type.reference   ? 
# 
loop_
_pdbx_struct_conn_angle.id 
_pdbx_struct_conn_angle.ptnr1_label_atom_id 
_pdbx_struct_conn_angle.ptnr1_label_alt_id 
_pdbx_struct_conn_angle.ptnr1_label_asym_id 
_pdbx_struct_conn_angle.ptnr1_label_comp_id 
_pdbx_struct_conn_angle.ptnr1_label_seq_id 
_pdbx_struct_conn_angle.ptnr1_auth_atom_id 
_pdbx_struct_conn_angle.ptnr1_auth_asym_id 
_pdbx_struct_conn_angle.ptnr1_auth_comp_id 
_pdbx_struct_conn_angle.ptnr1_auth_seq_id 
_pdbx_struct_conn_angle.ptnr1_PDB_ins_code 
_pdbx_struct_conn_angle.ptnr1_symmetry 
_pdbx_struct_conn_angle.ptnr2_label_atom_id 
_pdbx_struct_conn_angle.ptnr2_label_alt_id 
_pdbx_struct_conn_angle.ptnr2_label_asym_id 
_pdbx_struct_conn_angle.ptnr2_label_comp_id 
_pdbx_struct_conn_angle.ptnr2_label_seq_id 
_pdbx_struct_conn_angle.ptnr2_auth_atom_id 
_pdbx_struct_conn_angle.ptnr2_auth_asym_id 
_pdbx_struct_conn_angle.ptnr2_auth_comp_id 
_pdbx_struct_conn_angle.ptnr2_auth_seq_id 
_pdbx_struct_conn_angle.ptnr2_PDB_ins_code 
_pdbx_struct_conn_angle.ptnr2_symmetry 
_pdbx_struct_conn_angle.ptnr3_label_atom_id 
_pdbx_struct_conn_angle.ptnr3_label_alt_id 
_pdbx_struct_conn_angle.ptnr3_label_asym_id 
_pdbx_struct_conn_angle.ptnr3_label_comp_id 
_pdbx_struct_conn_angle.ptnr3_label_seq_id 
_pdbx_struct_conn_angle.ptnr3_auth_atom_id 
_pdbx_struct_conn_angle.ptnr3_auth_asym_id 
_pdbx_struct_conn_angle.ptnr3_auth_comp_id 
_pdbx_struct_conn_angle.ptnr3_auth_seq_id 
_pdbx_struct_conn_angle.ptnr3_PDB_ins_code 
_pdbx_struct_conn_angle.ptnr3_symmetry 
_pdbx_struct_conn_angle.value 
_pdbx_struct_conn_angle.value_esd 
1  SG ? A CYS 43 ? A CYS 43 ? 1_555 FE4 ? B SF4 . ? A SF4 87 ? 1_555 S1 ? B SF4 . ? A SF4 87 ? 1_555 116.6 ? 
2  SG ? A CYS 43 ? A CYS 43 ? 1_555 FE4 ? B SF4 . ? A SF4 87 ? 1_555 S2 ? B SF4 . ? A SF4 87 ? 1_555 111.9 ? 
3  S1 ? B SF4 .  ? A SF4 87 ? 1_555 FE4 ? B SF4 . ? A SF4 87 ? 1_555 S2 ? B SF4 . ? A SF4 87 ? 1_555 104.5 ? 
4  SG ? A CYS 43 ? A CYS 43 ? 1_555 FE4 ? B SF4 . ? A SF4 87 ? 1_555 S3 ? B SF4 . ? A SF4 87 ? 1_555 113.1 ? 
5  S1 ? B SF4 .  ? A SF4 87 ? 1_555 FE4 ? B SF4 . ? A SF4 87 ? 1_555 S3 ? B SF4 . ? A SF4 87 ? 1_555 105.1 ? 
6  S2 ? B SF4 .  ? A SF4 87 ? 1_555 FE4 ? B SF4 . ? A SF4 87 ? 1_555 S3 ? B SF4 . ? A SF4 87 ? 1_555 104.7 ? 
7  SG ? A CYS 46 ? A CYS 46 ? 1_555 FE3 ? B SF4 . ? A SF4 87 ? 1_555 S1 ? B SF4 . ? A SF4 87 ? 1_555 115.0 ? 
8  SG ? A CYS 46 ? A CYS 46 ? 1_555 FE3 ? B SF4 . ? A SF4 87 ? 1_555 S2 ? B SF4 . ? A SF4 87 ? 1_555 111.3 ? 
9  S1 ? B SF4 .  ? A SF4 87 ? 1_555 FE3 ? B SF4 . ? A SF4 87 ? 1_555 S2 ? B SF4 . ? A SF4 87 ? 1_555 104.7 ? 
10 SG ? A CYS 46 ? A CYS 46 ? 1_555 FE3 ? B SF4 . ? A SF4 87 ? 1_555 S4 ? B SF4 . ? A SF4 87 ? 1_555 115.1 ? 
11 S1 ? B SF4 .  ? A SF4 87 ? 1_555 FE3 ? B SF4 . ? A SF4 87 ? 1_555 S4 ? B SF4 . ? A SF4 87 ? 1_555 104.8 ? 
12 S2 ? B SF4 .  ? A SF4 87 ? 1_555 FE3 ? B SF4 . ? A SF4 87 ? 1_555 S4 ? B SF4 . ? A SF4 87 ? 1_555 104.9 ? 
13 SG ? A CYS 63 ? A CYS 63 ? 1_555 FE1 ? B SF4 . ? A SF4 87 ? 1_555 S2 ? B SF4 . ? A SF4 87 ? 1_555 116.9 ? 
14 SG ? A CYS 63 ? A CYS 63 ? 1_555 FE1 ? B SF4 . ? A SF4 87 ? 1_555 S3 ? B SF4 . ? A SF4 87 ? 1_555 119.7 ? 
15 S2 ? B SF4 .  ? A SF4 87 ? 1_555 FE1 ? B SF4 . ? A SF4 87 ? 1_555 S3 ? B SF4 . ? A SF4 87 ? 1_555 103.5 ? 
16 SG ? A CYS 63 ? A CYS 63 ? 1_555 FE1 ? B SF4 . ? A SF4 87 ? 1_555 S4 ? B SF4 . ? A SF4 87 ? 1_555 105.9 ? 
17 S2 ? B SF4 .  ? A SF4 87 ? 1_555 FE1 ? B SF4 . ? A SF4 87 ? 1_555 S4 ? B SF4 . ? A SF4 87 ? 1_555 104.5 ? 
18 S3 ? B SF4 .  ? A SF4 87 ? 1_555 FE1 ? B SF4 . ? A SF4 87 ? 1_555 S4 ? B SF4 . ? A SF4 87 ? 1_555 104.9 ? 
19 SG ? A CYS 77 ? A CYS 77 ? 1_555 FE2 ? B SF4 . ? A SF4 87 ? 1_555 S1 ? B SF4 . ? A SF4 87 ? 1_555 124.7 ? 
20 SG ? A CYS 77 ? A CYS 77 ? 1_555 FE2 ? B SF4 . ? A SF4 87 ? 1_555 S3 ? B SF4 . ? A SF4 87 ? 1_555 111.8 ? 
21 S1 ? B SF4 .  ? A SF4 87 ? 1_555 FE2 ? B SF4 . ? A SF4 87 ? 1_555 S3 ? B SF4 . ? A SF4 87 ? 1_555 104.5 ? 
22 SG ? A CYS 77 ? A CYS 77 ? 1_555 FE2 ? B SF4 . ? A SF4 87 ? 1_555 S4 ? B SF4 . ? A SF4 87 ? 1_555 104.3 ? 
23 S1 ? B SF4 .  ? A SF4 87 ? 1_555 FE2 ? B SF4 . ? A SF4 87 ? 1_555 S4 ? B SF4 . ? A SF4 87 ? 1_555 104.0 ? 
24 S3 ? B SF4 .  ? A SF4 87 ? 1_555 FE2 ? B SF4 . ? A SF4 87 ? 1_555 S4 ? B SF4 . ? A SF4 87 ? 1_555 106.1 ? 
# 
_struct_sheet.id               A 
_struct_sheet.type             ? 
_struct_sheet.number_strands   2 
_struct_sheet.details          ? 
# 
_struct_sheet_order.sheet_id     A 
_struct_sheet_order.range_id_1   1 
_struct_sheet_order.range_id_2   2 
_struct_sheet_order.offset       ? 
_struct_sheet_order.sense        anti-parallel 
# 
loop_
_struct_sheet_range.sheet_id 
_struct_sheet_range.id 
_struct_sheet_range.beg_label_comp_id 
_struct_sheet_range.beg_label_asym_id 
_struct_sheet_range.beg_label_seq_id 
_struct_sheet_range.pdbx_beg_PDB_ins_code 
_struct_sheet_range.end_label_comp_id 
_struct_sheet_range.end_label_asym_id 
_struct_sheet_range.end_label_seq_id 
_struct_sheet_range.pdbx_end_PDB_ins_code 
_struct_sheet_range.beg_auth_comp_id 
_struct_sheet_range.beg_auth_asym_id 
_struct_sheet_range.beg_auth_seq_id 
_struct_sheet_range.end_auth_comp_id 
_struct_sheet_range.end_auth_asym_id 
_struct_sheet_range.end_auth_seq_id 
A 1 TRP A 60 ? GLY A 62 ? TRP A 60 GLY A 62 
A 2 LEU A 70 ? ASN A 72 ? LEU A 70 ASN A 72 
# 
_pdbx_struct_sheet_hbond.sheet_id                A 
_pdbx_struct_sheet_hbond.range_id_1              1 
_pdbx_struct_sheet_hbond.range_id_2              2 
_pdbx_struct_sheet_hbond.range_1_label_atom_id   O 
_pdbx_struct_sheet_hbond.range_1_label_comp_id   LYS 
_pdbx_struct_sheet_hbond.range_1_label_asym_id   A 
_pdbx_struct_sheet_hbond.range_1_label_seq_id    61 
_pdbx_struct_sheet_hbond.range_1_PDB_ins_code    ? 
_pdbx_struct_sheet_hbond.range_1_auth_atom_id    O 
_pdbx_struct_sheet_hbond.range_1_auth_comp_id    LYS 
_pdbx_struct_sheet_hbond.range_1_auth_asym_id    A 
_pdbx_struct_sheet_hbond.range_1_auth_seq_id     61 
_pdbx_struct_sheet_hbond.range_2_label_atom_id   N 
_pdbx_struct_sheet_hbond.range_2_label_comp_id   ILE 
_pdbx_struct_sheet_hbond.range_2_label_asym_id   A 
_pdbx_struct_sheet_hbond.range_2_label_seq_id    71 
_pdbx_struct_sheet_hbond.range_2_PDB_ins_code    ? 
_pdbx_struct_sheet_hbond.range_2_auth_atom_id    N 
_pdbx_struct_sheet_hbond.range_2_auth_comp_id    ILE 
_pdbx_struct_sheet_hbond.range_2_auth_asym_id    A 
_pdbx_struct_sheet_hbond.range_2_auth_seq_id     71 
# 
_struct_site.id                   AC1 
_struct_site.pdbx_evidence_code   Software 
_struct_site.pdbx_auth_asym_id    A 
_struct_site.pdbx_auth_comp_id    SF4 
_struct_site.pdbx_auth_seq_id     87 
_struct_site.pdbx_auth_ins_code   ? 
_struct_site.pdbx_num_residues    6 
_struct_site.details              'BINDING SITE FOR RESIDUE SF4 A 87' 
# 
loop_
_struct_site_gen.id 
_struct_site_gen.site_id 
_struct_site_gen.pdbx_num_res 
_struct_site_gen.label_comp_id 
_struct_site_gen.label_asym_id 
_struct_site_gen.label_seq_id 
_struct_site_gen.pdbx_auth_ins_code 
_struct_site_gen.auth_comp_id 
_struct_site_gen.auth_asym_id 
_struct_site_gen.auth_seq_id 
_struct_site_gen.label_atom_id 
_struct_site_gen.label_alt_id 
_struct_site_gen.symmetry 
_struct_site_gen.details 
1 AC1 6 TYR A 19 ? TYR A 19 . ? 1_555 ? 
2 AC1 6 CYS A 43 ? CYS A 43 . ? 1_555 ? 
3 AC1 6 CYS A 46 ? CYS A 46 . ? 1_555 ? 
4 AC1 6 PHE A 48 ? PHE A 48 . ? 1_555 ? 
5 AC1 6 CYS A 63 ? CYS A 63 . ? 1_555 ? 
6 AC1 6 CYS A 77 ? CYS A 77 . ? 1_555 ? 
# 
loop_
_pdbx_validate_rmsd_angle.id 
_pdbx_validate_rmsd_angle.PDB_model_num 
_pdbx_validate_rmsd_angle.auth_atom_id_1 
_pdbx_validate_rmsd_angle.auth_asym_id_1 
_pdbx_validate_rmsd_angle.auth_comp_id_1 
_pdbx_validate_rmsd_angle.auth_seq_id_1 
_pdbx_validate_rmsd_angle.PDB_ins_code_1 
_pdbx_validate_rmsd_angle.label_alt_id_1 
_pdbx_validate_rmsd_angle.auth_atom_id_2 
_pdbx_validate_rmsd_angle.auth_asym_id_2 
_pdbx_validate_rmsd_angle.auth_comp_id_2 
_pdbx_validate_rmsd_angle.auth_seq_id_2 
_pdbx_validate_rmsd_angle.PDB_ins_code_2 
_pdbx_validate_rmsd_angle.label_alt_id_2 
_pdbx_validate_rmsd_angle.auth_atom_id_3 
_pdbx_validate_rmsd_angle.auth_asym_id_3 
_pdbx_validate_rmsd_angle.auth_comp_id_3 
_pdbx_validate_rmsd_angle.auth_seq_id_3 
_pdbx_validate_rmsd_angle.PDB_ins_code_3 
_pdbx_validate_rmsd_angle.label_alt_id_3 
_pdbx_validate_rmsd_angle.angle_value 
_pdbx_validate_rmsd_angle.angle_target_value 
_pdbx_validate_rmsd_angle.angle_deviation 
_pdbx_validate_rmsd_angle.angle_standard_deviation 
_pdbx_validate_rmsd_angle.linker_flag 
1 1 OD1 A ASN 11 ? ? CG A ASN 11 ? ? ND2 A ASN 11 ? ? 135.81 121.90 13.91  2.30 N 
2 1 CA  A VAL 29 ? ? CB A VAL 29 ? ? CG1 A VAL 29 ? ? 121.34 110.90 10.44  1.50 N 
3 1 NE  A ARG 33 ? ? CZ A ARG 33 ? ? NH1 A ARG 33 ? ? 123.38 120.30 3.08   0.50 N 
4 1 CG  A GLN 47 ? ? CD A GLN 47 ? ? OE1 A GLN 47 ? ? 109.51 121.60 -12.09 2.00 N 
5 1 CG  A GLN 47 ? ? CD A GLN 47 ? ? NE2 A GLN 47 ? ? 132.50 116.70 15.80  2.40 N 
6 1 CB  A ASP 58 ? ? CG A ASP 58 ? ? OD2 A ASP 58 ? ? 108.96 118.30 -9.34  0.90 N 
7 1 C   A ALA 84 ? ? N  A GLY 85 ? ? CA  A GLY 85 ? ? 105.55 122.30 -16.75 2.10 Y 
# 
loop_
_chem_comp_atom.comp_id 
_chem_comp_atom.atom_id 
_chem_comp_atom.type_symbol 
_chem_comp_atom.pdbx_aromatic_flag 
_chem_comp_atom.pdbx_stereo_config 
_chem_comp_atom.pdbx_ordinal 
ALA N    N  N N 1   
ALA CA   C  N S 2   
ALA C    C  N N 3   
ALA O    O  N N 4   
ALA CB   C  N N 5   
ALA OXT  O  N N 6   
ALA H    H  N N 7   
ALA H2   H  N N 8   
ALA HA   H  N N 9   
ALA HB1  H  N N 10  
ALA HB2  H  N N 11  
ALA HB3  H  N N 12  
ALA HXT  H  N N 13  
ARG N    N  N N 14  
ARG CA   C  N S 15  
ARG C    C  N N 16  
ARG O    O  N N 17  
ARG CB   C  N N 18  
ARG CG   C  N N 19  
ARG CD   C  N N 20  
ARG NE   N  N N 21  
ARG CZ   C  N N 22  
ARG NH1  N  N N 23  
ARG NH2  N  N N 24  
ARG OXT  O  N N 25  
ARG H    H  N N 26  
ARG H2   H  N N 27  
ARG HA   H  N N 28  
ARG HB2  H  N N 29  
ARG HB3  H  N N 30  
ARG HG2  H  N N 31  
ARG HG3  H  N N 32  
ARG HD2  H  N N 33  
ARG HD3  H  N N 34  
ARG HE   H  N N 35  
ARG HH11 H  N N 36  
ARG HH12 H  N N 37  
ARG HH21 H  N N 38  
ARG HH22 H  N N 39  
ARG HXT  H  N N 40  
ASN N    N  N N 41  
ASN CA   C  N S 42  
ASN C    C  N N 43  
ASN O    O  N N 44  
ASN CB   C  N N 45  
ASN CG   C  N N 46  
ASN OD1  O  N N 47  
ASN ND2  N  N N 48  
ASN OXT  O  N N 49  
ASN H    H  N N 50  
ASN H2   H  N N 51  
ASN HA   H  N N 52  
ASN HB2  H  N N 53  
ASN HB3  H  N N 54  
ASN HD21 H  N N 55  
ASN HD22 H  N N 56  
ASN HXT  H  N N 57  
ASP N    N  N N 58  
ASP CA   C  N S 59  
ASP C    C  N N 60  
ASP O    O  N N 61  
ASP CB   C  N N 62  
ASP CG   C  N N 63  
ASP OD1  O  N N 64  
ASP OD2  O  N N 65  
ASP OXT  O  N N 66  
ASP H    H  N N 67  
ASP H2   H  N N 68  
ASP HA   H  N N 69  
ASP HB2  H  N N 70  
ASP HB3  H  N N 71  
ASP HD2  H  N N 72  
ASP HXT  H  N N 73  
CYS N    N  N N 74  
CYS CA   C  N R 75  
CYS C    C  N N 76  
CYS O    O  N N 77  
CYS CB   C  N N 78  
CYS SG   S  N N 79  
CYS OXT  O  N N 80  
CYS H    H  N N 81  
CYS H2   H  N N 82  
CYS HA   H  N N 83  
CYS HB2  H  N N 84  
CYS HB3  H  N N 85  
CYS HG   H  N N 86  
CYS HXT  H  N N 87  
GLN N    N  N N 88  
GLN CA   C  N S 89  
GLN C    C  N N 90  
GLN O    O  N N 91  
GLN CB   C  N N 92  
GLN CG   C  N N 93  
GLN CD   C  N N 94  
GLN OE1  O  N N 95  
GLN NE2  N  N N 96  
GLN OXT  O  N N 97  
GLN H    H  N N 98  
GLN H2   H  N N 99  
GLN HA   H  N N 100 
GLN HB2  H  N N 101 
GLN HB3  H  N N 102 
GLN HG2  H  N N 103 
GLN HG3  H  N N 104 
GLN HE21 H  N N 105 
GLN HE22 H  N N 106 
GLN HXT  H  N N 107 
GLU N    N  N N 108 
GLU CA   C  N S 109 
GLU C    C  N N 110 
GLU O    O  N N 111 
GLU CB   C  N N 112 
GLU CG   C  N N 113 
GLU CD   C  N N 114 
GLU OE1  O  N N 115 
GLU OE2  O  N N 116 
GLU OXT  O  N N 117 
GLU H    H  N N 118 
GLU H2   H  N N 119 
GLU HA   H  N N 120 
GLU HB2  H  N N 121 
GLU HB3  H  N N 122 
GLU HG2  H  N N 123 
GLU HG3  H  N N 124 
GLU HE2  H  N N 125 
GLU HXT  H  N N 126 
GLY N    N  N N 127 
GLY CA   C  N N 128 
GLY C    C  N N 129 
GLY O    O  N N 130 
GLY OXT  O  N N 131 
GLY H    H  N N 132 
GLY H2   H  N N 133 
GLY HA2  H  N N 134 
GLY HA3  H  N N 135 
GLY HXT  H  N N 136 
HIS N    N  N N 137 
HIS CA   C  N S 138 
HIS C    C  N N 139 
HIS O    O  N N 140 
HIS CB   C  N N 141 
HIS CG   C  Y N 142 
HIS ND1  N  Y N 143 
HIS CD2  C  Y N 144 
HIS CE1  C  Y N 145 
HIS NE2  N  Y N 146 
HIS OXT  O  N N 147 
HIS H    H  N N 148 
HIS H2   H  N N 149 
HIS HA   H  N N 150 
HIS HB2  H  N N 151 
HIS HB3  H  N N 152 
HIS HD1  H  N N 153 
HIS HD2  H  N N 154 
HIS HE1  H  N N 155 
HIS HE2  H  N N 156 
HIS HXT  H  N N 157 
HOH O    O  N N 158 
HOH H1   H  N N 159 
HOH H2   H  N N 160 
ILE N    N  N N 161 
ILE CA   C  N S 162 
ILE C    C  N N 163 
ILE O    O  N N 164 
ILE CB   C  N S 165 
ILE CG1  C  N N 166 
ILE CG2  C  N N 167 
ILE CD1  C  N N 168 
ILE OXT  O  N N 169 
ILE H    H  N N 170 
ILE H2   H  N N 171 
ILE HA   H  N N 172 
ILE HB   H  N N 173 
ILE HG12 H  N N 174 
ILE HG13 H  N N 175 
ILE HG21 H  N N 176 
ILE HG22 H  N N 177 
ILE HG23 H  N N 178 
ILE HD11 H  N N 179 
ILE HD12 H  N N 180 
ILE HD13 H  N N 181 
ILE HXT  H  N N 182 
LEU N    N  N N 183 
LEU CA   C  N S 184 
LEU C    C  N N 185 
LEU O    O  N N 186 
LEU CB   C  N N 187 
LEU CG   C  N N 188 
LEU CD1  C  N N 189 
LEU CD2  C  N N 190 
LEU OXT  O  N N 191 
LEU H    H  N N 192 
LEU H2   H  N N 193 
LEU HA   H  N N 194 
LEU HB2  H  N N 195 
LEU HB3  H  N N 196 
LEU HG   H  N N 197 
LEU HD11 H  N N 198 
LEU HD12 H  N N 199 
LEU HD13 H  N N 200 
LEU HD21 H  N N 201 
LEU HD22 H  N N 202 
LEU HD23 H  N N 203 
LEU HXT  H  N N 204 
LYS N    N  N N 205 
LYS CA   C  N S 206 
LYS C    C  N N 207 
LYS O    O  N N 208 
LYS CB   C  N N 209 
LYS CG   C  N N 210 
LYS CD   C  N N 211 
LYS CE   C  N N 212 
LYS NZ   N  N N 213 
LYS OXT  O  N N 214 
LYS H    H  N N 215 
LYS H2   H  N N 216 
LYS HA   H  N N 217 
LYS HB2  H  N N 218 
LYS HB3  H  N N 219 
LYS HG2  H  N N 220 
LYS HG3  H  N N 221 
LYS HD2  H  N N 222 
LYS HD3  H  N N 223 
LYS HE2  H  N N 224 
LYS HE3  H  N N 225 
LYS HZ1  H  N N 226 
LYS HZ2  H  N N 227 
LYS HZ3  H  N N 228 
LYS HXT  H  N N 229 
MET N    N  N N 230 
MET CA   C  N S 231 
MET C    C  N N 232 
MET O    O  N N 233 
MET CB   C  N N 234 
MET CG   C  N N 235 
MET SD   S  N N 236 
MET CE   C  N N 237 
MET OXT  O  N N 238 
MET H    H  N N 239 
MET H2   H  N N 240 
MET HA   H  N N 241 
MET HB2  H  N N 242 
MET HB3  H  N N 243 
MET HG2  H  N N 244 
MET HG3  H  N N 245 
MET HE1  H  N N 246 
MET HE2  H  N N 247 
MET HE3  H  N N 248 
MET HXT  H  N N 249 
PHE N    N  N N 250 
PHE CA   C  N S 251 
PHE C    C  N N 252 
PHE O    O  N N 253 
PHE CB   C  N N 254 
PHE CG   C  Y N 255 
PHE CD1  C  Y N 256 
PHE CD2  C  Y N 257 
PHE CE1  C  Y N 258 
PHE CE2  C  Y N 259 
PHE CZ   C  Y N 260 
PHE OXT  O  N N 261 
PHE H    H  N N 262 
PHE H2   H  N N 263 
PHE HA   H  N N 264 
PHE HB2  H  N N 265 
PHE HB3  H  N N 266 
PHE HD1  H  N N 267 
PHE HD2  H  N N 268 
PHE HE1  H  N N 269 
PHE HE2  H  N N 270 
PHE HZ   H  N N 271 
PHE HXT  H  N N 272 
PRO N    N  N N 273 
PRO CA   C  N S 274 
PRO C    C  N N 275 
PRO O    O  N N 276 
PRO CB   C  N N 277 
PRO CG   C  N N 278 
PRO CD   C  N N 279 
PRO OXT  O  N N 280 
PRO H    H  N N 281 
PRO HA   H  N N 282 
PRO HB2  H  N N 283 
PRO HB3  H  N N 284 
PRO HG2  H  N N 285 
PRO HG3  H  N N 286 
PRO HD2  H  N N 287 
PRO HD3  H  N N 288 
PRO HXT  H  N N 289 
SER N    N  N N 290 
SER CA   C  N S 291 
SER C    C  N N 292 
SER O    O  N N 293 
SER CB   C  N N 294 
SER OG   O  N N 295 
SER OXT  O  N N 296 
SER H    H  N N 297 
SER H2   H  N N 298 
SER HA   H  N N 299 
SER HB2  H  N N 300 
SER HB3  H  N N 301 
SER HG   H  N N 302 
SER HXT  H  N N 303 
SF4 FE1  FE N N 304 
SF4 FE2  FE N N 305 
SF4 FE3  FE N N 306 
SF4 FE4  FE N N 307 
SF4 S1   S  N N 308 
SF4 S2   S  N N 309 
SF4 S3   S  N N 310 
SF4 S4   S  N N 311 
THR N    N  N N 312 
THR CA   C  N S 313 
THR C    C  N N 314 
THR O    O  N N 315 
THR CB   C  N R 316 
THR OG1  O  N N 317 
THR CG2  C  N N 318 
THR OXT  O  N N 319 
THR H    H  N N 320 
THR H2   H  N N 321 
THR HA   H  N N 322 
THR HB   H  N N 323 
THR HG1  H  N N 324 
THR HG21 H  N N 325 
THR HG22 H  N N 326 
THR HG23 H  N N 327 
THR HXT  H  N N 328 
TRP N    N  N N 329 
TRP CA   C  N S 330 
TRP C    C  N N 331 
TRP O    O  N N 332 
TRP CB   C  N N 333 
TRP CG   C  Y N 334 
TRP CD1  C  Y N 335 
TRP CD2  C  Y N 336 
TRP NE1  N  Y N 337 
TRP CE2  C  Y N 338 
TRP CE3  C  Y N 339 
TRP CZ2  C  Y N 340 
TRP CZ3  C  Y N 341 
TRP CH2  C  Y N 342 
TRP OXT  O  N N 343 
TRP H    H  N N 344 
TRP H2   H  N N 345 
TRP HA   H  N N 346 
TRP HB2  H  N N 347 
TRP HB3  H  N N 348 
TRP HD1  H  N N 349 
TRP HE1  H  N N 350 
TRP HE3  H  N N 351 
TRP HZ2  H  N N 352 
TRP HZ3  H  N N 353 
TRP HH2  H  N N 354 
TRP HXT  H  N N 355 
TYR N    N  N N 356 
TYR CA   C  N S 357 
TYR C    C  N N 358 
TYR O    O  N N 359 
TYR CB   C  N N 360 
TYR CG   C  Y N 361 
TYR CD1  C  Y N 362 
TYR CD2  C  Y N 363 
TYR CE1  C  Y N 364 
TYR CE2  C  Y N 365 
TYR CZ   C  Y N 366 
TYR OH   O  N N 367 
TYR OXT  O  N N 368 
TYR H    H  N N 369 
TYR H2   H  N N 370 
TYR HA   H  N N 371 
TYR HB2  H  N N 372 
TYR HB3  H  N N 373 
TYR HD1  H  N N 374 
TYR HD2  H  N N 375 
TYR HE1  H  N N 376 
TYR HE2  H  N N 377 
TYR HH   H  N N 378 
TYR HXT  H  N N 379 
VAL N    N  N N 380 
VAL CA   C  N S 381 
VAL C    C  N N 382 
VAL O    O  N N 383 
VAL CB   C  N N 384 
VAL CG1  C  N N 385 
VAL CG2  C  N N 386 
VAL OXT  O  N N 387 
VAL H    H  N N 388 
VAL H2   H  N N 389 
VAL HA   H  N N 390 
VAL HB   H  N N 391 
VAL HG11 H  N N 392 
VAL HG12 H  N N 393 
VAL HG13 H  N N 394 
VAL HG21 H  N N 395 
VAL HG22 H  N N 396 
VAL HG23 H  N N 397 
VAL HXT  H  N N 398 
# 
loop_
_chem_comp_bond.comp_id 
_chem_comp_bond.atom_id_1 
_chem_comp_bond.atom_id_2 
_chem_comp_bond.value_order 
_chem_comp_bond.pdbx_aromatic_flag 
_chem_comp_bond.pdbx_stereo_config 
_chem_comp_bond.pdbx_ordinal 
ALA N   CA   sing N N 1   
ALA N   H    sing N N 2   
ALA N   H2   sing N N 3   
ALA CA  C    sing N N 4   
ALA CA  CB   sing N N 5   
ALA CA  HA   sing N N 6   
ALA C   O    doub N N 7   
ALA C   OXT  sing N N 8   
ALA CB  HB1  sing N N 9   
ALA CB  HB2  sing N N 10  
ALA CB  HB3  sing N N 11  
ALA OXT HXT  sing N N 12  
ARG N   CA   sing N N 13  
ARG N   H    sing N N 14  
ARG N   H2   sing N N 15  
ARG CA  C    sing N N 16  
ARG CA  CB   sing N N 17  
ARG CA  HA   sing N N 18  
ARG C   O    doub N N 19  
ARG C   OXT  sing N N 20  
ARG CB  CG   sing N N 21  
ARG CB  HB2  sing N N 22  
ARG CB  HB3  sing N N 23  
ARG CG  CD   sing N N 24  
ARG CG  HG2  sing N N 25  
ARG CG  HG3  sing N N 26  
ARG CD  NE   sing N N 27  
ARG CD  HD2  sing N N 28  
ARG CD  HD3  sing N N 29  
ARG NE  CZ   sing N N 30  
ARG NE  HE   sing N N 31  
ARG CZ  NH1  sing N N 32  
ARG CZ  NH2  doub N N 33  
ARG NH1 HH11 sing N N 34  
ARG NH1 HH12 sing N N 35  
ARG NH2 HH21 sing N N 36  
ARG NH2 HH22 sing N N 37  
ARG OXT HXT  sing N N 38  
ASN N   CA   sing N N 39  
ASN N   H    sing N N 40  
ASN N   H2   sing N N 41  
ASN CA  C    sing N N 42  
ASN CA  CB   sing N N 43  
ASN CA  HA   sing N N 44  
ASN C   O    doub N N 45  
ASN C   OXT  sing N N 46  
ASN CB  CG   sing N N 47  
ASN CB  HB2  sing N N 48  
ASN CB  HB3  sing N N 49  
ASN CG  OD1  doub N N 50  
ASN CG  ND2  sing N N 51  
ASN ND2 HD21 sing N N 52  
ASN ND2 HD22 sing N N 53  
ASN OXT HXT  sing N N 54  
ASP N   CA   sing N N 55  
ASP N   H    sing N N 56  
ASP N   H2   sing N N 57  
ASP CA  C    sing N N 58  
ASP CA  CB   sing N N 59  
ASP CA  HA   sing N N 60  
ASP C   O    doub N N 61  
ASP C   OXT  sing N N 62  
ASP CB  CG   sing N N 63  
ASP CB  HB2  sing N N 64  
ASP CB  HB3  sing N N 65  
ASP CG  OD1  doub N N 66  
ASP CG  OD2  sing N N 67  
ASP OD2 HD2  sing N N 68  
ASP OXT HXT  sing N N 69  
CYS N   CA   sing N N 70  
CYS N   H    sing N N 71  
CYS N   H2   sing N N 72  
CYS CA  C    sing N N 73  
CYS CA  CB   sing N N 74  
CYS CA  HA   sing N N 75  
CYS C   O    doub N N 76  
CYS C   OXT  sing N N 77  
CYS CB  SG   sing N N 78  
CYS CB  HB2  sing N N 79  
CYS CB  HB3  sing N N 80  
CYS SG  HG   sing N N 81  
CYS OXT HXT  sing N N 82  
GLN N   CA   sing N N 83  
GLN N   H    sing N N 84  
GLN N   H2   sing N N 85  
GLN CA  C    sing N N 86  
GLN CA  CB   sing N N 87  
GLN CA  HA   sing N N 88  
GLN C   O    doub N N 89  
GLN C   OXT  sing N N 90  
GLN CB  CG   sing N N 91  
GLN CB  HB2  sing N N 92  
GLN CB  HB3  sing N N 93  
GLN CG  CD   sing N N 94  
GLN CG  HG2  sing N N 95  
GLN CG  HG3  sing N N 96  
GLN CD  OE1  doub N N 97  
GLN CD  NE2  sing N N 98  
GLN NE2 HE21 sing N N 99  
GLN NE2 HE22 sing N N 100 
GLN OXT HXT  sing N N 101 
GLU N   CA   sing N N 102 
GLU N   H    sing N N 103 
GLU N   H2   sing N N 104 
GLU CA  C    sing N N 105 
GLU CA  CB   sing N N 106 
GLU CA  HA   sing N N 107 
GLU C   O    doub N N 108 
GLU C   OXT  sing N N 109 
GLU CB  CG   sing N N 110 
GLU CB  HB2  sing N N 111 
GLU CB  HB3  sing N N 112 
GLU CG  CD   sing N N 113 
GLU CG  HG2  sing N N 114 
GLU CG  HG3  sing N N 115 
GLU CD  OE1  doub N N 116 
GLU CD  OE2  sing N N 117 
GLU OE2 HE2  sing N N 118 
GLU OXT HXT  sing N N 119 
GLY N   CA   sing N N 120 
GLY N   H    sing N N 121 
GLY N   H2   sing N N 122 
GLY CA  C    sing N N 123 
GLY CA  HA2  sing N N 124 
GLY CA  HA3  sing N N 125 
GLY C   O    doub N N 126 
GLY C   OXT  sing N N 127 
GLY OXT HXT  sing N N 128 
HIS N   CA   sing N N 129 
HIS N   H    sing N N 130 
HIS N   H2   sing N N 131 
HIS CA  C    sing N N 132 
HIS CA  CB   sing N N 133 
HIS CA  HA   sing N N 134 
HIS C   O    doub N N 135 
HIS C   OXT  sing N N 136 
HIS CB  CG   sing N N 137 
HIS CB  HB2  sing N N 138 
HIS CB  HB3  sing N N 139 
HIS CG  ND1  sing Y N 140 
HIS CG  CD2  doub Y N 141 
HIS ND1 CE1  doub Y N 142 
HIS ND1 HD1  sing N N 143 
HIS CD2 NE2  sing Y N 144 
HIS CD2 HD2  sing N N 145 
HIS CE1 NE2  sing Y N 146 
HIS CE1 HE1  sing N N 147 
HIS NE2 HE2  sing N N 148 
HIS OXT HXT  sing N N 149 
HOH O   H1   sing N N 150 
HOH O   H2   sing N N 151 
ILE N   CA   sing N N 152 
ILE N   H    sing N N 153 
ILE N   H2   sing N N 154 
ILE CA  C    sing N N 155 
ILE CA  CB   sing N N 156 
ILE CA  HA   sing N N 157 
ILE C   O    doub N N 158 
ILE C   OXT  sing N N 159 
ILE CB  CG1  sing N N 160 
ILE CB  CG2  sing N N 161 
ILE CB  HB   sing N N 162 
ILE CG1 CD1  sing N N 163 
ILE CG1 HG12 sing N N 164 
ILE CG1 HG13 sing N N 165 
ILE CG2 HG21 sing N N 166 
ILE CG2 HG22 sing N N 167 
ILE CG2 HG23 sing N N 168 
ILE CD1 HD11 sing N N 169 
ILE CD1 HD12 sing N N 170 
ILE CD1 HD13 sing N N 171 
ILE OXT HXT  sing N N 172 
LEU N   CA   sing N N 173 
LEU N   H    sing N N 174 
LEU N   H2   sing N N 175 
LEU CA  C    sing N N 176 
LEU CA  CB   sing N N 177 
LEU CA  HA   sing N N 178 
LEU C   O    doub N N 179 
LEU C   OXT  sing N N 180 
LEU CB  CG   sing N N 181 
LEU CB  HB2  sing N N 182 
LEU CB  HB3  sing N N 183 
LEU CG  CD1  sing N N 184 
LEU CG  CD2  sing N N 185 
LEU CG  HG   sing N N 186 
LEU CD1 HD11 sing N N 187 
LEU CD1 HD12 sing N N 188 
LEU CD1 HD13 sing N N 189 
LEU CD2 HD21 sing N N 190 
LEU CD2 HD22 sing N N 191 
LEU CD2 HD23 sing N N 192 
LEU OXT HXT  sing N N 193 
LYS N   CA   sing N N 194 
LYS N   H    sing N N 195 
LYS N   H2   sing N N 196 
LYS CA  C    sing N N 197 
LYS CA  CB   sing N N 198 
LYS CA  HA   sing N N 199 
LYS C   O    doub N N 200 
LYS C   OXT  sing N N 201 
LYS CB  CG   sing N N 202 
LYS CB  HB2  sing N N 203 
LYS CB  HB3  sing N N 204 
LYS CG  CD   sing N N 205 
LYS CG  HG2  sing N N 206 
LYS CG  HG3  sing N N 207 
LYS CD  CE   sing N N 208 
LYS CD  HD2  sing N N 209 
LYS CD  HD3  sing N N 210 
LYS CE  NZ   sing N N 211 
LYS CE  HE2  sing N N 212 
LYS CE  HE3  sing N N 213 
LYS NZ  HZ1  sing N N 214 
LYS NZ  HZ2  sing N N 215 
LYS NZ  HZ3  sing N N 216 
LYS OXT HXT  sing N N 217 
MET N   CA   sing N N 218 
MET N   H    sing N N 219 
MET N   H2   sing N N 220 
MET CA  C    sing N N 221 
MET CA  CB   sing N N 222 
MET CA  HA   sing N N 223 
MET C   O    doub N N 224 
MET C   OXT  sing N N 225 
MET CB  CG   sing N N 226 
MET CB  HB2  sing N N 227 
MET CB  HB3  sing N N 228 
MET CG  SD   sing N N 229 
MET CG  HG2  sing N N 230 
MET CG  HG3  sing N N 231 
MET SD  CE   sing N N 232 
MET CE  HE1  sing N N 233 
MET CE  HE2  sing N N 234 
MET CE  HE3  sing N N 235 
MET OXT HXT  sing N N 236 
PHE N   CA   sing N N 237 
PHE N   H    sing N N 238 
PHE N   H2   sing N N 239 
PHE CA  C    sing N N 240 
PHE CA  CB   sing N N 241 
PHE CA  HA   sing N N 242 
PHE C   O    doub N N 243 
PHE C   OXT  sing N N 244 
PHE CB  CG   sing N N 245 
PHE CB  HB2  sing N N 246 
PHE CB  HB3  sing N N 247 
PHE CG  CD1  doub Y N 248 
PHE CG  CD2  sing Y N 249 
PHE CD1 CE1  sing Y N 250 
PHE CD1 HD1  sing N N 251 
PHE CD2 CE2  doub Y N 252 
PHE CD2 HD2  sing N N 253 
PHE CE1 CZ   doub Y N 254 
PHE CE1 HE1  sing N N 255 
PHE CE2 CZ   sing Y N 256 
PHE CE2 HE2  sing N N 257 
PHE CZ  HZ   sing N N 258 
PHE OXT HXT  sing N N 259 
PRO N   CA   sing N N 260 
PRO N   CD   sing N N 261 
PRO N   H    sing N N 262 
PRO CA  C    sing N N 263 
PRO CA  CB   sing N N 264 
PRO CA  HA   sing N N 265 
PRO C   O    doub N N 266 
PRO C   OXT  sing N N 267 
PRO CB  CG   sing N N 268 
PRO CB  HB2  sing N N 269 
PRO CB  HB3  sing N N 270 
PRO CG  CD   sing N N 271 
PRO CG  HG2  sing N N 272 
PRO CG  HG3  sing N N 273 
PRO CD  HD2  sing N N 274 
PRO CD  HD3  sing N N 275 
PRO OXT HXT  sing N N 276 
SER N   CA   sing N N 277 
SER N   H    sing N N 278 
SER N   H2   sing N N 279 
SER CA  C    sing N N 280 
SER CA  CB   sing N N 281 
SER CA  HA   sing N N 282 
SER C   O    doub N N 283 
SER C   OXT  sing N N 284 
SER CB  OG   sing N N 285 
SER CB  HB2  sing N N 286 
SER CB  HB3  sing N N 287 
SER OG  HG   sing N N 288 
SER OXT HXT  sing N N 289 
SF4 FE1 S2   sing N N 290 
SF4 FE1 S3   sing N N 291 
SF4 FE1 S4   sing N N 292 
SF4 FE2 S1   sing N N 293 
SF4 FE2 S3   sing N N 294 
SF4 FE2 S4   sing N N 295 
SF4 FE3 S1   sing N N 296 
SF4 FE3 S2   sing N N 297 
SF4 FE3 S4   sing N N 298 
SF4 FE4 S1   sing N N 299 
SF4 FE4 S2   sing N N 300 
SF4 FE4 S3   sing N N 301 
THR N   CA   sing N N 302 
THR N   H    sing N N 303 
THR N   H2   sing N N 304 
THR CA  C    sing N N 305 
THR CA  CB   sing N N 306 
THR CA  HA   sing N N 307 
THR C   O    doub N N 308 
THR C   OXT  sing N N 309 
THR CB  OG1  sing N N 310 
THR CB  CG2  sing N N 311 
THR CB  HB   sing N N 312 
THR OG1 HG1  sing N N 313 
THR CG2 HG21 sing N N 314 
THR CG2 HG22 sing N N 315 
THR CG2 HG23 sing N N 316 
THR OXT HXT  sing N N 317 
TRP N   CA   sing N N 318 
TRP N   H    sing N N 319 
TRP N   H2   sing N N 320 
TRP CA  C    sing N N 321 
TRP CA  CB   sing N N 322 
TRP CA  HA   sing N N 323 
TRP C   O    doub N N 324 
TRP C   OXT  sing N N 325 
TRP CB  CG   sing N N 326 
TRP CB  HB2  sing N N 327 
TRP CB  HB3  sing N N 328 
TRP CG  CD1  doub Y N 329 
TRP CG  CD2  sing Y N 330 
TRP CD1 NE1  sing Y N 331 
TRP CD1 HD1  sing N N 332 
TRP CD2 CE2  doub Y N 333 
TRP CD2 CE3  sing Y N 334 
TRP NE1 CE2  sing Y N 335 
TRP NE1 HE1  sing N N 336 
TRP CE2 CZ2  sing Y N 337 
TRP CE3 CZ3  doub Y N 338 
TRP CE3 HE3  sing N N 339 
TRP CZ2 CH2  doub Y N 340 
TRP CZ2 HZ2  sing N N 341 
TRP CZ3 CH2  sing Y N 342 
TRP CZ3 HZ3  sing N N 343 
TRP CH2 HH2  sing N N 344 
TRP OXT HXT  sing N N 345 
TYR N   CA   sing N N 346 
TYR N   H    sing N N 347 
TYR N   H2   sing N N 348 
TYR CA  C    sing N N 349 
TYR CA  CB   sing N N 350 
TYR CA  HA   sing N N 351 
TYR C   O    doub N N 352 
TYR C   OXT  sing N N 353 
TYR CB  CG   sing N N 354 
TYR CB  HB2  sing N N 355 
TYR CB  HB3  sing N N 356 
TYR CG  CD1  doub Y N 357 
TYR CG  CD2  sing Y N 358 
TYR CD1 CE1  sing Y N 359 
TYR CD1 HD1  sing N N 360 
TYR CD2 CE2  doub Y N 361 
TYR CD2 HD2  sing N N 362 
TYR CE1 CZ   doub Y N 363 
TYR CE1 HE1  sing N N 364 
TYR CE2 CZ   sing Y N 365 
TYR CE2 HE2  sing N N 366 
TYR CZ  OH   sing N N 367 
TYR OH  HH   sing N N 368 
TYR OXT HXT  sing N N 369 
VAL N   CA   sing N N 370 
VAL N   H    sing N N 371 
VAL N   H2   sing N N 372 
VAL CA  C    sing N N 373 
VAL CA  CB   sing N N 374 
VAL CA  HA   sing N N 375 
VAL C   O    doub N N 376 
VAL C   OXT  sing N N 377 
VAL CB  CG1  sing N N 378 
VAL CB  CG2  sing N N 379 
VAL CB  HB   sing N N 380 
VAL CG1 HG11 sing N N 381 
VAL CG1 HG12 sing N N 382 
VAL CG1 HG13 sing N N 383 
VAL CG2 HG21 sing N N 384 
VAL CG2 HG22 sing N N 385 
VAL CG2 HG23 sing N N 386 
VAL OXT HXT  sing N N 387 
# 
_atom_sites.entry_id                    1B0Y 
_atom_sites.fract_transf_matrix[1][1]   0.02104947 
_atom_sites.fract_transf_matrix[1][2]   -0.01428361 
_atom_sites.fract_transf_matrix[1][3]   0.00756067 
_atom_sites.fract_transf_matrix[2][1]   0.01405614 
_atom_sites.fract_transf_matrix[2][2]   0.01311241 
_atom_sites.fract_transf_matrix[2][3]   -0.01436140 
_atom_sites.fract_transf_matrix[3][1]   0.00397141 
_atom_sites.fract_transf_matrix[3][2]   0.01530854 
_atom_sites.fract_transf_matrix[3][3]   0.01786417 
_atom_sites.fract_transf_vector[1]      0.009411 
_atom_sites.fract_transf_vector[2]      0.460366 
_atom_sites.fract_transf_vector[3]      0.028425 
# 
loop_
_atom_type.symbol 
C  
FE 
N  
O  
S  
# 
loop_
_atom_site.group_PDB 
_atom_site.id 
_atom_site.type_symbol 
_atom_site.label_atom_id 
_atom_site.label_alt_id 
_atom_site.label_comp_id 
_atom_site.label_asym_id 
_atom_site.label_entity_id 
_atom_site.label_seq_id 
_atom_site.pdbx_PDB_ins_code 
_atom_site.Cartn_x 
_atom_site.Cartn_y 
_atom_site.Cartn_z 
_atom_site.occupancy 
_atom_site.B_iso_or_equiv 
_atom_site.pdbx_formal_charge 
_atom_site.auth_seq_id 
_atom_site.auth_comp_id 
_atom_site.auth_asym_id 
_atom_site.auth_atom_id 
_atom_site.pdbx_PDB_model_num 
ATOM   1   N  N   . SER A 1 1  ? -15.116 8.070   -6.410  1.00 33.52 ? 1   SER A N   1 
ATOM   2   C  CA  . SER A 1 1  ? -15.238 6.616   -6.587  1.00 33.09 ? 1   SER A CA  1 
ATOM   3   C  C   . SER A 1 1  ? -13.905 5.956   -6.947  1.00 29.87 ? 1   SER A C   1 
ATOM   4   O  O   . SER A 1 1  ? -12.972 6.613   -7.414  1.00 32.11 ? 1   SER A O   1 
ATOM   5   C  CB  . SER A 1 1  ? -16.271 6.248   -7.651  1.00 34.24 ? 1   SER A CB  1 
ATOM   6   O  OG  . SER A 1 1  ? -17.511 5.990   -7.024  1.00 42.63 ? 1   SER A OG  1 
ATOM   7   N  N   . ALA A 1 2  ? -13.852 4.639   -6.722  1.00 26.21 ? 2   ALA A N   1 
ATOM   8   C  CA  . ALA A 1 2  ? -12.572 3.945   -6.828  1.00 23.83 ? 2   ALA A CA  1 
ATOM   9   C  C   . ALA A 1 2  ? -12.187 3.725   -8.287  1.00 20.43 ? 2   ALA A C   1 
ATOM   10  O  O   . ALA A 1 2  ? -13.048 3.477   -9.152  1.00 22.62 ? 2   ALA A O   1 
ATOM   11  C  CB  . ALA A 1 2  ? -12.543 2.627   -6.065  1.00 25.89 ? 2   ALA A CB  1 
ATOM   12  N  N   . PRO A 1 3  ? -10.907 3.837   -8.632  1.00 15.03 ? 3   PRO A N   1 
ATOM   13  C  CA  . PRO A 1 3  ? -10.465 3.637   -10.010 1.00 13.47 ? 3   PRO A CA  1 
ATOM   14  C  C   . PRO A 1 3  ? -10.577 2.168   -10.433 1.00 11.18 ? 3   PRO A C   1 
ATOM   15  O  O   . PRO A 1 3  ? -10.415 1.267   -9.597  1.00 11.54 ? 3   PRO A O   1 
ATOM   16  C  CB  . PRO A 1 3  ? -9.005  4.118   -10.044 1.00 13.66 ? 3   PRO A CB  1 
ATOM   17  C  CG  . PRO A 1 3  ? -8.582  4.039   -8.610  1.00 15.37 ? 3   PRO A CG  1 
ATOM   18  C  CD  . PRO A 1 3  ? -9.792  4.246   -7.770  1.00 15.55 ? 3   PRO A CD  1 
ATOM   19  N  N   . ALA A 1 4  ? -10.784 1.943   -11.727 1.00 12.46 ? 4   ALA A N   1 
ATOM   20  C  CA  . ALA A 1 4  ? -10.956 0.577   -12.184 1.00 12.05 ? 4   ALA A CA  1 
ATOM   21  C  C   . ALA A 1 4  ? -9.708  -0.280  -12.048 1.00 11.17 ? 4   ALA A C   1 
ATOM   22  O  O   . ALA A 1 4  ? -9.844  -1.509  -11.989 1.00 12.68 ? 4   ALA A O   1 
ATOM   23  C  CB  . ALA A 1 4  ? -11.457 0.472   -13.616 1.00 14.63 ? 4   ALA A CB  1 
ATOM   24  N  N   . ASN A 1 5  ? -8.535  0.335   -11.964 1.00 9.95  ? 5   ASN A N   1 
ATOM   25  C  CA  . ASN A 1 5  ? -7.315  -0.409  -11.739 1.00 10.34 ? 5   ASN A CA  1 
ATOM   26  C  C   . ASN A 1 5  ? -6.806  -0.317  -10.302 1.00 8.58  ? 5   ASN A C   1 
ATOM   27  O  O   . ASN A 1 5  ? -5.638  -0.573  -10.055 1.00 9.36  ? 5   ASN A O   1 
ATOM   28  C  CB  . ASN A 1 5  ? -6.234  0.066   -12.718 1.00 10.38 ? 5   ASN A CB  1 
ATOM   29  C  CG  . ASN A 1 5  ? -5.801  1.490   -12.518 1.00 10.07 ? 5   ASN A CG  1 
ATOM   30  O  OD1 . ASN A 1 5  ? -6.570  2.339   -12.079 1.00 12.22 ? 5   ASN A OD1 1 
ATOM   31  N  ND2 . ASN A 1 5  ? -4.536  1.769   -12.791 1.00 10.92 ? 5   ASN A ND2 1 
ATOM   32  N  N   . ALA A 1 6  ? -7.685  -0.045  -9.344  1.00 8.85  ? 6   ALA A N   1 
ATOM   33  C  CA  . ALA A 1 6  ? -7.308  -0.221  -7.947  1.00 8.55  ? 6   ALA A CA  1 
ATOM   34  C  C   . ALA A 1 6  ? -6.943  -1.701  -7.725  1.00 7.52  ? 6   ALA A C   1 
ATOM   35  O  O   . ALA A 1 6  ? -7.634  -2.568  -8.248  1.00 8.59  ? 6   ALA A O   1 
ATOM   36  C  CB  . ALA A 1 6  ? -8.474  0.137   -7.039  1.00 9.59  ? 6   ALA A CB  1 
ATOM   37  N  N   . VAL A 1 7  ? -5.899  -1.954  -6.931  1.00 7.88  ? 7   VAL A N   1 
ATOM   38  C  CA  . VAL A 1 7  ? -5.585  -3.327  -6.575  1.00 6.61  ? 7   VAL A CA  1 
ATOM   39  C  C   . VAL A 1 7  ? -6.739  -3.925  -5.778  1.00 7.05  ? 7   VAL A C   1 
ATOM   40  O  O   . VAL A 1 7  ? -7.206  -3.375  -4.771  1.00 8.79  ? 7   VAL A O   1 
ATOM   41  C  CB  . VAL A 1 7  ? -4.314  -3.369  -5.691  1.00 6.50  ? 7   VAL A CB  1 
ATOM   42  C  CG1 . VAL A 1 7  ? -4.093  -4.762  -5.140  1.00 7.43  ? 7   VAL A CG1 1 
ATOM   43  C  CG2 . VAL A 1 7  ? -3.121  -2.870  -6.471  1.00 7.18  ? 7   VAL A CG2 1 
ATOM   44  N  N   . ALA A 1 8  ? -7.218  -5.067  -6.281  1.00 7.98  ? 8   ALA A N   1 
ATOM   45  C  CA  . ALA A 1 8  ? -8.297  -5.787  -5.628  1.00 7.59  ? 8   ALA A CA  1 
ATOM   46  C  C   . ALA A 1 8  ? -7.736  -6.711  -4.548  1.00 7.40  ? 8   ALA A C   1 
ATOM   47  O  O   . ALA A 1 8  ? -6.666  -7.280  -4.730  1.00 8.01  ? 8   ALA A O   1 
ATOM   48  C  CB  . ALA A 1 8  ? -9.122  -6.585  -6.664  1.00 9.62  ? 8   ALA A CB  1 
ATOM   49  N  N   . ALA A 1 9  ? -8.534  -6.894  -3.492  1.00 8.71  ? 9   ALA A N   1 
ATOM   50  C  CA  . ALA A 1 9  ? -8.053  -7.668  -2.361  1.00 9.36  ? 9   ALA A CA  1 
ATOM   51  C  C   . ALA A 1 9  ? -7.794  -9.104  -2.681  1.00 9.29  ? 9   ALA A C   1 
ATOM   52  O  O   . ALA A 1 9  ? -7.028  -9.719  -1.927  1.00 11.14 ? 9   ALA A O   1 
ATOM   53  C  CB  . ALA A 1 9  ? -9.061  -7.591  -1.219  1.00 10.90 ? 9   ALA A CB  1 
ATOM   54  N  N   . ASP A 1 10 ? -8.398  -9.605  -3.760  1.00 8.05  ? 10  ASP A N   1 
ATOM   55  C  CA  . ASP A 1 10 ? -8.255  -11.002 -4.142  1.00 9.41  ? 10  ASP A CA  1 
ATOM   56  C  C   . ASP A 1 10 ? -7.312  -11.169 -5.315  1.00 7.73  ? 10  ASP A C   1 
ATOM   57  O  O   . ASP A 1 10 ? -7.171  -12.291 -5.807  1.00 10.66 ? 10  ASP A O   1 
ATOM   58  C  CB  . ASP A 1 10 ? -9.604  -11.622 -4.402  1.00 9.77  ? 10  ASP A CB  1 
ATOM   59  C  CG  . ASP A 1 10 ? -10.358 -10.946 -5.528  1.00 10.34 ? 10  ASP A CG  1 
ATOM   60  O  OD1 . ASP A 1 10 ? -9.938  -9.898  -6.060  1.00 11.28 ? 10  ASP A OD1 1 
ATOM   61  O  OD2 . ASP A 1 10 ? -11.449 -11.477 -5.861  1.00 15.14 ? 10  ASP A OD2 1 
ATOM   62  N  N   . ASN A 1 11 ? -6.599  -10.137 -5.714  1.00 7.93  ? 11  ASN A N   1 
ATOM   63  C  CA  . ASN A 1 11 ? -5.553  -10.237 -6.719  1.00 7.53  ? 11  ASN A CA  1 
ATOM   64  C  C   . ASN A 1 11 ? -4.466  -11.136 -6.167  1.00 7.41  ? 11  ASN A C   1 
ATOM   65  O  O   . ASN A 1 11 ? -4.110  -11.065 -4.964  1.00 6.86  ? 11  ASN A O   1 
ATOM   66  C  CB  . ASN A 1 11 ? -5.048  -8.820  -7.006  1.00 9.41  ? 11  ASN A CB  1 
ATOM   67  C  CG  . ASN A 1 11 ? -5.171  -8.635  -8.509  1.00 20.95 ? 11  ASN A CG  1 
ATOM   68  O  OD1 . ASN A 1 11 ? -4.105  -8.403  -9.107  1.00 31.62 ? 11  ASN A OD1 1 
ATOM   69  N  ND2 . ASN A 1 11 ? -6.464  -8.706  -8.846  1.00 26.24 ? 11  ASN A ND2 1 
ATOM   70  N  N   . ALA A 1 12 ? -3.875  -12.035 -6.971  1.00 7.67  ? 12  ALA A N   1 
ATOM   71  C  CA  . ALA A 1 12 ? -2.871  -12.952 -6.471  1.00 7.85  ? 12  ALA A CA  1 
ATOM   72  C  C   . ALA A 1 12 ? -1.689  -12.218 -5.841  1.00 7.14  ? 12  ALA A C   1 
ATOM   73  O  O   . ALA A 1 12 ? -1.162  -12.658 -4.832  1.00 8.47  ? 12  ALA A O   1 
ATOM   74  C  CB  . ALA A 1 12 ? -2.331  -13.826 -7.601  1.00 12.02 ? 12  ALA A CB  1 
ATOM   75  N  N   . THR A 1 13 ? -1.251  -11.099 -6.423  1.00 6.87  ? 13  THR A N   1 
ATOM   76  C  CA  . THR A 1 13 ? -0.142  -10.374 -5.853  1.00 6.89  ? 13  THR A CA  1 
ATOM   77  C  C   . THR A 1 13 ? -0.527  -9.770  -4.517  1.00 6.57  ? 13  THR A C   1 
ATOM   78  O  O   . THR A 1 13 ? 0.245   -9.762  -3.550  1.00 7.64  ? 13  THR A O   1 
ATOM   79  C  CB  . THR A 1 13 ? 0.374   -9.281  -6.825  1.00 7.61  ? 13  THR A CB  1 
ATOM   80  O  OG1 . THR A 1 13 ? 0.636   -9.855  -8.113  1.00 10.06 ? 13  THR A OG1 1 
ATOM   81  C  CG2 . THR A 1 13 ? 1.637   -8.655  -6.252  1.00 9.11  ? 13  THR A CG2 1 
ATOM   82  N  N   . ALA A 1 14 ? -1.729  -9.202  -4.436  1.00 6.25  ? 14  ALA A N   1 
ATOM   83  C  CA  . ALA A 1 14 ? -2.241  -8.661  -3.191  1.00 6.22  ? 14  ALA A CA  1 
ATOM   84  C  C   . ALA A 1 14 ? -2.214  -9.714  -2.079  1.00 6.33  ? 14  ALA A C   1 
ATOM   85  O  O   . ALA A 1 14 ? -1.771  -9.478  -0.957  1.00 7.70  ? 14  ALA A O   1 
ATOM   86  C  CB  . ALA A 1 14 ? -3.652  -8.096  -3.321  1.00 7.26  ? 14  ALA A CB  1 
ATOM   87  N  N   . ILE A 1 15 ? -2.723  -10.912 -2.380  1.00 6.46  ? 15  ILE A N   1 
ATOM   88  C  CA  . ILE A 1 15 ? -2.757  -11.976 -1.398  1.00 7.25  ? 15  ILE A CA  1 
ATOM   89  C  C   . ILE A 1 15 ? -1.354  -12.370 -0.983  1.00 7.33  ? 15  ILE A C   1 
ATOM   90  O  O   . ILE A 1 15 ? -1.066  -12.547 0.209   1.00 8.83  ? 15  ILE A O   1 
ATOM   91  C  CB  . ILE A 1 15 ? -3.586  -13.158 -1.914  1.00 8.93  ? 15  ILE A CB  1 
ATOM   92  C  CG1 . ILE A 1 15 ? -5.076  -12.763 -1.983  1.00 10.74 ? 15  ILE A CG1 1 
ATOM   93  C  CG2 . ILE A 1 15 ? -3.330  -14.400 -1.063  1.00 13.84 ? 15  ILE A CG2 1 
ATOM   94  C  CD1 . ILE A 1 15 ? -5.949  -13.763 -2.668  1.00 14.08 ? 15  ILE A CD1 1 
ATOM   95  N  N   . ALA A 1 16 ? -0.441  -12.510 -1.949  1.00 7.22  ? 16  ALA A N   1 
ATOM   96  C  CA  . ALA A 1 16 ? 0.936   -12.885 -1.631  1.00 7.91  ? 16  ALA A CA  1 
ATOM   97  C  C   . ALA A 1 16 ? 1.614   -11.834 -0.741  1.00 8.07  ? 16  ALA A C   1 
ATOM   98  O  O   . ALA A 1 16 ? 2.460   -12.172 0.092   1.00 10.26 ? 16  ALA A O   1 
ATOM   99  C  CB  . ALA A 1 16 ? 1.753   -13.084 -2.872  1.00 8.75  ? 16  ALA A CB  1 
ATOM   100 N  N   . LEU A 1 17 ? 1.275   -10.582 -0.960  1.00 7.48  ? 17  LEU A N   1 
ATOM   101 C  CA  . LEU A 1 17 ? 1.885   -9.474  -0.179  1.00 7.48  ? 17  LEU A CA  1 
ATOM   102 C  C   . LEU A 1 17 ? 1.129   -9.114  1.081   1.00 7.81  ? 17  LEU A C   1 
ATOM   103 O  O   . LEU A 1 17 ? 1.562   -8.212  1.812   1.00 8.72  ? 17  LEU A O   1 
ATOM   104 C  CB  . LEU A 1 17 ? 2.046   -8.206  -1.059  1.00 7.44  ? 17  LEU A CB  1 
ATOM   105 C  CG  . LEU A 1 17 ? 3.074   -8.316  -2.188  1.00 7.74  ? 17  LEU A CG  1 
ATOM   106 C  CD1 . LEU A 1 17 ? 3.067   -7.015  -2.979  1.00 10.61 ? 17  LEU A CD1 1 
ATOM   107 C  CD2 . LEU A 1 17 ? 4.483   -8.629  -1.684  1.00 10.33 ? 17  LEU A CD2 1 
ATOM   108 N  N   . LYS A 1 18 ? 0.008   -9.789  1.356   1.00 7.78  ? 18  LYS A N   1 
ATOM   109 C  CA  . LYS A 1 18 ? -0.829  -9.444  2.509   1.00 8.34  ? 18  LYS A CA  1 
ATOM   110 C  C   . LYS A 1 18 ? -1.275  -7.976  2.417   1.00 7.96  ? 18  LYS A C   1 
ATOM   111 O  O   . LYS A 1 18 ? -1.369  -7.272  3.429   1.00 8.78  ? 18  LYS A O   1 
ATOM   112 C  CB  . LYS A 1 18 ? -0.088  -9.716  3.839   1.00 10.02 ? 18  LYS A CB  1 
ATOM   113 C  CG  . LYS A 1 18 ? 0.142   -11.223 4.022   1.00 15.13 ? 18  LYS A CG  1 
ATOM   114 C  CD  . LYS A 1 18 ? 0.832   -11.498 5.328   1.00 19.31 ? 18  LYS A CD  1 
ATOM   115 C  CE  . LYS A 1 18 ? 0.967   -13.027 5.484   1.00 21.49 ? 18  LYS A CE  1 
ATOM   116 N  NZ  . LYS A 1 18 ? 0.787   -13.428 6.899   1.00 25.97 ? 18  LYS A NZ  1 
ATOM   117 N  N   . TYR A 1 19 ? -1.549  -7.495  1.209   1.00 7.72  ? 19  TYR A N   1 
ATOM   118 C  CA  . TYR A 1 19 ? -2.066  -6.151  1.054   1.00 6.93  ? 19  TYR A CA  1 
ATOM   119 C  C   . TYR A 1 19 ? -3.483  -6.056  1.566   1.00 7.30  ? 19  TYR A C   1 
ATOM   120 O  O   . TYR A 1 19 ? -4.333  -6.915  1.298   1.00 8.89  ? 19  TYR A O   1 
ATOM   121 C  CB  . TYR A 1 19 ? -2.057  -5.795  -0.447  1.00 6.50  ? 19  TYR A CB  1 
ATOM   122 C  CG  . TYR A 1 19 ? -2.718  -4.472  -0.783  1.00 6.37  ? 19  TYR A CG  1 
ATOM   123 C  CD1 . TYR A 1 19 ? -2.132  -3.245  -0.494  1.00 6.77  ? 19  TYR A CD1 1 
ATOM   124 C  CD2 . TYR A 1 19 ? -3.971  -4.449  -1.393  1.00 6.79  ? 19  TYR A CD2 1 
ATOM   125 C  CE1 . TYR A 1 19 ? -2.746  -2.050  -0.795  1.00 5.94  ? 19  TYR A CE1 1 
ATOM   126 C  CE2 . TYR A 1 19 ? -4.597  -3.270  -1.697  1.00 6.89  ? 19  TYR A CE2 1 
ATOM   127 C  CZ  . TYR A 1 19 ? -3.989  -2.063  -1.408  1.00 6.00  ? 19  TYR A CZ  1 
ATOM   128 O  OH  . TYR A 1 19 ? -4.597  -0.904  -1.709  1.00 6.94  ? 19  TYR A OH  1 
ATOM   129 N  N   . ASN A 1 20 ? -3.760  -4.954  2.243   1.00 6.79  ? 20  ASN A N   1 
ATOM   130 C  CA  . ASN A 1 20 ? -5.111  -4.549  2.610   1.00 7.07  ? 20  ASN A CA  1 
ATOM   131 C  C   . ASN A 1 20 ? -5.208  -3.044  2.303   1.00 7.06  ? 20  ASN A C   1 
ATOM   132 O  O   . ASN A 1 20 ? -4.357  -2.301  2.784   1.00 7.60  ? 20  ASN A O   1 
ATOM   133 C  CB  . ASN A 1 20 ? -5.401  -4.833  4.083   1.00 8.51  ? 20  ASN A CB  1 
ATOM   134 C  CG  . ASN A 1 20 ? -6.896  -4.834  4.371   1.00 9.80  ? 20  ASN A CG  1 
ATOM   135 O  OD1 . ASN A 1 20 ? -7.620  -3.922  4.021   1.00 9.34  ? 20  ASN A OD1 1 
ATOM   136 N  ND2 . ASN A 1 20 ? -7.336  -5.908  5.012   1.00 14.94 ? 20  ASN A ND2 1 
ATOM   137 N  N   . GLN A 1 21 ? -6.240  -2.640  1.597   1.00 6.99  ? 21  GLN A N   1 
ATOM   138 C  CA  . GLN A 1 21 ? -6.388  -1.213  1.263   1.00 7.89  ? 21  GLN A CA  1 
ATOM   139 C  C   . GLN A 1 21 ? -6.730  -0.390  2.498   1.00 6.48  ? 21  GLN A C   1 
ATOM   140 O  O   . GLN A 1 21 ? -6.668  0.818   2.399   1.00 7.13  ? 21  GLN A O   1 
ATOM   141 C  CB  . GLN A 1 21 ? -7.366  -1.047  0.115   1.00 9.25  ? 21  GLN A CB  1 
ATOM   142 C  CG  . GLN A 1 21 ? -8.807  -1.320  0.531   1.00 9.82  ? 21  GLN A CG  1 
ATOM   143 C  CD  . GLN A 1 21 ? -9.670  -1.267  -0.707  1.00 10.98 ? 21  GLN A CD  1 
ATOM   144 O  OE1 . GLN A 1 21 ? -9.302  -0.682  -1.747  1.00 12.97 ? 21  GLN A OE1 1 
ATOM   145 N  NE2 . GLN A 1 21 ? -10.830 -1.856  -0.638  1.00 21.14 ? 21  GLN A NE2 1 
ATOM   146 N  N   . ASP A 1 22 ? -7.081  -1.047  3.618   1.00 6.51  ? 22  ASP A N   1 
ATOM   147 C  CA  . ASP A 1 22 ? -7.309  -0.383  4.897   1.00 6.36  ? 22  ASP A CA  1 
ATOM   148 C  C   . ASP A 1 22 ? -6.263  -0.936  5.883   1.00 6.44  ? 22  ASP A C   1 
ATOM   149 O  O   . ASP A 1 22 ? -6.371  -2.053  6.367   1.00 6.85  ? 22  ASP A O   1 
ATOM   150 C  CB  . ASP A 1 22 ? -8.728  -0.627  5.363   1.00 8.22  ? 22  ASP A CB  1 
ATOM   151 C  CG  . ASP A 1 22 ? -9.060  -0.091  6.760   1.00 9.52  ? 22  ASP A CG  1 
ATOM   152 O  OD1 . ASP A 1 22 ? -8.124  0.353   7.481   1.00 10.09 ? 22  ASP A OD1 1 
ATOM   153 O  OD2 . ASP A 1 22 ? -10.276 -0.073  7.069   1.00 10.57 ? 22  ASP A OD2 1 
ATOM   154 N  N   . ALA A 1 23 ? -5.218  -0.143  6.129   1.00 6.26  ? 23  ALA A N   1 
ATOM   155 C  CA  . ALA A 1 23 ? -4.127  -0.631  6.998   1.00 6.72  ? 23  ALA A CA  1 
ATOM   156 C  C   . ALA A 1 23 ? -4.630  -1.075  8.371   1.00 7.42  ? 23  ALA A C   1 
ATOM   157 O  O   . ALA A 1 23 ? -3.991  -1.919  9.020   1.00 8.53  ? 23  ALA A O   1 
ATOM   158 C  CB  . ALA A 1 23 ? -3.078  0.456   7.140   1.00 7.16  ? 23  ALA A CB  1 
ATOM   159 N  N   . THR A 1 24 ? -5.717  -0.479  8.869   1.00 8.28  ? 24  THR A N   1 
ATOM   160 C  CA  . THR A 1 24 ? -6.168  -0.842  10.202  1.00 10.59 ? 24  THR A CA  1 
ATOM   161 C  C   . THR A 1 24 ? -6.656  -2.282  10.225  1.00 12.29 ? 24  THR A C   1 
ATOM   162 O  O   . THR A 1 24 ? -6.761  -2.875  11.328  1.00 18.82 ? 24  THR A O   1 
ATOM   163 C  CB  . THR A 1 24 ? -7.262  0.120   10.736  1.00 11.42 ? 24  THR A CB  1 
ATOM   164 O  OG1 . THR A 1 24 ? -8.469  -0.103  10.024  1.00 11.88 ? 24  THR A OG1 1 
ATOM   165 C  CG2 . THR A 1 24 ? -6.819  1.566   10.604  1.00 11.51 ? 24  THR A CG2 1 
ATOM   166 N  N   . LYS A 1 25 ? -6.964  -2.846  9.079   1.00 11.23 ? 25  LYS A N   1 
ATOM   167 C  CA  . LYS A 1 25 ? -7.461  -4.223  8.990   1.00 12.46 ? 25  LYS A CA  1 
ATOM   168 C  C   . LYS A 1 25 ? -6.331  -5.167  8.637   1.00 11.85 ? 25  LYS A C   1 
ATOM   169 O  O   . LYS A 1 25 ? -6.525  -6.375  8.521   1.00 12.66 ? 25  LYS A O   1 
ATOM   170 C  CB  . LYS A 1 25 ? -8.639  -4.331  8.019   1.00 15.48 ? 25  LYS A CB  1 
ATOM   171 C  CG  . LYS A 1 25 ? -9.887  -3.586  8.458   1.00 20.69 ? 25  LYS A CG  1 
ATOM   172 C  CD  . LYS A 1 25 ? -11.150 -3.916  7.703   1.00 25.55 ? 25  LYS A CD  1 
ATOM   173 C  CE  . LYS A 1 25 ? -10.974 -4.381  6.269   1.00 28.62 ? 25  LYS A CE  1 
ATOM   174 N  NZ  . LYS A 1 25 ? -12.045 -3.954  5.294   1.00 19.25 ? 25  LYS A NZ  1 
ATOM   175 N  N   . SER A 1 26 ? -5.120  -4.704  8.433   1.00 9.18  ? 26  SER A N   1 
ATOM   176 C  CA  . SER A 1 26 ? -3.989  -5.464  7.947   1.00 8.31  ? 26  SER A CA  1 
ATOM   177 C  C   . SER A 1 26 ? -3.262  -6.160  9.098   1.00 8.76  ? 26  SER A C   1 
ATOM   178 O  O   . SER A 1 26 ? -3.629  -5.982  10.278  1.00 9.60  ? 26  SER A O   1 
ATOM   179 C  CB  . SER A 1 26 ? -2.995  -4.560  7.228   1.00 8.29  ? 26  SER A CB  1 
ATOM   180 O  OG  . SER A 1 26 ? -2.253  -3.760  8.107   1.00 8.46  ? 26  SER A OG  1 
ATOM   181 N  N   . GLU A 1 27 ? -2.256  -6.907  8.741   1.00 8.30  ? 27  GLU A N   1 
ATOM   182 C  CA  . GLU A 1 27 ? -1.426  -7.594  9.732   1.00 8.85  ? 27  GLU A CA  1 
ATOM   183 C  C   . GLU A 1 27 ? -0.214  -6.820  10.155  1.00 8.54  ? 27  GLU A C   1 
ATOM   184 O  O   . GLU A 1 27 ? 0.768   -7.339  10.645  1.00 10.22 ? 27  GLU A O   1 
ATOM   185 C  CB  . GLU A 1 27 ? -1.000  -8.965  9.148   1.00 12.01 ? 27  GLU A CB  1 
ATOM   186 C  CG  . GLU A 1 27 ? -2.238  -9.852  8.946   1.00 15.33 ? 27  GLU A CG  1 
ATOM   187 C  CD  . GLU A 1 27 ? -2.014  -11.272 8.464   1.00 16.53 ? 27  GLU A CD  1 
ATOM   188 O  OE1 . GLU A 1 27 ? -0.855  -11.703 8.334   1.00 19.08 ? 27  GLU A OE1 1 
ATOM   189 O  OE2 . GLU A 1 27 ? -3.033  -11.981 8.208   1.00 19.54 ? 27  GLU A OE2 1 
ATOM   190 N  N   . ARG A 1 28 ? -0.216  -5.502  10.111  1.00 8.48  ? 28  ARG A N   1 
ATOM   191 C  CA  . ARG A 1 28 ? 0.910   -4.612  10.303  1.00 8.46  ? 28  ARG A CA  1 
ATOM   192 C  C   . ARG A 1 28 ? 1.447   -4.727  11.735  1.00 8.74  ? 28  ARG A C   1 
ATOM   193 O  O   . ARG A 1 28 ? 2.657   -4.682  11.951  1.00 9.77  ? 28  ARG A O   1 
ATOM   194 C  CB  . ARG A 1 28 ? 0.603   -3.162  9.915   1.00 8.09  ? 28  ARG A CB  1 
ATOM   195 C  CG  . ARG A 1 28 ? -0.427  -2.424  10.755  1.00 8.72  ? 28  ARG A CG  1 
ATOM   196 C  CD  . ARG A 1 28 ? -0.748  -1.092  10.097  1.00 8.06  ? 28  ARG A CD  1 
ATOM   197 N  NE  . ARG A 1 28 ? -1.821  -0.462  10.860  1.00 8.62  ? 28  ARG A NE  1 
ATOM   198 C  CZ  . ARG A 1 28 ? -2.174  0.816   10.812  1.00 8.84  ? 28  ARG A CZ  1 
ATOM   199 N  NH1 . ARG A 1 28 ? -1.505  1.618   10.022  1.00 8.32  ? 28  ARG A NH1 1 
ATOM   200 N  NH2 . ARG A 1 28 ? -3.174  1.223   11.567  1.00 11.46 ? 28  ARG A NH2 1 
ATOM   201 N  N   . VAL A 1 29 ? 0.555   -4.824  12.702  1.00 9.40  ? 29  VAL A N   1 
ATOM   202 C  CA  . VAL A 1 29 ? 1.029   -4.899  14.108  1.00 11.03 ? 29  VAL A CA  1 
ATOM   203 C  C   . VAL A 1 29 ? 1.822   -6.170  14.301  1.00 11.39 ? 29  VAL A C   1 
ATOM   204 O  O   . VAL A 1 29 ? 2.929   -6.182  14.853  1.00 13.17 ? 29  VAL A O   1 
ATOM   205 C  CB  . VAL A 1 29 ? -0.102  -4.726  15.125  1.00 11.22 ? 29  VAL A CB  1 
ATOM   206 C  CG1 . VAL A 1 29 ? -1.363  -5.524  15.029  1.00 28.49 ? 29  VAL A CG1 1 
ATOM   207 C  CG2 . VAL A 1 29 ? 0.422   -5.024  16.534  1.00 13.95 ? 29  VAL A CG2 1 
ATOM   208 N  N   . ALA A 1 30 ? 1.281   -7.302  13.821  1.00 11.12 ? 30  ALA A N   1 
ATOM   209 C  CA  . ALA A 1 30 ? 2.005   -8.564  13.938  1.00 10.82 ? 30  ALA A CA  1 
ATOM   210 C  C   . ALA A 1 30 ? 3.281   -8.600  13.133  1.00 11.03 ? 30  ALA A C   1 
ATOM   211 O  O   . ALA A 1 30 ? 4.275   -9.203  13.544  1.00 11.44 ? 30  ALA A O   1 
ATOM   212 C  CB  . ALA A 1 30 ? 1.045   -9.703  13.513  1.00 12.59 ? 30  ALA A CB  1 
ATOM   213 N  N   . ALA A 1 31 ? 3.278   -7.961  11.959  1.00 10.38 ? 31  ALA A N   1 
ATOM   214 C  CA  . ALA A 1 31 ? 4.461   -7.987  11.124  1.00 10.63 ? 31  ALA A CA  1 
ATOM   215 C  C   . ALA A 1 31 ? 5.619   -7.173  11.703  1.00 10.25 ? 31  ALA A C   1 
ATOM   216 O  O   . ALA A 1 31 ? 6.777   -7.535  11.464  1.00 11.79 ? 31  ALA A O   1 
ATOM   217 C  CB  . ALA A 1 31 ? 4.198   -7.508  9.685   1.00 11.21 ? 31  ALA A CB  1 
ATOM   218 N  N   . ALA A 1 32 ? 5.328   -6.108  12.456  1.00 10.52 ? 32  ALA A N   1 
ATOM   219 C  CA  . ALA A 1 32 ? 6.310   -5.325  13.180  1.00 11.16 ? 32  ALA A CA  1 
ATOM   220 C  C   . ALA A 1 32 ? 7.513   -4.998  12.291  1.00 10.04 ? 32  ALA A C   1 
ATOM   221 O  O   . ALA A 1 32 ? 8.651   -5.196  12.675  1.00 11.28 ? 32  ALA A O   1 
ATOM   222 C  CB  . ALA A 1 32 ? 6.766   -6.033  14.453  1.00 13.63 ? 32  ALA A CB  1 
ATOM   223 N  N   . ARG A 1 33 ? 7.227   -4.491  11.093  1.00 9.32  ? 33  ARG A N   1 
ATOM   224 C  CA  . ARG A 1 33 ? 8.315   -4.051  10.192  1.00 8.63  ? 33  ARG A CA  1 
ATOM   225 C  C   . ARG A 1 33 ? 9.077   -2.890  10.791  1.00 8.48  ? 33  ARG A C   1 
ATOM   226 O  O   . ARG A 1 33 ? 8.479   -2.088  11.548  1.00 8.77  ? 33  ARG A O   1 
ATOM   227 C  CB  . ARG A 1 33 ? 7.757   -3.683  8.830   1.00 9.33  ? 33  ARG A CB  1 
ATOM   228 C  CG  . ARG A 1 33 ? 6.873   -4.733  8.181   1.00 14.23 ? 33  ARG A CG  1 
ATOM   229 C  CD  . ARG A 1 33 ? 7.504   -5.638  7.240   1.00 17.01 ? 33  ARG A CD  1 
ATOM   230 N  NE  . ARG A 1 33 ? 8.107   -4.999  6.062   1.00 15.00 ? 33  ARG A NE  1 
ATOM   231 C  CZ  . ARG A 1 33 ? 8.997   -5.615  5.328   1.00 13.65 ? 33  ARG A CZ  1 
ATOM   232 N  NH1 . ARG A 1 33 ? 9.418   -6.873  5.572   1.00 17.78 ? 33  ARG A NH1 1 
ATOM   233 N  NH2 . ARG A 1 33 ? 9.514   -5.025  4.286   1.00 13.92 ? 33  ARG A NH2 1 
ATOM   234 N  N   . PRO A 1 34 ? 10.360  -2.759  10.518  1.00 9.07  ? 34  PRO A N   1 
ATOM   235 C  CA  . PRO A 1 34 ? 11.206  -1.795  11.232  1.00 9.53  ? 34  PRO A CA  1 
ATOM   236 C  C   . PRO A 1 34 ? 10.972  -0.356  10.821  1.00 8.25  ? 34  PRO A C   1 
ATOM   237 O  O   . PRO A 1 34 ? 10.544  -0.010  9.715   1.00 8.69  ? 34  PRO A O   1 
ATOM   238 C  CB  . PRO A 1 34 ? 12.639  -2.257  10.827  1.00 11.00 ? 34  PRO A CB  1 
ATOM   239 C  CG  . PRO A 1 34 ? 12.475  -2.881  9.498   1.00 11.29 ? 34  PRO A CG  1 
ATOM   240 C  CD  . PRO A 1 34 ? 11.182  -3.595  9.610   1.00 9.83  ? 34  PRO A CD  1 
ATOM   241 N  N   . GLY A 1 35 ? 11.324  0.541   11.768  1.00 8.56  ? 35  GLY A N   1 
ATOM   242 C  CA  . GLY A 1 35 ? 11.514  1.943   11.456  1.00 8.94  ? 35  GLY A CA  1 
ATOM   243 C  C   . GLY A 1 35 ? 10.418  2.847   11.960  1.00 9.21  ? 35  GLY A C   1 
ATOM   244 O  O   . GLY A 1 35 ? 10.691  4.054   12.013  1.00 10.63 ? 35  GLY A O   1 
ATOM   245 N  N   . LEU A 1 36 ? 9.254   2.309   12.315  1.00 9.56  ? 36  LEU A N   1 
ATOM   246 C  CA  . LEU A 1 36 ? 8.109   3.153   12.624  1.00 10.04 ? 36  LEU A CA  1 
ATOM   247 C  C   . LEU A 1 36 ? 7.121   2.291   13.385  1.00 9.98  ? 36  LEU A C   1 
ATOM   248 O  O   . LEU A 1 36 ? 6.946   1.116   13.041  1.00 9.49  ? 36  LEU A O   1 
ATOM   249 C  CB  . LEU A 1 36 ? 7.444   3.677   11.331  1.00 10.06 ? 36  LEU A CB  1 
ATOM   250 C  CG  . LEU A 1 36 ? 6.334   4.696   11.436  1.00 10.20 ? 36  LEU A CG  1 
ATOM   251 C  CD1 . LEU A 1 36 ? 6.851   6.070   11.894  1.00 13.47 ? 36  LEU A CD1 1 
ATOM   252 C  CD2 . LEU A 1 36 ? 5.594   4.868   10.113  1.00 10.91 ? 36  LEU A CD2 1 
ATOM   253 N  N   . PRO A 1 37 ? 6.454   2.801   14.416  1.00 11.08 ? 37  PRO A N   1 
ATOM   254 C  CA  . PRO A 1 37 ? 5.398   2.007   15.096  1.00 10.48 ? 37  PRO A CA  1 
ATOM   255 C  C   . PRO A 1 37 ? 4.400   1.431   14.076  1.00 9.20  ? 37  PRO A C   1 
ATOM   256 O  O   . PRO A 1 37 ? 3.991   2.151   13.166  1.00 8.79  ? 37  PRO A O   1 
ATOM   257 C  CB  . PRO A 1 37 ? 4.774   3.008   16.064  1.00 13.27 ? 37  PRO A CB  1 
ATOM   258 C  CG  . PRO A 1 37 ? 5.917   3.939   16.383  1.00 14.34 ? 37  PRO A CG  1 
ATOM   259 C  CD  . PRO A 1 37 ? 6.607   4.122   15.034  1.00 12.79 ? 37  PRO A CD  1 
ATOM   260 N  N   . PRO A 1 38 ? 4.071   0.177   14.171  1.00 9.61  ? 38  PRO A N   1 
ATOM   261 C  CA  . PRO A 1 38 ? 3.238   -0.427  13.098  1.00 9.26  ? 38  PRO A CA  1 
ATOM   262 C  C   . PRO A 1 38 ? 1.927   0.295   12.853  1.00 8.84  ? 38  PRO A C   1 
ATOM   263 O  O   . PRO A 1 38 ? 1.506   0.301   11.703  1.00 9.00  ? 38  PRO A O   1 
ATOM   264 C  CB  . PRO A 1 38 ? 3.046   -1.852  13.582  1.00 11.82 ? 38  PRO A CB  1 
ATOM   265 C  CG  . PRO A 1 38 ? 4.343   -2.127  14.254  1.00 15.05 ? 38  PRO A CG  1 
ATOM   266 C  CD  . PRO A 1 38 ? 4.535   -0.885  15.100  1.00 13.56 ? 38  PRO A CD  1 
ATOM   267 N  N   . GLU A 1 39 ? 1.302   0.842   13.880  1.00 9.00  ? 39  GLU A N   1 
ATOM   268 C  CA  . GLU A 1 39 ? 0.010   1.487   13.712  1.00 11.27 ? 39  GLU A CA  1 
ATOM   269 C  C   . GLU A 1 39 ? 0.086   2.807   12.976  1.00 10.42 ? 39  GLU A C   1 
ATOM   270 O  O   . GLU A 1 39 ? -0.969  3.404   12.712  1.00 11.73 ? 39  GLU A O   1 
ATOM   271 C  CB  . GLU A 1 39 ? -0.683  1.637   15.072  1.00 12.98 ? 39  GLU A CB  1 
ATOM   272 C  CG  . GLU A 1 39 ? -0.990  0.320   15.769  1.00 16.54 ? 39  GLU A CG  1 
ATOM   273 C  CD  . GLU A 1 39 ? -2.423  -0.094  15.612  1.00 20.77 ? 39  GLU A CD  1 
ATOM   274 O  OE1 . GLU A 1 39 ? -3.072  0.219   14.584  1.00 34.95 ? 39  GLU A OE1 1 
ATOM   275 O  OE2 . GLU A 1 39 ? -2.899  -0.742  16.560  1.00 29.23 ? 39  GLU A OE2 1 
ATOM   276 N  N   . GLU A 1 40 ? 1.287   3.232   12.616  1.00 9.70  ? 40  GLU A N   1 
ATOM   277 C  CA  . GLU A 1 40 ? 1.485   4.394   11.759  1.00 9.68  ? 40  GLU A CA  1 
ATOM   278 C  C   . GLU A 1 40 ? 1.917   4.016   10.352  1.00 8.46  ? 40  GLU A C   1 
ATOM   279 O  O   . GLU A 1 40 ? 2.036   4.905   9.507   1.00 9.81  ? 40  GLU A O   1 
ATOM   280 C  CB  . GLU A 1 40 ? 2.542   5.318   12.394  1.00 10.69 ? 40  GLU A CB  1 
ATOM   281 C  CG  . GLU A 1 40 ? 2.042   5.875   13.723  1.00 13.60 ? 40  GLU A CG  1 
ATOM   282 C  CD  . GLU A 1 40 ? 3.084   6.644   14.461  1.00 17.14 ? 40  GLU A CD  1 
ATOM   283 O  OE1 . GLU A 1 40 ? 4.166   6.948   13.937  1.00 20.66 ? 40  GLU A OE1 1 
ATOM   284 O  OE2 . GLU A 1 40 ? 2.746   6.938   15.626  1.00 24.88 ? 40  GLU A OE2 1 
ATOM   285 N  N   . GLN A 1 41 ? 2.138   2.741   10.055  1.00 7.60  ? 41  GLN A N   1 
ATOM   286 C  CA  . GLN A 1 41 ? 2.620   2.308   8.737   1.00 7.27  ? 41  GLN A CA  1 
ATOM   287 C  C   . GLN A 1 41 ? 1.476   2.255   7.733   1.00 7.22  ? 41  GLN A C   1 
ATOM   288 O  O   . GLN A 1 41 ? 0.479   1.596   8.012   1.00 7.67  ? 41  GLN A O   1 
ATOM   289 C  CB  . GLN A 1 41 ? 3.263   0.933   8.836   1.00 6.74  ? 41  GLN A CB  1 
ATOM   290 C  CG  . GLN A 1 41 ? 4.519   0.927   9.730   1.00 6.72  ? 41  GLN A CG  1 
ATOM   291 C  CD  . GLN A 1 41 ? 5.077   -0.464  9.863   1.00 7.14  ? 41  GLN A CD  1 
ATOM   292 O  OE1 . GLN A 1 41 ? 4.660   -1.431  9.210   1.00 7.30  ? 41  GLN A OE1 1 
ATOM   293 N  NE2 . GLN A 1 41 ? 6.017   -0.595  10.816  1.00 7.71  ? 41  GLN A NE2 1 
ATOM   294 N  N   . GLN A 1 42 ? 1.672   2.886   6.602   1.00 7.04  ? 42  GLN A N   1 
ATOM   295 C  CA  . GLN A 1 42 ? 0.666   2.833   5.531   1.00 7.17  ? 42  GLN A CA  1 
ATOM   296 C  C   . GLN A 1 42 ? 1.366   3.152   4.208   1.00 6.57  ? 42  GLN A C   1 
ATOM   297 O  O   . GLN A 1 42 ? 2.516   3.581   4.183   1.00 7.42  ? 42  GLN A O   1 
ATOM   298 C  CB  . GLN A 1 42 ? -0.496  3.767   5.821   1.00 9.07  ? 42  GLN A CB  1 
ATOM   299 C  CG  . GLN A 1 42 ? -0.068  5.226   5.988   1.00 11.19 ? 42  GLN A CG  1 
ATOM   300 C  CD  . GLN A 1 42 ? -1.345  6.019   6.304   1.00 13.17 ? 42  GLN A CD  1 
ATOM   301 O  OE1 . GLN A 1 42 ? -2.064  6.451   5.392   1.00 12.83 ? 42  GLN A OE1 1 
ATOM   302 N  NE2 . GLN A 1 42 ? -1.726  6.132   7.559   1.00 20.70 ? 42  GLN A NE2 1 
ATOM   303 N  N   . CYS A 1 43 ? 0.629   2.943   3.109   1.00 6.56  ? 43  CYS A N   1 
ATOM   304 C  CA  . CYS A 1 43 ? 1.264   3.178   1.815   1.00 5.98  ? 43  CYS A CA  1 
ATOM   305 C  C   . CYS A 1 43 ? 1.818   4.608   1.713   1.00 6.66  ? 43  CYS A C   1 
ATOM   306 O  O   . CYS A 1 43 ? 2.880   4.822   1.108   1.00 6.98  ? 43  CYS A O   1 
ATOM   307 C  CB  . CYS A 1 43 ? 0.284   2.925   0.679   1.00 6.05  ? 43  CYS A CB  1 
ATOM   308 S  SG  . CYS A 1 43 ? -0.273  1.204   0.585   1.00 5.99  ? 43  CYS A SG  1 
ATOM   309 N  N   . ALA A 1 44 ? 1.147   5.596   2.336   1.00 7.33  ? 44  ALA A N   1 
ATOM   310 C  CA  . ALA A 1 44 ? 1.551   6.962   2.247   1.00 8.12  ? 44  ALA A CA  1 
ATOM   311 C  C   . ALA A 1 44 ? 2.992   7.178   2.679   1.00 8.50  ? 44  ALA A C   1 
ATOM   312 O  O   . ALA A 1 44 ? 3.639   8.107   2.189   1.00 10.74 ? 44  ALA A O   1 
ATOM   313 C  CB  . ALA A 1 44 ? 0.634   7.868   3.108   1.00 11.75 ? 44  ALA A CB  1 
ATOM   314 N  N   . ASN A 1 45 ? 3.518   6.391   3.639   1.00 7.29  ? 45  ASN A N   1 
ATOM   315 C  CA  . ASN A 1 45 ? 4.890   6.592   4.144   1.00 7.51  ? 45  ASN A CA  1 
ATOM   316 C  C   . ASN A 1 45 ? 5.803   5.446   3.724   1.00 7.56  ? 45  ASN A C   1 
ATOM   317 O  O   . ASN A 1 45 ? 6.837   5.229   4.383   1.00 10.43 ? 45  ASN A O   1 
ATOM   318 C  CB  . ASN A 1 45 ? 4.918   6.866   5.629   1.00 8.65  ? 45  ASN A CB  1 
ATOM   319 C  CG  . ASN A 1 45 ? 4.139   5.907   6.482   1.00 7.89  ? 45  ASN A CG  1 
ATOM   320 O  OD1 . ASN A 1 45 ? 4.072   4.729   6.191   1.00 9.24  ? 45  ASN A OD1 1 
ATOM   321 N  ND2 . ASN A 1 45 ? 3.590   6.370   7.598   1.00 10.97 ? 45  ASN A ND2 1 
ATOM   322 N  N   . CYS A 1 46 ? 5.458   4.752   2.660   1.00 7.43  ? 46  CYS A N   1 
ATOM   323 C  CA  . CYS A 1 46 ? 6.228   3.627   2.161   1.00 6.90  ? 46  CYS A CA  1 
ATOM   324 C  C   . CYS A 1 46 ? 7.138   4.042   1.001   1.00 7.67  ? 46  CYS A C   1 
ATOM   325 O  O   . CYS A 1 46 ? 6.792   4.796   0.089   1.00 8.24  ? 46  CYS A O   1 
ATOM   326 C  CB  . CYS A 1 46 ? 5.273   2.532   1.643   1.00 7.38  ? 46  CYS A CB  1 
ATOM   327 S  SG  . CYS A 1 46 ? 6.115   1.051   1.047   1.00 6.80  ? 46  CYS A SG  1 
ATOM   328 N  N   . GLN A 1 47 ? 8.340   3.454   1.018   1.00 7.55  ? 47  GLN A N   1 
ATOM   329 C  CA  . GLN A 1 47 ? 9.325   3.650   -0.006  1.00 7.92  ? 47  GLN A CA  1 
ATOM   330 C  C   . GLN A 1 47 ? 8.830   3.303   -1.400  1.00 8.05  ? 47  GLN A C   1 
ATOM   331 O  O   . GLN A 1 47 ? 9.265   3.930   -2.363  1.00 9.72  ? 47  GLN A O   1 
ATOM   332 C  CB  . GLN A 1 47 ? 10.529  2.761   0.405   1.00 10.29 ? 47  GLN A CB  1 
ATOM   333 C  CG  . GLN A 1 47 ? 11.870  2.882   -0.190  1.00 16.62 ? 47  GLN A CG  1 
ATOM   334 C  CD  . GLN A 1 47 ? 12.895  3.505   0.810   1.00 20.53 ? 47  GLN A CD  1 
ATOM   335 O  OE1 . GLN A 1 47 ? 12.754  4.762   0.831   1.00 13.09 ? 47  GLN A OE1 1 
ATOM   336 N  NE2 . GLN A 1 47 ? 13.880  2.947   1.608   1.00 19.47 ? 47  GLN A NE2 1 
ATOM   337 N  N   . PHE A 1 48 ? 7.940   2.320   -1.526  1.00 7.83  ? 48  PHE A N   1 
ATOM   338 C  CA  . PHE A 1 48 ? 7.503   1.821   -2.825  1.00 7.80  ? 48  PHE A CA  1 
ATOM   339 C  C   . PHE A 1 48 ? 6.360   2.625   -3.407  1.00 7.48  ? 48  PHE A C   1 
ATOM   340 O  O   . PHE A 1 48 ? 6.002   2.398   -4.571  1.00 7.97  ? 48  PHE A O   1 
ATOM   341 C  CB  . PHE A 1 48 ? 7.161   0.345   -2.727  1.00 8.38  ? 48  PHE A CB  1 
ATOM   342 C  CG  . PHE A 1 48 ? 8.350   -0.568  -2.570  1.00 10.52 ? 48  PHE A CG  1 
ATOM   343 C  CD1 . PHE A 1 48 ? 9.320   -0.698  -3.520  1.00 13.87 ? 48  PHE A CD1 1 
ATOM   344 C  CD2 . PHE A 1 48 ? 8.400   -1.336  -1.420  1.00 12.21 ? 48  PHE A CD2 1 
ATOM   345 C  CE1 . PHE A 1 48 ? 10.390  -1.595  -3.373  1.00 15.72 ? 48  PHE A CE1 1 
ATOM   346 C  CE2 . PHE A 1 48 ? 9.430   -2.218  -1.226  1.00 14.94 ? 48  PHE A CE2 1 
ATOM   347 C  CZ  . PHE A 1 48 ? 10.382  -2.382  -2.245  1.00 16.19 ? 48  PHE A CZ  1 
ATOM   348 N  N   . MET A 1 49 ? 5.718   3.491   -2.650  1.00 7.74  ? 49  MET A N   1 
ATOM   349 C  CA  . MET A 1 49 ? 4.584   4.264   -3.191  1.00 7.80  ? 49  MET A CA  1 
ATOM   350 C  C   . MET A 1 49 ? 5.079   5.216   -4.271  1.00 8.31  ? 49  MET A C   1 
ATOM   351 O  O   . MET A 1 49 ? 6.158   5.805   -4.201  1.00 10.40 ? 49  MET A O   1 
ATOM   352 C  CB  . MET A 1 49 ? 3.907   4.983   -2.037  1.00 8.64  ? 49  MET A CB  1 
ATOM   353 C  CG  . MET A 1 49 ? 2.548   5.622   -2.426  1.00 10.14 ? 49  MET A CG  1 
ATOM   354 S  SD  . MET A 1 49 ? 2.793   7.308   -3.018  1.00 18.48 ? 49  MET A SD  1 
ATOM   355 C  CE  . MET A 1 49 ? 2.639   8.170   -1.451  1.00 32.23 ? 49  MET A CE  1 
ATOM   356 N  N   . GLN A 1 50 ? 4.292   5.353   -5.364  1.00 8.03  ? 50  GLN A N   1 
ATOM   357 C  CA  . GLN A 1 50 ? 4.592   6.160   -6.523  1.00 8.93  ? 50  GLN A CA  1 
ATOM   358 C  C   . GLN A 1 50 ? 3.425   7.135   -6.725  1.00 9.85  ? 50  GLN A C   1 
ATOM   359 O  O   . GLN A 1 50 ? 2.397   6.794   -7.304  1.00 9.88  ? 50  GLN A O   1 
ATOM   360 C  CB  . GLN A 1 50 ? 4.764   5.276   -7.746  1.00 9.21  ? 50  GLN A CB  1 
ATOM   361 C  CG  . GLN A 1 50 ? 6.002   4.392   -7.600  1.00 10.80 ? 50  GLN A CG  1 
ATOM   362 C  CD  . GLN A 1 50 ? 6.283   3.389   -8.702  1.00 10.96 ? 50  GLN A CD  1 
ATOM   363 O  OE1 . GLN A 1 50 ? 7.467   3.034   -8.931  1.00 15.36 ? 50  GLN A OE1 1 
ATOM   364 N  NE2 . GLN A 1 50 ? 5.267   2.886   -9.364  1.00 13.19 ? 50  GLN A NE2 1 
ATOM   365 N  N   . ALA A 1 51 ? 3.618   8.352   -6.251  1.00 13.77 ? 51  ALA A N   1 
ATOM   366 C  CA  . ALA A 1 51 ? 2.469   9.284   -6.332  1.00 16.67 ? 51  ALA A CA  1 
ATOM   367 C  C   . ALA A 1 51 ? 2.217   9.767   -7.756  1.00 18.52 ? 51  ALA A C   1 
ATOM   368 O  O   . ALA A 1 51 ? 1.082   10.174  -8.102  1.00 26.06 ? 51  ALA A O   1 
ATOM   369 C  CB  . ALA A 1 51 ? 2.707   10.411  -5.346  1.00 20.23 ? 51  ALA A CB  1 
ATOM   370 N  N   . ASP A 1 52 ? 3.224   9.738   -8.638  1.00 17.75 ? 52  ASP A N   1 
ATOM   371 C  CA  . ASP A 1 52 ? 3.025   10.238  -10.006 1.00 20.46 ? 52  ASP A CA  1 
ATOM   372 C  C   . ASP A 1 52 ? 2.515   9.151   -10.960 1.00 18.89 ? 52  ASP A C   1 
ATOM   373 O  O   . ASP A 1 52 ? 2.627   9.301   -12.197 1.00 21.88 ? 52  ASP A O   1 
ATOM   374 C  CB  . ASP A 1 52 ? 4.262   10.873  -10.663 1.00 24.38 ? 52  ASP A CB  1 
ATOM   375 C  CG  . ASP A 1 52 ? 3.919   11.740  -11.864 1.00 27.05 ? 52  ASP A CG  1 
ATOM   376 O  OD1 . ASP A 1 52 ? 2.715   12.007  -12.114 1.00 31.74 ? 52  ASP A OD1 1 
ATOM   377 O  OD2 . ASP A 1 52 ? 4.802   12.167  -12.639 1.00 31.81 ? 52  ASP A OD2 1 
ATOM   378 N  N   . ALA A 1 53 ? 1.833   8.144   -10.495 1.00 16.83 ? 53  ALA A N   1 
ATOM   379 C  CA  . ALA A 1 53 ? 1.207   7.150   -11.323 1.00 13.14 ? 53  ALA A CA  1 
ATOM   380 C  C   . ALA A 1 53 ? -0.022  7.671   -12.068 1.00 12.76 ? 53  ALA A C   1 
ATOM   381 O  O   . ALA A 1 53 ? -0.777  8.515   -11.594 1.00 12.69 ? 53  ALA A O   1 
ATOM   382 C  CB  . ALA A 1 53 ? 0.733   5.994   -10.445 1.00 12.42 ? 53  ALA A CB  1 
ATOM   383 N  N   . ALA A 1 54 ? -0.267  7.089   -13.226 1.00 12.15 ? 54  ALA A N   1 
ATOM   384 C  CA  . ALA A 1 54 ? -1.409  7.386   -14.064 1.00 10.65 ? 54  ALA A CA  1 
ATOM   385 C  C   . ALA A 1 54 ? -2.668  7.128   -13.264 1.00 11.19 ? 54  ALA A C   1 
ATOM   386 O  O   . ALA A 1 54 ? -2.827  6.076   -12.682 1.00 11.22 ? 54  ALA A O   1 
ATOM   387 C  CB  . ALA A 1 54 ? -1.402  6.533   -15.312 1.00 12.44 ? 54  ALA A CB  1 
ATOM   388 N  N   . GLY A 1 55 ? -3.537  8.162   -13.229 1.00 12.08 ? 55  GLY A N   1 
ATOM   389 C  CA  . GLY A 1 55 ? -4.767  8.022   -12.493 1.00 12.79 ? 55  GLY A CA  1 
ATOM   390 C  C   . GLY A 1 55 ? -4.691  8.284   -11.006 1.00 11.73 ? 55  GLY A C   1 
ATOM   391 O  O   . GLY A 1 55 ? -5.740  8.186   -10.328 1.00 12.99 ? 55  GLY A O   1 
ATOM   392 N  N   . ALA A 1 56 ? -3.533  8.666   -10.459 1.00 11.77 ? 56  ALA A N   1 
ATOM   393 C  CA  . ALA A 1 56 ? -3.376  8.901   -9.044  1.00 12.46 ? 56  ALA A CA  1 
ATOM   394 C  C   . ALA A 1 56 ? -4.298  10.066  -8.630  1.00 12.21 ? 56  ALA A C   1 
ATOM   395 O  O   . ALA A 1 56 ? -4.499  11.025  -9.390  1.00 13.44 ? 56  ALA A O   1 
ATOM   396 C  CB  . ALA A 1 56 ? -1.944  9.282   -8.683  1.00 13.86 ? 56  ALA A CB  1 
ATOM   397 N  N   . THR A 1 57 ? -4.835  9.948   -7.424  1.00 10.97 ? 57  THR A N   1 
ATOM   398 C  CA  . THR A 1 57 ? -5.682  10.962  -6.805  1.00 11.34 ? 57  THR A CA  1 
ATOM   399 C  C   . THR A 1 57 ? -5.231  11.160  -5.373  1.00 11.82 ? 57  THR A C   1 
ATOM   400 O  O   . THR A 1 57 ? -4.195  10.619  -4.976  1.00 14.16 ? 57  THR A O   1 
ATOM   401 C  CB  . THR A 1 57 ? -7.157  10.543  -6.857  1.00 12.10 ? 57  THR A CB  1 
ATOM   402 O  OG1 . THR A 1 57 ? -7.365  9.328   -6.129  1.00 15.50 ? 57  THR A OG1 1 
ATOM   403 C  CG2 . THR A 1 57 ? -7.636  10.116  -8.239  1.00 15.56 ? 57  THR A CG2 1 
ATOM   404 N  N   . ASP A 1 58 ? -5.962  11.943  -4.605  1.00 12.10 ? 58  ASP A N   1 
ATOM   405 C  CA  . ASP A 1 58 ? -5.566  12.117  -3.211  1.00 11.94 ? 58  ASP A CA  1 
ATOM   406 C  C   . ASP A 1 58 ? -5.615  10.809  -2.429  1.00 10.72 ? 58  ASP A C   1 
ATOM   407 O  O   . ASP A 1 58 ? -4.939  10.643  -1.434  1.00 13.24 ? 58  ASP A O   1 
ATOM   408 C  CB  . ASP A 1 58 ? -6.484  13.075  -2.438  1.00 16.12 ? 58  ASP A CB  1 
ATOM   409 C  CG  . ASP A 1 58 ? -6.371  14.499  -2.891  1.00 21.88 ? 58  ASP A CG  1 
ATOM   410 O  OD1 . ASP A 1 58 ? -5.503  14.794  -3.731  1.00 26.97 ? 58  ASP A OD1 1 
ATOM   411 O  OD2 . ASP A 1 58 ? -7.247  15.186  -2.302  1.00 30.63 ? 58  ASP A OD2 1 
ATOM   412 N  N   . GLU A 1 59 ? -6.464  9.883   -2.800  1.00 10.08 ? 59  GLU A N   1 
ATOM   413 C  CA  . GLU A 1 59 ? -6.656  8.610   -2.151  1.00 10.54 ? 59  GLU A CA  1 
ATOM   414 C  C   . GLU A 1 59 ? -5.923  7.426   -2.805  1.00 8.32  ? 59  GLU A C   1 
ATOM   415 O  O   . GLU A 1 59 ? -5.623  6.449   -2.122  1.00 9.03  ? 59  GLU A O   1 
ATOM   416 C  CB  . GLU A 1 59 ? -8.164  8.265   -2.073  1.00 13.03 ? 59  GLU A CB  1 
ATOM   417 C  CG  . GLU A 1 59 ? -8.416  6.951   -1.318  1.00 17.40 ? 59  GLU A CG  1 
ATOM   418 C  CD  . GLU A 1 59 ? -9.877  6.651   -1.036  1.00 20.56 ? 59  GLU A CD  1 
ATOM   419 O  OE1 . GLU A 1 59 ? -10.737 7.445   -1.481  1.00 26.20 ? 59  GLU A OE1 1 
ATOM   420 O  OE2 . GLU A 1 59 ? -10.187 5.651   -0.371  1.00 23.70 ? 59  GLU A OE2 1 
ATOM   421 N  N   . TRP A 1 60 ? -5.661  7.406   -4.076  1.00 8.43  ? 60  TRP A N   1 
ATOM   422 C  CA  . TRP A 1 60 ? -5.180  6.286   -4.864  1.00 8.46  ? 60  TRP A CA  1 
ATOM   423 C  C   . TRP A 1 60 ? -3.847  6.651   -5.504  1.00 8.04  ? 60  TRP A C   1 
ATOM   424 O  O   . TRP A 1 60 ? -3.771  7.668   -6.225  1.00 11.18 ? 60  TRP A O   1 
ATOM   425 C  CB  . TRP A 1 60 ? -6.204  5.878   -5.938  1.00 9.95  ? 60  TRP A CB  1 
ATOM   426 C  CG  . TRP A 1 60 ? -7.497  5.477   -5.306  1.00 10.59 ? 60  TRP A CG  1 
ATOM   427 C  CD1 . TRP A 1 60 ? -8.612  6.260   -5.172  1.00 11.17 ? 60  TRP A CD1 1 
ATOM   428 C  CD2 . TRP A 1 60 ? -7.807  4.232   -4.715  1.00 10.99 ? 60  TRP A CD2 1 
ATOM   429 N  NE1 . TRP A 1 60 ? -9.590  5.532   -4.529  1.00 13.49 ? 60  TRP A NE1 1 
ATOM   430 C  CE2 . TRP A 1 60 ? -9.132  4.290   -4.232  1.00 12.96 ? 60  TRP A CE2 1 
ATOM   431 C  CE3 . TRP A 1 60 ? -7.087  3.053   -4.547  1.00 11.30 ? 60  TRP A CE3 1 
ATOM   432 C  CZ2 . TRP A 1 60 ? -9.743  3.214   -3.587  1.00 14.50 ? 60  TRP A CZ2 1 
ATOM   433 C  CZ3 . TRP A 1 60 ? -7.676  1.971   -3.911  1.00 13.06 ? 60  TRP A CZ3 1 
ATOM   434 C  CH2 . TRP A 1 60 ? -9.014  2.086   -3.445  1.00 14.17 ? 60  TRP A CH2 1 
ATOM   435 N  N   . LYS A 1 61 ? -2.815  5.834   -5.246  1.00 7.01  ? 61  LYS A N   1 
ATOM   436 C  CA  . LYS A 1 61 ? -1.485  6.154   -5.687  1.00 7.48  ? 61  LYS A CA  1 
ATOM   437 C  C   . LYS A 1 61 ? -0.860  4.897   -6.309  1.00 6.22  ? 61  LYS A C   1 
ATOM   438 O  O   . LYS A 1 61 ? -1.364  3.792   -6.112  1.00 6.87  ? 61  LYS A O   1 
ATOM   439 C  CB  . LYS A 1 61 ? -0.565  6.575   -4.531  1.00 12.26 ? 61  LYS A CB  1 
ATOM   440 C  CG  . LYS A 1 61 ? -1.079  7.660   -3.603  1.00 15.77 ? 61  LYS A CG  1 
ATOM   441 C  CD  . LYS A 1 61 ? -1.125  8.977   -4.350  1.00 18.89 ? 61  LYS A CD  1 
ATOM   442 C  CE  . LYS A 1 61 ? -1.414  10.173  -3.445  1.00 20.35 ? 61  LYS A CE  1 
ATOM   443 N  NZ  . LYS A 1 61 ? -1.498  11.412  -4.275  1.00 28.06 ? 61  LYS A NZ  1 
ATOM   444 N  N   . GLY A 1 62 ? 0.243   5.042   -7.018  1.00 6.68  ? 62  GLY A N   1 
ATOM   445 C  CA  . GLY A 1 62 ? 0.923   3.891   -7.545  1.00 6.46  ? 62  GLY A CA  1 
ATOM   446 C  C   . GLY A 1 62 ? 1.717   3.181   -6.476  1.00 6.13  ? 62  GLY A C   1 
ATOM   447 O  O   . GLY A 1 62 ? 2.004   3.696   -5.401  1.00 7.15  ? 62  GLY A O   1 
ATOM   448 N  N   . CYS A 1 63 ? 2.138   1.946   -6.803  1.00 6.37  ? 63  CYS A N   1 
ATOM   449 C  CA  . CYS A 1 63 ? 3.091   1.197   -5.998  1.00 6.22  ? 63  CYS A CA  1 
ATOM   450 C  C   . CYS A 1 63 ? 4.002   0.456   -6.962  1.00 6.36  ? 63  CYS A C   1 
ATOM   451 O  O   . CYS A 1 63 ? 3.531   -0.213  -7.890  1.00 7.34  ? 63  CYS A O   1 
ATOM   452 C  CB  . CYS A 1 63 ? 2.363   0.208   -5.089  1.00 6.65  ? 63  CYS A CB  1 
ATOM   453 S  SG  . CYS A 1 63 ? 3.523   -0.943  -4.265  1.00 6.41  ? 63  CYS A SG  1 
ATOM   454 N  N   . GLN A 1 64 ? 5.300   0.543   -6.709  1.00 6.75  ? 64  GLN A N   1 
ATOM   455 C  CA  . GLN A 1 64 ? 6.257   -0.166  -7.556  1.00 6.92  ? 64  GLN A CA  1 
ATOM   456 C  C   . GLN A 1 64 ? 5.966   -1.663  -7.712  1.00 7.71  ? 64  GLN A C   1 
ATOM   457 O  O   . GLN A 1 64 ? 6.269   -2.220  -8.762  1.00 8.86  ? 64  GLN A O   1 
ATOM   458 C  CB  . GLN A 1 64 ? 7.650   0.027   -6.931  1.00 8.29  ? 64  GLN A CB  1 
ATOM   459 C  CG  . GLN A 1 64 ? 8.750   -0.387  -7.896  1.00 10.79 ? 64  GLN A CG  1 
ATOM   460 C  CD  . GLN A 1 64 ? 10.051  -0.412  -7.145  1.00 12.99 ? 64  GLN A CD  1 
ATOM   461 O  OE1 . GLN A 1 64 ? 10.696  -1.465  -7.111  1.00 19.44 ? 64  GLN A OE1 1 
ATOM   462 N  NE2 . GLN A 1 64 ? 10.408  0.728   -6.595  1.00 13.55 ? 64  GLN A NE2 1 
ATOM   463 N  N   . LEU A 1 65 ? 5.400   -2.284  -6.695  1.00 6.71  ? 65  LEU A N   1 
ATOM   464 C  CA  . LEU A 1 65 ? 5.169   -3.723  -6.684  1.00 6.74  ? 65  LEU A CA  1 
ATOM   465 C  C   . LEU A 1 65 ? 3.889   -4.137  -7.403  1.00 6.93  ? 65  LEU A C   1 
ATOM   466 O  O   . LEU A 1 65 ? 3.701   -5.335  -7.663  1.00 7.83  ? 65  LEU A O   1 
ATOM   467 C  CB  . LEU A 1 65 ? 5.146   -4.282  -5.268  1.00 7.26  ? 65  LEU A CB  1 
ATOM   468 C  CG  . LEU A 1 65 ? 6.374   -3.963  -4.420  1.00 8.25  ? 65  LEU A CG  1 
ATOM   469 C  CD1 . LEU A 1 65 ? 6.280   -4.644  -3.051  1.00 9.57  ? 65  LEU A CD1 1 
ATOM   470 C  CD2 . LEU A 1 65 ? 7.687   -4.346  -5.094  1.00 10.01 ? 65  LEU A CD2 1 
ATOM   471 N  N   . PHE A 1 66 ? 3.026   -3.190  -7.779  1.00 7.05  ? 66  PHE A N   1 
ATOM   472 C  CA  . PHE A 1 66 ? 1.766   -3.430  -8.443  1.00 7.20  ? 66  PHE A CA  1 
ATOM   473 C  C   . PHE A 1 66 ? 1.757   -2.617  -9.740  1.00 7.28  ? 66  PHE A C   1 
ATOM   474 O  O   . PHE A 1 66 ? 0.943   -1.662  -9.875  1.00 7.57  ? 66  PHE A O   1 
ATOM   475 C  CB  . PHE A 1 66 ? 0.608   -3.045  -7.542  1.00 7.59  ? 66  PHE A CB  1 
ATOM   476 C  CG  . PHE A 1 66 ? 0.386   -3.956  -6.357  1.00 6.97  ? 66  PHE A CG  1 
ATOM   477 C  CD1 . PHE A 1 66 ? -0.323  -5.133  -6.424  1.00 7.02  ? 66  PHE A CD1 1 
ATOM   478 C  CD2 . PHE A 1 66 ? 0.881   -3.537  -5.131  1.00 7.71  ? 66  PHE A CD2 1 
ATOM   479 C  CE1 . PHE A 1 66 ? -0.583  -5.898  -5.324  1.00 7.66  ? 66  PHE A CE1 1 
ATOM   480 C  CE2 . PHE A 1 66 ? 0.630   -4.308  -3.991  1.00 8.93  ? 66  PHE A CE2 1 
ATOM   481 C  CZ  . PHE A 1 66 ? -0.130  -5.457  -4.105  1.00 8.36  ? 66  PHE A CZ  1 
ATOM   482 N  N   . PRO A 1 67 ? 2.591   -2.925  -10.714 1.00 8.99  ? 67  PRO A N   1 
ATOM   483 C  CA  . PRO A 1 67 ? 2.596   -2.157  -11.982 1.00 10.12 ? 67  PRO A CA  1 
ATOM   484 C  C   . PRO A 1 67 ? 1.236   -2.079  -12.627 1.00 9.06  ? 67  PRO A C   1 
ATOM   485 O  O   . PRO A 1 67 ? 0.489   -3.077  -12.690 1.00 8.86  ? 67  PRO A O   1 
ATOM   486 C  CB  . PRO A 1 67 ? 3.590   -2.911  -12.857 1.00 13.33 ? 67  PRO A CB  1 
ATOM   487 C  CG  . PRO A 1 67 ? 3.785   -4.228  -12.197 1.00 13.69 ? 67  PRO A CG  1 
ATOM   488 C  CD  . PRO A 1 67 ? 3.580   -4.024  -10.733 1.00 11.12 ? 67  PRO A CD  1 
ATOM   489 N  N   . GLY A 1 68 ? 0.900   -0.877  -13.074 1.00 9.11  ? 68  GLY A N   1 
ATOM   490 C  CA  . GLY A 1 68 ? -0.340  -0.655  -13.813 1.00 9.18  ? 68  GLY A CA  1 
ATOM   491 C  C   . GLY A 1 68 ? -1.571  -0.535  -12.933 1.00 8.71  ? 68  GLY A C   1 
ATOM   492 O  O   . GLY A 1 68 ? -2.673  -0.356  -13.484 1.00 10.45 ? 68  GLY A O   1 
ATOM   493 N  N   . LYS A 1 69 ? -1.382  -0.621  -11.613 1.00 7.64  ? 69  LYS A N   1 
ATOM   494 C  CA  . LYS A 1 69 ? -2.493  -0.562  -10.675 1.00 7.14  ? 69  LYS A CA  1 
ATOM   495 C  C   . LYS A 1 69 ? -2.280  0.570   -9.695  1.00 7.44  ? 69  LYS A C   1 
ATOM   496 O  O   . LYS A 1 69 ? -1.234  1.187   -9.626  1.00 9.83  ? 69  LYS A O   1 
ATOM   497 C  CB  . LYS A 1 69 ? -2.641  -1.886  -9.934  1.00 7.41  ? 69  LYS A CB  1 
ATOM   498 C  CG  . LYS A 1 69 ? -2.944  -3.057  -10.878 1.00 11.81 ? 69  LYS A CG  1 
ATOM   499 C  CD  . LYS A 1 69 ? -3.173  -4.368  -10.163 1.00 17.89 ? 69  LYS A CD  1 
ATOM   500 C  CE  . LYS A 1 69 ? -3.349  -5.571  -11.058 1.00 21.38 ? 69  LYS A CE  1 
ATOM   501 N  NZ  . LYS A 1 69 ? -3.388  -5.320  -12.531 1.00 31.89 ? 69  LYS A NZ  1 
ATOM   502 N  N   . LEU A 1 70 ? -3.297  0.818   -8.879  1.00 6.10  ? 70  LEU A N   1 
ATOM   503 C  CA  . LEU A 1 70 ? -3.265  1.836   -7.841  1.00 6.12  ? 70  LEU A CA  1 
ATOM   504 C  C   . LEU A 1 70 ? -3.599  1.205   -6.493  1.00 5.66  ? 70  LEU A C   1 
ATOM   505 O  O   . LEU A 1 70 ? -4.519  0.401   -6.373  1.00 6.99  ? 70  LEU A O   1 
ATOM   506 C  CB  . LEU A 1 70 ? -4.247  2.986   -8.096  1.00 6.58  ? 70  LEU A CB  1 
ATOM   507 C  CG  . LEU A 1 70 ? -3.917  3.758   -9.368  1.00 7.55  ? 70  LEU A CG  1 
ATOM   508 C  CD1 . LEU A 1 70 ? -5.103  4.668   -9.769  1.00 8.56  ? 70  LEU A CD1 1 
ATOM   509 C  CD2 . LEU A 1 70 ? -2.669  4.614   -9.284  1.00 7.88  ? 70  LEU A CD2 1 
ATOM   510 N  N   . ILE A 1 71 ? -2.831  1.560   -5.465  1.00 6.05  ? 71  ILE A N   1 
ATOM   511 C  CA  . ILE A 1 71 ? -3.140  1.211   -4.084  1.00 6.41  ? 71  ILE A CA  1 
ATOM   512 C  C   . ILE A 1 71 ? -3.809  2.374   -3.415  1.00 6.33  ? 71  ILE A C   1 
ATOM   513 O  O   . ILE A 1 71 ? -3.837  3.509   -3.916  1.00 7.16  ? 71  ILE A O   1 
ATOM   514 C  CB  . ILE A 1 71 ? -1.858  0.704   -3.393  1.00 6.15  ? 71  ILE A CB  1 
ATOM   515 C  CG1 . ILE A 1 71 ? -0.621  1.620   -3.460  1.00 7.11  ? 71  ILE A CG1 1 
ATOM   516 C  CG2 . ILE A 1 71 ? -1.512  -0.700  -3.921  1.00 7.77  ? 71  ILE A CG2 1 
ATOM   517 C  CD1 . ILE A 1 71 ? -0.720  2.963   -2.779  1.00 8.09  ? 71  ILE A CD1 1 
ATOM   518 N  N   . ASN A 1 72 ? -4.326  2.237   -2.242  1.00 7.35  ? 72  ASN A N   1 
ATOM   519 C  CA  . ASN A 1 72 ? -4.958  3.130   -1.368  1.00 7.28  ? 72  ASN A CA  1 
ATOM   520 C  C   . ASN A 1 72 ? -3.876  3.732   -0.475  1.00 6.95  ? 72  ASN A C   1 
ATOM   521 O  O   . ASN A 1 72 ? -3.094  3.013   0.132   1.00 7.20  ? 72  ASN A O   1 
ATOM   522 C  CB  . ASN A 1 72 ? -6.047  2.442   -0.553  1.00 8.41  ? 72  ASN A CB  1 
ATOM   523 C  CG  . ASN A 1 72 ? -6.980  3.452   0.067   1.00 10.22 ? 72  ASN A CG  1 
ATOM   524 O  OD1 . ASN A 1 72 ? -6.598  4.255   0.888   1.00 9.99  ? 72  ASN A OD1 1 
ATOM   525 N  ND2 . ASN A 1 72 ? -8.218  3.476   -0.359  1.00 12.23 ? 72  ASN A ND2 1 
ATOM   526 N  N   . VAL A 1 73 ? -3.841  5.045   -0.380  1.00 7.46  ? 73  VAL A N   1 
ATOM   527 C  CA  . VAL A 1 73 ? -2.850  5.711   0.475   1.00 7.64  ? 73  VAL A CA  1 
ATOM   528 C  C   . VAL A 1 73 ? -2.908  5.243   1.911   1.00 6.74  ? 73  VAL A C   1 
ATOM   529 O  O   . VAL A 1 73 ? -1.880  5.368   2.625   1.00 7.37  ? 73  VAL A O   1 
ATOM   530 C  CB  . VAL A 1 73 ? -3.074  7.235   0.252   1.00 10.59 ? 73  VAL A CB  1 
ATOM   531 C  CG1 . VAL A 1 73 ? -4.314  7.769   1.019   1.00 9.71  ? 73  VAL A CG1 1 
ATOM   532 C  CG2 . VAL A 1 73 ? -1.843  8.050   0.343   1.00 23.98 ? 73  VAL A CG2 1 
ATOM   533 N  N   . ASN A 1 74 ? -4.063  4.765   2.354   1.00 6.57  ? 74  ASN A N   1 
ATOM   534 C  CA  . ASN A 1 74 ? -4.285  4.255   3.696   1.00 7.04  ? 74  ASN A CA  1 
ATOM   535 C  C   . ASN A 1 74 ? -4.139  2.763   3.810   1.00 6.26  ? 74  ASN A C   1 
ATOM   536 O  O   . ASN A 1 74 ? -4.504  2.207   4.831   1.00 7.11  ? 74  ASN A O   1 
ATOM   537 C  CB  . ASN A 1 74 ? -5.709  4.682   4.183   1.00 9.65  ? 74  ASN A CB  1 
ATOM   538 C  CG  . ASN A 1 74 ? -5.881  6.176   4.349   1.00 11.46 ? 74  ASN A CG  1 
ATOM   539 O  OD1 . ASN A 1 74 ? -7.033  6.638   4.254   1.00 18.08 ? 74  ASN A OD1 1 
ATOM   540 N  ND2 . ASN A 1 74 ? -4.858  6.959   4.603   1.00 12.33 ? 74  ASN A ND2 1 
ATOM   541 N  N   . GLY A 1 75 ? -3.599  2.119   2.801   1.00 6.24  ? 75  GLY A N   1 
ATOM   542 C  CA  . GLY A 1 75 ? -3.426  0.660   2.790   1.00 6.26  ? 75  GLY A CA  1 
ATOM   543 C  C   . GLY A 1 75 ? -2.073  0.294   3.429   1.00 5.98  ? 75  GLY A C   1 
ATOM   544 O  O   . GLY A 1 75 ? -1.322  1.120   3.968   1.00 6.33  ? 75  GLY A O   1 
ATOM   545 N  N   . TRP A 1 76 ? -1.772  -1.011  3.323   1.00 6.23  ? 76  TRP A N   1 
ATOM   546 C  CA  . TRP A 1 76 ? -0.530  -1.562  3.878   1.00 5.74  ? 76  TRP A CA  1 
ATOM   547 C  C   . TRP A 1 76 ? -0.322  -2.916  3.252   1.00 5.85  ? 76  TRP A C   1 
ATOM   548 O  O   . TRP A 1 76 ? -1.293  -3.612  2.928   1.00 6.84  ? 76  TRP A O   1 
ATOM   549 C  CB  . TRP A 1 76 ? -0.607  -1.698  5.388   1.00 6.38  ? 76  TRP A CB  1 
ATOM   550 C  CG  . TRP A 1 76 ? 0.647   -2.235  6.083   1.00 6.58  ? 76  TRP A CG  1 
ATOM   551 C  CD1 . TRP A 1 76 ? 1.646   -1.475  6.628   1.00 7.19  ? 76  TRP A CD1 1 
ATOM   552 C  CD2 . TRP A 1 76 ? 0.965   -3.604  6.282   1.00 6.32  ? 76  TRP A CD2 1 
ATOM   553 N  NE1 . TRP A 1 76 ? 2.584   -2.329  7.162   1.00 7.28  ? 76  TRP A NE1 1 
ATOM   554 C  CE2 . TRP A 1 76 ? 2.213   -3.624  6.985   1.00 7.52  ? 76  TRP A CE2 1 
ATOM   555 C  CE3 . TRP A 1 76 ? 0.360   -4.819  5.977   1.00 7.27  ? 76  TRP A CE3 1 
ATOM   556 C  CZ2 . TRP A 1 76 ? 2.835   -4.825  7.363   1.00 7.68  ? 76  TRP A CZ2 1 
ATOM   557 C  CZ3 . TRP A 1 76 ? 1.005   -5.988  6.363   1.00 8.09  ? 76  TRP A CZ3 1 
ATOM   558 C  CH2 . TRP A 1 76 ? 2.235   -5.950  7.050   1.00 7.94  ? 76  TRP A CH2 1 
ATOM   559 N  N   . CYS A 1 77 ? 0.942   -3.332  3.070   1.00 5.90  ? 77  CYS A N   1 
ATOM   560 C  CA  . CYS A 1 77 ? 1.247   -4.713  2.746   1.00 5.97  ? 77  CYS A CA  1 
ATOM   561 C  C   . CYS A 1 77 ? 2.560   -5.074  3.458   1.00 5.85  ? 77  CYS A C   1 
ATOM   562 O  O   . CYS A 1 77 ? 3.266   -4.225  3.994   1.00 6.54  ? 77  CYS A O   1 
ATOM   563 C  CB  . CYS A 1 77 ? 1.336   -4.981  1.239   1.00 5.77  ? 77  CYS A CB  1 
ATOM   564 S  SG  . CYS A 1 77 ? 2.936   -4.569  0.489   1.00 6.20  ? 77  CYS A SG  1 
ATOM   565 N  N   . ALA A 1 78 ? 2.869   -6.358  3.450   1.00 6.85  ? 78  ALA A N   1 
ATOM   566 C  CA  . ALA A 1 78 ? 4.010   -6.889  4.200   1.00 7.46  ? 78  ALA A CA  1 
ATOM   567 C  C   . ALA A 1 78 ? 5.353   -6.530  3.604   1.00 7.39  ? 78  ALA A C   1 
ATOM   568 O  O   . ALA A 1 78 ? 6.360   -6.832  4.260   1.00 9.94  ? 78  ALA A O   1 
ATOM   569 C  CB  . ALA A 1 78 ? 3.860   -8.390  4.340   1.00 8.93  ? 78  ALA A CB  1 
ATOM   570 N  N   . SER A 1 79 ? 5.380   -5.854  2.474   1.00 6.89  ? 79  SER A N   1 
ATOM   571 C  CA  . SER A 1 79 ? 6.586   -5.258  1.949   1.00 7.26  ? 79  SER A CA  1 
ATOM   572 C  C   . SER A 1 79 ? 6.785   -3.792  2.340   1.00 7.06  ? 79  SER A C   1 
ATOM   573 O  O   . SER A 1 79 ? 7.784   -3.238  1.916   1.00 8.06  ? 79  SER A O   1 
ATOM   574 C  CB  . SER A 1 79 ? 6.656   -5.431  0.420   1.00 7.52  ? 79  SER A CB  1 
ATOM   575 O  OG  . SER A 1 79 ? 6.811   -6.807  0.133   1.00 9.68  ? 79  SER A OG  1 
ATOM   576 N  N   . TRP A 1 80 ? 5.896   -3.253  3.155   1.00 7.00  ? 80  TRP A N   1 
ATOM   577 C  CA  . TRP A 1 80 ? 6.014   -1.901  3.625   1.00 6.76  ? 80  TRP A CA  1 
ATOM   578 C  C   . TRP A 1 80 ? 7.459   -1.616  4.090   1.00 6.90  ? 80  TRP A C   1 
ATOM   579 O  O   . TRP A 1 80 ? 8.028   -2.400  4.836   1.00 7.40  ? 80  TRP A O   1 
ATOM   580 C  CB  . TRP A 1 80 ? 5.040   -1.638  4.834   1.00 7.01  ? 80  TRP A CB  1 
ATOM   581 C  CG  . TRP A 1 80 ? 5.133   -0.174  5.229   1.00 6.95  ? 80  TRP A CG  1 
ATOM   582 C  CD1 . TRP A 1 80 ? 4.430   0.880   4.754   1.00 7.09  ? 80  TRP A CD1 1 
ATOM   583 C  CD2 . TRP A 1 80 ? 6.038   0.374   6.224   1.00 6.41  ? 80  TRP A CD2 1 
ATOM   584 N  NE1 . TRP A 1 80 ? 4.816   2.041   5.335   1.00 7.58  ? 80  TRP A NE1 1 
ATOM   585 C  CE2 . TRP A 1 80 ? 5.811   1.748   6.252   1.00 7.00  ? 80  TRP A CE2 1 
ATOM   586 C  CE3 . TRP A 1 80 ? 7.011   -0.193  7.054   1.00 6.48  ? 80  TRP A CE3 1 
ATOM   587 C  CZ2 . TRP A 1 80 ? 6.521   2.616   7.095   1.00 7.14  ? 80  TRP A CZ2 1 
ATOM   588 C  CZ3 . TRP A 1 80 ? 7.709   0.662   7.889   1.00 7.73  ? 80  TRP A CZ3 1 
ATOM   589 C  CH2 . TRP A 1 80 ? 7.459   2.034   7.917   1.00 7.43  ? 80  TRP A CH2 1 
ATOM   590 N  N   . THR A 1 81 ? 7.985   -0.492  3.641   1.00 7.33  ? 81  THR A N   1 
ATOM   591 C  CA  . THR A 1 81 ? 9.345   -0.090  3.963   1.00 7.18  ? 81  THR A CA  1 
ATOM   592 C  C   . THR A 1 81 ? 9.329   1.395   4.232   1.00 7.31  ? 81  THR A C   1 
ATOM   593 O  O   . THR A 1 81 ? 8.782   2.149   3.391   1.00 8.18  ? 81  THR A O   1 
ATOM   594 C  CB  . THR A 1 81 ? 10.253  -0.431  2.766   1.00 8.22  ? 81  THR A CB  1 
ATOM   595 O  OG1 . THR A 1 81 ? 10.236  -1.873  2.541   1.00 9.69  ? 81  THR A OG1 1 
ATOM   596 C  CG2 . THR A 1 81 ? 11.677  -0.016  3.031   1.00 10.64 ? 81  THR A CG2 1 
ATOM   597 N  N   . LEU A 1 82 ? 9.905   1.883   5.303   1.00 7.38  ? 82  LEU A N   1 
ATOM   598 C  CA  . LEU A 1 82 ? 9.873   3.327   5.571   1.00 7.90  ? 82  LEU A CA  1 
ATOM   599 C  C   . LEU A 1 82 ? 10.507  4.142   4.457   1.00 7.73  ? 82  LEU A C   1 
ATOM   600 O  O   . LEU A 1 82 ? 11.635  3.894   4.099   1.00 8.00  ? 82  LEU A O   1 
ATOM   601 C  CB  . LEU A 1 82 ? 10.537  3.587   6.897   1.00 8.93  ? 82  LEU A CB  1 
ATOM   602 C  CG  . LEU A 1 82 ? 10.170  4.680   7.907   1.00 15.66 ? 82  LEU A CG  1 
ATOM   603 C  CD1 . LEU A 1 82 ? 11.426  5.284   8.535   1.00 15.07 ? 82  LEU A CD1 1 
ATOM   604 C  CD2 . LEU A 1 82 ? 9.154   5.689   7.492   1.00 11.95 ? 82  LEU A CD2 1 
ATOM   605 N  N   . LYS A 1 83 ? 9.768   5.148   3.986   1.00 8.73  ? 83  LYS A N   1 
ATOM   606 C  CA  . LYS A 1 83 ? 10.285  6.047   3.000   1.00 10.34 ? 83  LYS A CA  1 
ATOM   607 C  C   . LYS A 1 83 ? 11.427  6.846   3.586   1.00 10.96 ? 83  LYS A C   1 
ATOM   608 O  O   . LYS A 1 83 ? 11.321  7.482   4.627   1.00 12.50 ? 83  LYS A O   1 
ATOM   609 C  CB  . LYS A 1 83 ? 9.125   6.941   2.625   1.00 12.83 ? 83  LYS A CB  1 
ATOM   610 C  CG  . LYS A 1 83 ? 9.533   8.112   1.793   1.00 14.37 ? 83  LYS A CG  1 
ATOM   611 C  CD  . LYS A 1 83 ? 10.003  7.613   0.454   1.00 15.72 ? 83  LYS A CD  1 
ATOM   612 C  CE  . LYS A 1 83 ? 9.861   8.699   -0.598  1.00 15.68 ? 83  LYS A CE  1 
ATOM   613 N  NZ  . LYS A 1 83 ? 8.592   9.084   -1.202  1.00 20.35 ? 83  LYS A NZ  1 
ATOM   614 N  N   . ALA A 1 84 ? 12.551  6.785   2.872   1.00 11.03 ? 84  ALA A N   1 
ATOM   615 C  CA  . ALA A 1 84 ? 13.675  7.628   3.210   1.00 10.73 ? 84  ALA A CA  1 
ATOM   616 C  C   . ALA A 1 84 ? 13.615  8.944   2.508   1.00 11.43 ? 84  ALA A C   1 
ATOM   617 O  O   . ALA A 1 84 ? 13.192  9.201   1.366   1.00 14.65 ? 84  ALA A O   1 
ATOM   618 C  CB  . ALA A 1 84 ? 14.943  6.921   2.742   1.00 13.68 ? 84  ALA A CB  1 
ATOM   619 N  N   . GLY A 1 85 ? 14.097  9.978   3.207   1.00 15.18 ? 85  GLY A N   1 
ATOM   620 C  CA  . GLY A 1 85 ? 14.316  11.079  2.200   1.00 22.21 ? 85  GLY A CA  1 
ATOM   621 C  C   . GLY A 1 85 ? 15.646  10.567  1.567   1.00 27.25 ? 85  GLY A C   1 
ATOM   622 O  O   . GLY A 1 85 ? 16.289  9.727   2.280   1.00 36.23 ? 85  GLY A O   1 
ATOM   623 O  OXT . GLY A 1 85 ? 16.062  10.911  0.445   1.00 36.68 ? 85  GLY A OXT 1 
HETATM 624 FE FE1 . SF4 B 2 .  ? 3.063   -0.786  -2.061  1.00 5.75  ? 87  SF4 A FE1 1 
HETATM 625 FE FE2 . SF4 B 2 .  ? 2.863   -2.342  0.164   1.00 5.88  ? 87  SF4 A FE2 1 
HETATM 626 FE FE3 . SF4 B 2 .  ? 4.310   -0.068  0.232   1.00 6.13  ? 87  SF4 A FE3 1 
HETATM 627 FE FE4 . SF4 B 2 .  ? 1.571   0.027   0.050   1.00 5.70  ? 87  SF4 A FE4 1 
HETATM 628 S  S1  . SF4 B 2 .  ? 2.825   -0.798  1.821   1.00 6.30  ? 87  SF4 A S1  1 
HETATM 629 S  S2  . SF4 B 2 .  ? 3.056   1.274   -1.171  1.00 6.11  ? 87  SF4 A S2  1 
HETATM 630 S  S3  . SF4 B 2 .  ? 1.137   -1.740  -1.225  1.00 5.70  ? 87  SF4 A S3  1 
HETATM 631 S  S4  . SF4 B 2 .  ? 4.785   -1.877  -0.979  1.00 6.35  ? 87  SF4 A S4  1 
HETATM 632 O  O   . HOH C 3 .  ? 8.136   6.782   -2.518  0.50 15.57 ? 101 HOH A O   1 
HETATM 633 O  O   . HOH C 3 .  ? 7.455   6.618   -1.936  0.50 15.13 ? 102 HOH A O   1 
HETATM 634 O  O   . HOH C 3 .  ? 1.466   1.102   -9.500  1.00 8.17  ? 103 HOH A O   1 
HETATM 635 O  O   . HOH C 3 .  ? 7.971   -7.807  -2.088  1.00 9.65  ? 104 HOH A O   1 
HETATM 636 O  O   . HOH C 3 .  ? 4.627   -3.931  10.227  1.00 9.65  ? 105 HOH A O   1 
HETATM 637 O  O   . HOH C 3 .  ? -7.804  -4.746  0.495   1.00 12.67 ? 106 HOH A O   1 
HETATM 638 O  O   . HOH C 3 .  ? 11.054  -0.069  7.029   1.00 8.96  ? 107 HOH A O   1 
HETATM 639 O  O   . HOH C 3 .  ? -1.315  -15.383 -4.208  1.00 10.27 ? 108 HOH A O   1 
HETATM 640 O  O   . HOH C 3 .  ? -6.818  -1.080  -3.230  1.00 9.71  ? 109 HOH A O   1 
HETATM 641 O  O   . HOH C 3 .  ? 10.353  -2.619  6.395   1.00 11.49 ? 110 HOH A O   1 
HETATM 642 O  O   . HOH C 3 .  ? 6.357   -9.249  1.228   1.00 12.12 ? 111 HOH A O   1 
HETATM 643 O  O   . HOH C 3 .  ? 4.435   -11.134 1.726   1.00 12.29 ? 112 HOH A O   1 
HETATM 644 O  O   . HOH C 3 .  ? 1.494   -12.444 -8.373  1.00 10.51 ? 113 HOH A O   1 
HETATM 645 O  O   . HOH C 3 .  ? 1.252   -16.043 6.646   1.00 11.53 ? 114 HOH A O   1 
HETATM 646 O  O   . HOH C 3 .  ? -2.341  -7.603  5.992   1.00 10.76 ? 115 HOH A O   1 
HETATM 647 O  O   . HOH C 3 .  ? 4.597   -11.946 13.355  1.00 11.94 ? 116 HOH A O   1 
HETATM 648 O  O   . HOH C 3 .  ? 13.752  2.316   4.817   1.00 10.45 ? 117 HOH A O   1 
HETATM 649 O  O   . HOH C 3 .  ? -10.429 -2.983  -8.094  0.50 7.83  ? 118 HOH A O   1 
HETATM 650 O  O   . HOH C 3 .  ? 5.812   7.339   0.424   1.00 12.41 ? 119 HOH A O   1 
HETATM 651 O  O   . HOH C 3 .  ? -3.780  14.812  -0.521  1.00 15.86 ? 120 HOH A O   1 
HETATM 652 O  O   . HOH C 3 .  ? 6.484   -0.999  -11.102 1.00 14.36 ? 121 HOH A O   1 
HETATM 653 O  O   . HOH C 3 .  ? -3.498  -2.024  12.684  1.00 16.34 ? 122 HOH A O   1 
HETATM 654 O  O   . HOH C 3 .  ? 0.538   -5.668  -11.442 1.00 17.20 ? 123 HOH A O   1 
HETATM 655 O  O   . HOH C 3 .  ? -3.267  10.897  -13.935 0.50 12.77 ? 124 HOH A O   1 
HETATM 656 O  O   . HOH C 3 .  ? -3.923  10.871  -14.069 0.50 13.88 ? 125 HOH A O   1 
HETATM 657 O  O   . HOH C 3 .  ? -7.004  -4.344  -10.414 0.50 17.38 ? 126 HOH A O   1 
HETATM 658 O  O   . HOH C 3 .  ? -7.727  -4.351  -10.166 0.50 14.59 ? 127 HOH A O   1 
HETATM 659 O  O   . HOH C 3 .  ? 10.052  -4.812  0.898   1.00 16.65 ? 128 HOH A O   1 
HETATM 660 O  O   . HOH C 3 .  ? 9.745   -3.680  -8.701  1.00 18.12 ? 129 HOH A O   1 
HETATM 661 O  O   . HOH C 3 .  ? 1.002   12.887  -10.386 1.00 20.03 ? 130 HOH A O   1 
HETATM 662 O  O   . HOH C 3 .  ? 8.232   1.212   -11.105 1.00 16.77 ? 131 HOH A O   1 
HETATM 663 O  O   . HOH C 3 .  ? 6.607   9.216   -5.334  0.50 18.35 ? 132 HOH A O   1 
HETATM 664 O  O   . HOH C 3 .  ? 5.860   8.988   -4.589  0.50 14.61 ? 133 HOH A O   1 
HETATM 665 O  O   . HOH C 3 .  ? -10.028 9.422   -5.488  1.00 16.36 ? 134 HOH A O   1 
HETATM 666 O  O   . HOH C 3 .  ? 9.585   3.316   -7.180  1.00 14.21 ? 135 HOH A O   1 
HETATM 667 O  O   . HOH C 3 .  ? -5.558  4.817   -13.799 0.50 18.89 ? 136 HOH A O   1 
HETATM 668 O  O   . HOH C 3 .  ? -6.993  4.917   -12.887 0.50 12.74 ? 137 HOH A O   1 
HETATM 669 O  O   . HOH C 3 .  ? -4.884  -9.296  -0.067  1.00 14.30 ? 138 HOH A O   1 
HETATM 670 O  O   . HOH C 3 .  ? 0.350   8.203   6.821   1.00 24.81 ? 139 HOH A O   1 
HETATM 671 O  O   . HOH C 3 .  ? -12.980 -5.244  3.312   1.00 29.89 ? 140 HOH A O   1 
HETATM 672 O  O   . HOH C 3 .  ? -0.100  -13.328 -10.451 1.00 15.32 ? 141 HOH A O   1 
HETATM 673 O  O   . HOH C 3 .  ? 2.518   1.406   -12.624 1.00 16.93 ? 142 HOH A O   1 
HETATM 674 O  O   . HOH C 3 .  ? 10.635  -6.973  12.328  1.00 15.79 ? 143 HOH A O   1 
HETATM 675 O  O   . HOH C 3 .  ? -11.629 4.182   -13.057 0.50 13.04 ? 144 HOH A O   1 
HETATM 676 O  O   . HOH C 3 .  ? -11.018 3.893   -13.892 0.50 13.88 ? 145 HOH A O   1 
HETATM 677 O  O   . HOH C 3 .  ? -1.097  -4.216  -14.545 0.50 13.62 ? 146 HOH A O   1 
HETATM 678 O  O   . HOH C 3 .  ? -1.794  -4.158  -14.054 0.50 14.64 ? 147 HOH A O   1 
HETATM 679 O  O   . HOH C 3 .  ? -2.208  3.488   -12.939 1.00 17.91 ? 148 HOH A O   1 
HETATM 680 O  O   . HOH C 3 .  ? 8.772   4.882   -4.967  1.00 16.09 ? 149 HOH A O   1 
HETATM 681 O  O   . HOH C 3 .  ? -1.744  4.493   9.840   1.00 20.41 ? 150 HOH A O   1 
HETATM 682 O  O   . HOH C 3 .  ? -5.448  -8.064  5.450   1.00 23.12 ? 151 HOH A O   1 
HETATM 683 O  O   . HOH C 3 .  ? 8.187   -10.183 -0.676  1.00 19.12 ? 152 HOH A O   1 
HETATM 684 O  O   . HOH C 3 .  ? -7.093  -7.192  1.513   0.50 12.68 ? 153 HOH A O   1 
HETATM 685 O  O   . HOH C 3 .  ? -6.600  -7.469  0.849   0.50 14.19 ? 154 HOH A O   1 
HETATM 686 O  O   . HOH C 3 .  ? 2.940   3.461   -10.077 0.50 15.83 ? 155 HOH A O   1 
HETATM 687 O  O   . HOH C 3 .  ? 3.055   3.782   -10.493 0.50 17.60 ? 156 HOH A O   1 
HETATM 688 O  O   . HOH C 3 .  ? -1.083  -15.633 -10.428 0.50 15.29 ? 157 HOH A O   1 
HETATM 689 O  O   . HOH C 3 .  ? -1.112  -16.333 -9.941  0.50 17.40 ? 158 HOH A O   1 
HETATM 690 O  O   . HOH C 3 .  ? -4.713  -2.184  16.794  1.00 24.80 ? 159 HOH A O   1 
HETATM 691 O  O   . HOH C 3 .  ? -8.813  -11.702 -0.585  1.00 20.15 ? 160 HOH A O   1 
HETATM 692 O  O   . HOH C 3 .  ? -7.352  13.994  -6.147  0.50 18.71 ? 161 HOH A O   1 
HETATM 693 O  O   . HOH C 3 .  ? -8.289  13.483  -5.414  0.50 15.63 ? 162 HOH A O   1 
HETATM 694 O  O   . HOH C 3 .  ? 0.851   7.412   9.502   0.50 15.11 ? 163 HOH A O   1 
HETATM 695 O  O   . HOH C 3 .  ? 0.119   6.719   9.529   0.50 16.78 ? 164 HOH A O   1 
HETATM 696 O  O   . HOH C 3 .  ? 5.071   1.431   -11.781 0.50 13.93 ? 165 HOH A O   1 
HETATM 697 O  O   . HOH C 3 .  ? 4.428   0.633   -11.028 0.50 12.49 ? 166 HOH A O   1 
HETATM 698 O  O   . HOH C 3 .  ? -11.759 -2.790  2.155   0.50 20.93 ? 167 HOH A O   1 
HETATM 699 O  O   . HOH C 3 .  ? 3.532   -11.936 6.749   0.50 12.16 ? 168 HOH A O   1 
HETATM 700 O  O   . HOH C 3 .  ? 15.280  13.442  3.227   1.00 28.61 ? 169 HOH A O   1 
HETATM 701 O  O   . HOH C 3 .  ? 15.302  0.674   0.841   1.00 19.74 ? 170 HOH A O   1 
HETATM 702 O  O   . HOH C 3 .  ? -7.234  9.244   2.744   1.00 26.79 ? 171 HOH A O   1 
HETATM 703 O  O   . HOH C 3 .  ? -13.758 -10.468 -6.488  0.50 15.40 ? 172 HOH A O   1 
HETATM 704 O  O   . HOH C 3 .  ? -13.799 -10.965 -7.525  0.50 16.06 ? 173 HOH A O   1 
HETATM 705 O  O   . HOH C 3 .  ? 8.515   7.255   15.279  1.00 19.92 ? 174 HOH A O   1 
HETATM 706 O  O   . HOH C 3 .  ? -3.570  15.580  -2.794  1.00 35.22 ? 175 HOH A O   1 
HETATM 707 O  O   . HOH C 3 .  ? -0.787  -9.096  -9.881  0.50 17.82 ? 176 HOH A O   1 
HETATM 708 O  O   . HOH C 3 .  ? -1.638  -9.904  -9.802  0.50 20.29 ? 177 HOH A O   1 
HETATM 709 O  O   . HOH C 3 .  ? 17.239  9.085   4.267   1.00 19.34 ? 178 HOH A O   1 
HETATM 710 O  O   . HOH C 3 .  ? -10.262 -4.533  1.387   1.00 28.23 ? 179 HOH A O   1 
HETATM 711 O  O   . HOH C 3 .  ? -6.063  11.034  1.132   1.00 19.24 ? 180 HOH A O   1 
HETATM 712 O  O   . HOH C 3 .  ? -2.384  -13.849 2.348   0.50 17.73 ? 181 HOH A O   1 
HETATM 713 O  O   . HOH C 3 .  ? -3.056  -12.638 2.173   0.50 13.07 ? 182 HOH A O   1 
HETATM 714 O  O   . HOH C 3 .  ? 18.342  8.416   1.396   1.00 35.80 ? 183 HOH A O   1 
HETATM 715 O  O   . HOH C 3 .  ? -0.716  11.229  0.543   1.00 27.13 ? 184 HOH A O   1 
HETATM 716 O  O   . HOH C 3 .  ? -3.444  -0.055  -16.060 1.00 36.63 ? 185 HOH A O   1 
HETATM 717 O  O   . HOH C 3 .  ? -2.553  12.489  -1.263  0.50 14.28 ? 186 HOH A O   1 
HETATM 718 O  O   . HOH C 3 .  ? -3.244  12.198  -0.440  0.50 17.43 ? 187 HOH A O   1 
HETATM 719 O  O   . HOH C 3 .  ? -7.982  7.370   -11.541 1.00 25.68 ? 188 HOH A O   1 
HETATM 720 O  O   . HOH C 3 .  ? -0.948  -6.837  -9.513  1.00 42.98 ? 189 HOH A O   1 
HETATM 721 O  O   . HOH C 3 .  ? -10.823 7.767   -7.430  1.00 18.44 ? 190 HOH A O   1 
HETATM 722 O  O   . HOH C 3 .  ? 2.215   1.151   16.556  0.50 13.41 ? 191 HOH A O   1 
HETATM 723 O  O   . HOH C 3 .  ? 1.579   0.319   16.871  0.50 14.32 ? 192 HOH A O   1 
HETATM 724 O  O   . HOH C 3 .  ? -8.494  9.486   -10.818 0.50 30.23 ? 193 HOH A O   1 
HETATM 725 O  O   . HOH C 3 .  ? -10.053 7.913   -10.161 0.50 16.43 ? 194 HOH A O   1 
HETATM 726 O  O   . HOH C 3 .  ? 12.595  2.331   -6.012  1.00 23.00 ? 195 HOH A O   1 
HETATM 727 O  O   . HOH C 3 .  ? 1.091   10.426  -14.288 1.00 29.35 ? 196 HOH A O   1 
HETATM 728 O  O   . HOH C 3 .  ? -11.751 -1.651  9.225   0.50 17.26 ? 197 HOH A O   1 
HETATM 729 O  O   . HOH C 3 .  ? -12.018 -2.808  10.117  0.50 22.36 ? 198 HOH A O   1 
HETATM 730 O  O   . HOH C 3 .  ? -10.635 -1.082  12.021  1.00 38.81 ? 199 HOH A O   1 
HETATM 731 O  O   . HOH C 3 .  ? 4.131   0.599   18.617  1.00 31.26 ? 200 HOH A O   1 
HETATM 732 O  O   . HOH C 3 .  ? -5.854  13.127  -10.060 0.50 18.14 ? 201 HOH A O   1 
HETATM 733 O  O   . HOH C 3 .  ? -6.142  12.425  -11.219 0.50 17.54 ? 202 HOH A O   1 
HETATM 734 O  O   . HOH C 3 .  ? 0.730   -3.865  -16.799 1.00 31.43 ? 203 HOH A O   1 
HETATM 735 O  O   . HOH C 3 .  ? -11.280 -9.205  -8.220  0.50 13.73 ? 204 HOH A O   1 
HETATM 736 O  O   . HOH C 3 .  ? -9.635  -9.449  -8.467  0.50 16.46 ? 205 HOH A O   1 
HETATM 737 O  O   . HOH C 3 .  ? 5.879   9.031   -2.011  1.00 24.79 ? 206 HOH A O   1 
HETATM 738 O  O   . HOH C 3 .  ? -9.030  -8.634  2.747   1.00 30.24 ? 207 HOH A O   1 
HETATM 739 O  O   . HOH C 3 .  ? 10.259  -7.273  2.157   1.00 41.10 ? 208 HOH A O   1 
HETATM 740 O  O   . HOH C 3 .  ? 2.271   5.985   -14.285 0.50 14.72 ? 209 HOH A O   1 
HETATM 741 O  O   . HOH C 3 .  ? 1.680   5.543   -14.266 0.50 14.68 ? 210 HOH A O   1 
HETATM 742 O  O   . HOH C 3 .  ? -1.310  -1.531  18.101  0.50 23.85 ? 211 HOH A O   1 
HETATM 743 O  O   . HOH C 3 .  ? 0.498   -1.272  17.930  0.50 21.16 ? 212 HOH A O   1 
HETATM 744 O  O   . HOH C 3 .  ? -10.355 12.339  -5.812  1.00 30.77 ? 213 HOH A O   1 
HETATM 745 O  O   . HOH C 3 .  ? 0.179   2.824   -11.638 1.00 24.35 ? 214 HOH A O   1 
HETATM 746 O  O   . HOH C 3 .  ? -1.359  2.519   -15.095 1.00 26.77 ? 215 HOH A O   1 
HETATM 747 O  O   . HOH C 3 .  ? 11.268  -0.007  -10.638 1.00 41.19 ? 216 HOH A O   1 
HETATM 748 O  O   . HOH C 3 .  ? 9.384   -0.907  14.433  1.00 23.26 ? 217 HOH A O   1 
HETATM 749 O  O   . HOH C 3 .  ? -11.974 6.679   -11.552 1.00 33.84 ? 218 HOH A O   1 
HETATM 750 O  O   . HOH C 3 .  ? -11.164 9.670   -3.100  0.50 16.31 ? 219 HOH A O   1 
HETATM 751 O  O   . HOH C 3 .  ? -11.576 8.264   -3.456  0.50 20.46 ? 220 HOH A O   1 
HETATM 752 O  O   . HOH C 3 .  ? 10.356  7.277   -4.525  1.00 34.45 ? 221 HOH A O   1 
HETATM 753 O  O   . HOH C 3 .  ? 12.076  -3.554  2.074   0.50 20.83 ? 222 HOH A O   1 
HETATM 754 O  O   . HOH C 3 .  ? 12.622  -2.869  1.089   0.50 18.18 ? 223 HOH A O   1 
HETATM 755 O  O   . HOH C 3 .  ? -12.482 5.834   -3.925  1.00 25.22 ? 224 HOH A O   1 
HETATM 756 O  O   . HOH C 3 .  ? -2.029  13.241  -7.378  1.00 43.79 ? 225 HOH A O   1 
HETATM 757 O  O   . HOH C 3 .  ? -2.595  13.855  -5.241  1.00 37.69 ? 226 HOH A O   1 
HETATM 758 O  O   . HOH C 3 .  ? 9.437   -3.321  14.818  1.00 21.24 ? 227 HOH A O   1 
HETATM 759 O  O   . HOH C 3 .  ? -3.250  4.607   13.713  0.50 27.37 ? 228 HOH A O   1 
HETATM 760 O  O   . HOH C 3 .  ? -3.950  4.119   11.669  0.50 15.61 ? 229 HOH A O   1 
HETATM 761 O  O   . HOH C 3 .  ? -5.684  3.242   7.150   1.00 22.76 ? 230 HOH A O   1 
HETATM 762 O  O   . HOH C 3 .  ? -4.991  -11.042 1.807   1.00 34.42 ? 231 HOH A O   1 
HETATM 763 O  O   . HOH C 3 .  ? -6.320  -3.741  -12.903 1.00 25.48 ? 232 HOH A O   1 
HETATM 764 O  O   . HOH C 3 .  ? 7.559   9.880   11.779  1.00 27.94 ? 233 HOH A O   1 
HETATM 765 O  O   . HOH C 3 .  ? -11.961 -0.692  -8.349  1.00 11.98 ? 234 HOH A O   1 
HETATM 766 O  O   . HOH C 3 .  ? -2.396  -4.942  12.503  1.00 12.33 ? 235 HOH A O   1 
HETATM 767 O  O   . HOH C 3 .  ? -1.415  -7.522  13.121  1.00 12.32 ? 236 HOH A O   1 
HETATM 768 O  O   . HOH C 3 .  ? -14.063 -4.857  6.716   1.00 23.57 ? 237 HOH A O   1 
HETATM 769 O  O   . HOH C 3 .  ? 0.366   12.773  2.752   1.00 22.08 ? 238 HOH A O   1 
HETATM 770 O  O   . HOH C 3 .  ? -3.844  -16.530 -3.730  0.50 16.09 ? 239 HOH A O   1 
HETATM 771 O  O   . HOH C 3 .  ? -3.551  -15.878 -4.416  0.50 16.66 ? 240 HOH A O   1 
HETATM 772 O  O   . HOH C 3 .  ? 12.971  -6.192  11.058  1.00 32.11 ? 241 HOH A O   1 
HETATM 773 O  O   . HOH C 3 .  ? 12.093  8.243   7.172   1.00 22.15 ? 242 HOH A O   1 
HETATM 774 O  O   . HOH C 3 .  ? -5.333  -8.694  9.267   1.00 29.54 ? 243 HOH A O   1 
HETATM 775 O  O   . HOH C 3 .  ? -12.188 -1.078  5.508   1.00 13.41 ? 244 HOH A O   1 
HETATM 776 O  O   . HOH C 3 .  ? 16.045  11.502  4.331   1.00 19.35 ? 245 HOH A O   1 
HETATM 777 O  O   . HOH C 3 .  ? -2.381  -8.394  -7.495  0.50 13.85 ? 246 HOH A O   1 
HETATM 778 O  O   . HOH C 3 .  ? -2.428  -9.055  -7.633  0.50 11.83 ? 247 HOH A O   1 
HETATM 779 O  O   . HOH C 3 .  ? 12.992  -4.377  3.982   0.50 26.24 ? 248 HOH A O   1 
HETATM 780 O  O   . HOH C 3 .  ? 12.475  -4.279  5.942   0.50 14.30 ? 249 HOH A O   1 
HETATM 781 O  O   . HOH C 3 .  ? -14.004 10.448  -5.890  1.00 30.38 ? 250 HOH A O   1 
HETATM 782 O  O   . HOH C 3 .  ? -6.488  -10.201 -10.846 1.00 40.80 ? 251 HOH A O   1 
HETATM 783 O  O   . HOH C 3 .  ? -14.093 10.139  -3.614  1.00 33.66 ? 252 HOH A O   1 
HETATM 784 O  O   . HOH C 3 .  ? 11.388  -9.843  4.179   1.00 27.50 ? 253 HOH A O   1 
HETATM 785 O  O   . HOH C 3 .  ? 3.736   -14.422 0.950   0.50 13.67 ? 254 HOH A O   1 
HETATM 786 O  O   . HOH C 3 .  ? 2.545   -14.400 1.816   0.50 13.58 ? 255 HOH A O   1 
HETATM 787 O  O   . HOH C 3 .  ? -3.266  -10.692 -13.972 1.00 51.35 ? 256 HOH A O   1 
HETATM 788 O  O   . HOH C 3 .  ? 13.377  -5.940  7.950   1.00 27.59 ? 257 HOH A O   1 
HETATM 789 O  O   . HOH C 3 .  ? -12.464 8.472   0.873   1.00 41.03 ? 258 HOH A O   1 
HETATM 790 O  O   . HOH C 3 .  ? -4.823  -12.742 -9.618  1.00 23.78 ? 259 HOH A O   1 
HETATM 791 O  O   . HOH C 3 .  ? 4.312   -4.684  16.730  0.50 14.23 ? 260 HOH A O   1 
HETATM 792 O  O   . HOH C 3 .  ? 3.137   -5.058  17.146  0.50 14.29 ? 261 HOH A O   1 
HETATM 793 O  O   . HOH C 3 .  ? -3.939  -15.542 -11.045 1.00 53.04 ? 262 HOH A O   1 
HETATM 794 O  O   . HOH C 3 .  ? -2.113  -11.716 -11.123 1.00 34.69 ? 263 HOH A O   1 
HETATM 795 O  O   . HOH C 3 .  ? -10.177 -3.830  3.558   1.00 30.94 ? 264 HOH A O   1 
HETATM 796 O  O   . HOH C 3 .  ? -7.706  13.991  -9.018  1.00 40.33 ? 265 HOH A O   1 
HETATM 797 O  O   . HOH C 3 .  ? -10.766 12.254  -8.855  1.00 42.32 ? 266 HOH A O   1 
HETATM 798 O  O   . HOH C 3 .  ? 4.484   5.560   -11.963 1.00 37.39 ? 267 HOH A O   1 
HETATM 799 O  O   . HOH C 3 .  ? -12.860 12.218  -6.897  1.00 51.00 ? 268 HOH A O   1 
HETATM 800 O  O   . HOH C 3 .  ? -11.108 4.433   1.339   1.00 40.32 ? 269 HOH A O   1 
HETATM 801 O  O   . HOH C 3 .  ? -4.892  14.149  -8.167  1.00 53.29 ? 270 HOH A O   1 
HETATM 802 O  O   . HOH C 3 .  ? -5.436  -10.981 7.121   1.00 44.98 ? 271 HOH A O   1 
HETATM 803 O  O   . HOH C 3 .  ? 11.615  6.343   -1.970  0.50 16.25 ? 272 HOH A O   1 
HETATM 804 O  O   . HOH C 3 .  ? 12.362  5.308   -1.389  0.50 7.90  ? 273 HOH A O   1 
HETATM 805 O  O   . HOH C 3 .  ? -16.336 3.362   -7.405  1.00 30.45 ? 274 HOH A O   1 
HETATM 806 O  O   . HOH C 3 .  ? -11.306 -4.574  11.692  1.00 56.92 ? 275 HOH A O   1 
HETATM 807 O  O   . HOH C 3 .  ? 6.244   8.520   14.488  0.50 21.54 ? 276 HOH A O   1 
HETATM 808 O  O   . HOH C 3 .  ? 6.442   14.146  -12.290 0.50 15.30 ? 277 HOH A O   1 
HETATM 809 O  O   . HOH C 3 .  ? 7.852   -9.277  9.772   1.00 30.32 ? 278 HOH A O   1 
HETATM 810 O  O   . HOH C 3 .  ? 2.421   -2.514  17.853  1.00 30.88 ? 279 HOH A O   1 
HETATM 811 O  O   . HOH C 3 .  ? -4.175  -8.609  -12.785 1.00 30.43 ? 280 HOH A O   1 
HETATM 812 O  O   . HOH C 3 .  ? 18.160  10.878  -0.487  1.00 34.62 ? 281 HOH A O   1 
HETATM 813 O  O   . HOH C 3 .  ? -7.819  6.814   1.409   0.50 20.66 ? 282 HOH A O   1 
HETATM 814 O  O   . HOH C 3 .  ? -8.847  5.516   2.594   0.50 15.41 ? 283 HOH A O   1 
HETATM 815 O  O   . HOH C 3 .  ? -5.979  8.998   5.495   1.00 37.60 ? 284 HOH A O   1 
HETATM 816 O  O   . HOH C 3 .  ? -6.334  -6.194  -8.914  1.00 15.17 ? 285 HOH A O   1 
HETATM 817 O  O   . HOH C 3 .  ? 13.656  7.824   -1.156  1.00 19.96 ? 286 HOH A O   1 
HETATM 818 O  O   . HOH C 3 .  ? 3.649   8.922   11.443  1.00 39.75 ? 287 HOH A O   1 
HETATM 819 O  O   . HOH C 3 .  ? 4.785   8.934   8.718   1.00 32.08 ? 288 HOH A O   1 
HETATM 820 O  O   . HOH C 3 .  ? -5.417  0.608   13.816  1.00 29.52 ? 289 HOH A O   1 
HETATM 821 O  O   . HOH C 3 .  ? -8.392  -8.477  7.758   1.00 39.13 ? 290 HOH A O   1 
HETATM 822 O  O   . HOH C 3 .  ? -1.581  6.632   11.064  1.00 40.91 ? 291 HOH A O   1 
HETATM 823 O  O   . HOH C 3 .  ? -7.658  10.770  -12.527 1.00 46.67 ? 292 HOH A O   1 
HETATM 824 O  O   . HOH C 3 .  ? -8.127  -1.940  14.069  1.00 47.18 ? 293 HOH A O   1 
HETATM 825 O  O   . HOH C 3 .  ? -4.536  -14.617 2.540   1.00 41.75 ? 294 HOH A O   1 
HETATM 826 O  O   . HOH C 3 .  ? -12.799 11.266  -11.301 1.00 35.56 ? 295 HOH A O   1 
HETATM 827 O  O   . HOH C 3 .  ? -5.209  -6.851  -14.426 1.00 36.56 ? 296 HOH A O   1 
HETATM 828 O  O   . HOH C 3 .  ? -4.664  5.913   10.432  1.00 53.04 ? 297 HOH A O   1 
HETATM 829 O  O   . HOH C 3 .  ? -15.039 2.690   -9.973  1.00 52.69 ? 298 HOH A O   1 
HETATM 830 O  O   . HOH C 3 .  ? -5.428  -2.310  -15.304 1.00 47.45 ? 299 HOH A O   1 
HETATM 831 O  O   . HOH C 3 .  ? 8.147   7.102   -8.297  1.00 48.65 ? 300 HOH A O   1 
HETATM 832 O  O   . HOH C 3 .  ? -0.456  11.405  -11.995 1.00 35.24 ? 301 HOH A O   1 
HETATM 833 O  O   . HOH C 3 .  ? -6.413  -15.168 -8.572  1.00 36.62 ? 302 HOH A O   1 
HETATM 834 O  O   . HOH C 3 .  ? -8.013  -13.213 -8.451  1.00 37.47 ? 303 HOH A O   1 
HETATM 835 O  O   . HOH C 3 .  ? -5.803  -14.922 -5.659  1.00 23.52 ? 304 HOH A O   1 
HETATM 836 O  O   . HOH C 3 .  ? 7.158   6.016   -10.846 1.00 47.35 ? 305 HOH A O   1 
HETATM 837 O  O   . HOH C 3 .  ? -10.219 -2.730  -8.992  0.50 12.46 ? 306 HOH A O   1 
# 
loop_
_atom_site_anisotrop.id 
_atom_site_anisotrop.type_symbol 
_atom_site_anisotrop.pdbx_label_atom_id 
_atom_site_anisotrop.pdbx_label_alt_id 
_atom_site_anisotrop.pdbx_label_comp_id 
_atom_site_anisotrop.pdbx_label_asym_id 
_atom_site_anisotrop.pdbx_label_seq_id 
_atom_site_anisotrop.pdbx_PDB_ins_code 
_atom_site_anisotrop.U[1][1] 
_atom_site_anisotrop.U[2][2] 
_atom_site_anisotrop.U[3][3] 
_atom_site_anisotrop.U[1][2] 
_atom_site_anisotrop.U[1][3] 
_atom_site_anisotrop.U[2][3] 
_atom_site_anisotrop.pdbx_auth_seq_id 
_atom_site_anisotrop.pdbx_auth_comp_id 
_atom_site_anisotrop.pdbx_auth_asym_id 
_atom_site_anisotrop.pdbx_auth_atom_id 
1   N  N   . SER A 1  ? 0.3171 0.2115 0.7449 0.1207  0.0914  -0.0020 1   SER A N   
2   C  CA  . SER A 1  ? 0.3142 0.2369 0.7061 0.0942  0.1591  -0.0695 1   SER A CA  
3   C  C   . SER A 1  ? 0.2711 0.2243 0.6395 0.0511  0.1487  -0.0770 1   SER A C   
4   O  O   . SER A 1  ? 0.3799 0.2701 0.5699 0.0311  0.2296  -0.0525 1   SER A O   
5   C  CB  . SER A 1  ? 0.2635 0.2986 0.7388 0.0977  0.1615  -0.0696 1   SER A CB  
6   O  OG  . SER A 1  ? 0.3208 0.5503 0.7488 0.0170  0.1777  -0.0103 1   SER A OG  
7   N  N   . ALA A 2  ? 0.2124 0.2169 0.5664 0.0422  0.1099  -0.1022 2   ALA A N   
8   C  CA  . ALA A 2  ? 0.2104 0.2441 0.4509 0.0460  0.0869  -0.0816 2   ALA A CA  
9   C  C   . ALA A 2  ? 0.1470 0.2103 0.4189 0.0065  0.0242  -0.0905 2   ALA A C   
10  O  O   . ALA A 2  ? 0.1313 0.2224 0.5058 -0.0306 -0.0011 -0.0979 2   ALA A O   
11  C  CB  . ALA A 2  ? 0.2612 0.2675 0.4551 0.0546  0.0973  -0.0558 2   ALA A CB  
12  N  N   . PRO A 3  ? 0.1231 0.1416 0.3064 0.0510  -0.0291 -0.0305 3   PRO A N   
13  C  CA  . PRO A 3  ? 0.1255 0.1096 0.2767 0.0154  -0.0521 0.0034  3   PRO A CA  
14  C  C   . PRO A 3  ? 0.1078 0.1201 0.1972 0.0039  -0.0799 0.0193  3   PRO A C   
15  O  O   . PRO A 3  ? 0.1501 0.1183 0.1702 0.0054  -0.0759 0.0106  3   PRO A O   
16  C  CB  . PRO A 3  ? 0.1344 0.1274 0.2570 -0.0107 -0.0522 0.0020  3   PRO A CB  
17  C  CG  . PRO A 3  ? 0.1285 0.2027 0.2529 -0.0067 -0.0416 0.0235  3   PRO A CG  
18  C  CD  . PRO A 3  ? 0.1596 0.1599 0.2713 0.0318  -0.0314 -0.0308 3   PRO A CD  
19  N  N   . ALA A 4  ? 0.1425 0.1344 0.1965 -0.0186 -0.0939 0.0336  4   ALA A N   
20  C  CA  . ALA A 4  ? 0.1487 0.1414 0.1675 -0.0324 -0.0946 0.0341  4   ALA A CA  
21  C  C   . ALA A 4  ? 0.1414 0.1348 0.1482 -0.0280 -0.0737 0.0137  4   ALA A C   
22  O  O   . ALA A 4  ? 0.1575 0.1341 0.1901 -0.0384 -0.0549 0.0059  4   ALA A O   
23  C  CB  . ALA A 4  ? 0.1786 0.2226 0.1547 -0.0214 -0.0941 0.0294  4   ALA A CB  
24  N  N   . ASN A 5  ? 0.1447 0.1057 0.1278 -0.0162 -0.0774 0.0218  5   ASN A N   
25  C  CA  . ASN A 5  ? 0.1451 0.1188 0.1290 -0.0071 -0.0619 0.0121  5   ASN A CA  
26  C  C   . ASN A 5  ? 0.1106 0.0845 0.1310 -0.0028 -0.0526 0.0217  5   ASN A C   
27  O  O   . ASN A 5  ? 0.1054 0.1180 0.1323 -0.0068 -0.0448 0.0218  5   ASN A O   
28  C  CB  . ASN A 5  ? 0.1561 0.1255 0.1129 -0.0061 -0.0609 0.0024  5   ASN A CB  
29  C  CG  . ASN A 5  ? 0.1549 0.1187 0.1088 -0.0032 -0.0540 0.0127  5   ASN A CG  
30  O  OD1 . ASN A 5  ? 0.1634 0.1243 0.1765 0.0088  -0.0406 0.0037  5   ASN A OD1 
31  N  ND2 . ASN A 5  ? 0.1613 0.1593 0.0944 -0.0181 -0.0281 0.0195  5   ASN A ND2 
32  N  N   . ALA A 6  ? 0.1120 0.0955 0.1289 0.0052  -0.0570 0.0162  6   ALA A N   
33  C  CA  . ALA A 6  ? 0.1094 0.0835 0.1321 0.0084  -0.0573 0.0111  6   ALA A CA  
34  C  C   . ALA A 6  ? 0.0753 0.0773 0.1332 -0.0040 -0.0353 0.0110  6   ALA A C   
35  O  O   . ALA A 6  ? 0.0854 0.0947 0.1464 0.0054  -0.0425 -0.0008 6   ALA A O   
36  C  CB  . ALA A 6  ? 0.1313 0.1019 0.1311 0.0279  -0.0532 -0.0139 6   ALA A CB  
37  N  N   . VAL A 7  ? 0.0739 0.0872 0.1382 -0.0052 -0.0328 0.0237  7   VAL A N   
38  C  CA  . VAL A 7  ? 0.0656 0.0786 0.1069 0.0027  -0.0052 0.0139  7   VAL A CA  
39  C  C   . VAL A 7  ? 0.0699 0.0746 0.1235 0.0021  -0.0095 0.0110  7   VAL A C   
40  O  O   . VAL A 7  ? 0.0866 0.0977 0.1498 -0.0023 0.0206  -0.0068 7   VAL A O   
41  C  CB  . VAL A 7  ? 0.0690 0.0856 0.0925 0.0065  -0.0058 0.0167  7   VAL A CB  
42  C  CG1 . VAL A 7  ? 0.0929 0.0820 0.1076 0.0092  -0.0145 0.0177  7   VAL A CG1 
43  C  CG2 . VAL A 7  ? 0.0658 0.1189 0.0884 -0.0049 -0.0099 0.0099  7   VAL A CG2 
44  N  N   . ALA A 8  ? 0.0840 0.0783 0.1411 -0.0056 0.0140  0.0026  8   ALA A N   
45  C  CA  . ALA A 8  ? 0.0616 0.0834 0.1433 -0.0021 -0.0029 0.0084  8   ALA A CA  
46  C  C   . ALA A 8  ? 0.0832 0.0739 0.1242 0.0083  0.0065  -0.0027 8   ALA A C   
47  O  O   . ALA A 8  ? 0.0699 0.0899 0.1447 0.0043  0.0092  0.0193  8   ALA A O   
48  C  CB  . ALA A 8  ? 0.0992 0.0963 0.1699 -0.0221 -0.0364 0.0230  8   ALA A CB  
49  N  N   . ALA A 9  ? 0.0901 0.1204 0.1205 0.0199  0.0086  -0.0038 9   ALA A N   
50  C  CA  . ALA A 9  ? 0.1039 0.1403 0.1114 -0.0020 -0.0092 0.0023  9   ALA A CA  
51  C  C   . ALA A 9  ? 0.1100 0.1276 0.1155 -0.0072 0.0052  0.0183  9   ALA A C   
52  O  O   . ALA A 9  ? 0.1243 0.1650 0.1337 0.0189  -0.0107 0.0162  9   ALA A O   
53  C  CB  . ALA A 9  ? 0.1078 0.1903 0.1163 0.0202  -0.0034 0.0041  9   ALA A CB  
54  N  N   . ASP A 10 ? 0.0885 0.0988 0.1184 0.0089  0.0147  0.0140  10  ASP A N   
55  C  CA  . ASP A 10 ? 0.0964 0.1030 0.1582 0.0043  0.0256  0.0049  10  ASP A CA  
56  C  C   . ASP A 10 ? 0.0935 0.0926 0.1075 -0.0061 -0.0072 0.0069  10  ASP A C   
57  O  O   . ASP A 10 ? 0.1190 0.1331 0.1530 -0.0341 0.0146  -0.0488 10  ASP A O   
58  C  CB  . ASP A 10 ? 0.1106 0.1127 0.1480 -0.0041 0.0273  -0.0057 10  ASP A CB  
59  C  CG  . ASP A 10 ? 0.1289 0.1158 0.1480 -0.0428 -0.0060 -0.0133 10  ASP A CG  
60  O  OD1 . ASP A 10 ? 0.1581 0.1221 0.1482 -0.0404 -0.0174 -0.0100 10  ASP A OD1 
61  O  OD2 . ASP A 10 ? 0.1257 0.1515 0.2982 -0.0361 -0.0376 -0.0257 10  ASP A OD2 
62  N  N   . ASN A 11 ? 0.0810 0.1096 0.1107 0.0006  0.0055  0.0029  11  ASN A N   
63  C  CA  . ASN A 11 ? 0.0764 0.1154 0.0941 0.0087  -0.0030 -0.0158 11  ASN A CA  
64  C  C   . ASN A 11 ? 0.0849 0.0946 0.1021 0.0010  0.0044  -0.0129 11  ASN A C   
65  O  O   . ASN A 11 ? 0.0839 0.0818 0.0951 0.0064  0.0033  -0.0010 11  ASN A O   
66  C  CB  . ASN A 11 ? 0.0735 0.1332 0.1507 0.0023  0.0024  0.0379  11  ASN A CB  
67  C  CG  . ASN A 11 ? 0.2557 0.3666 0.1736 -0.0782 -0.0145 0.1144  11  ASN A CG  
68  O  OD1 . ASN A 11 ? 0.3442 0.6691 0.1879 -0.1379 0.0614  0.1199  11  ASN A OD1 
69  N  ND2 . ASN A 11 ? 0.3065 0.4980 0.1924 -0.1139 -0.1009 0.1102  11  ASN A ND2 
70  N  N   . ALA A 12 ? 0.0911 0.0929 0.1075 0.0050  0.0026  -0.0121 12  ALA A N   
71  C  CA  . ALA A 12 ? 0.1012 0.0701 0.1270 -0.0047 -0.0111 -0.0113 12  ALA A CA  
72  C  C   . ALA A 12 ? 0.0975 0.0693 0.1046 0.0052  -0.0066 -0.0205 12  ALA A C   
73  O  O   . ALA A 12 ? 0.1170 0.0794 0.1254 0.0098  -0.0194 -0.0140 12  ALA A O   
74  C  CB  . ALA A 12 ? 0.1253 0.1242 0.2072 0.0240  -0.0443 -0.0920 12  ALA A CB  
75  N  N   . THR A 13 ? 0.0817 0.0857 0.0937 -0.0003 -0.0006 -0.0205 13  THR A N   
76  C  CA  . THR A 13 ? 0.0815 0.0823 0.0980 0.0011  -0.0040 -0.0155 13  THR A CA  
77  C  C   . THR A 13 ? 0.0835 0.0788 0.0874 0.0019  -0.0069 -0.0072 13  THR A C   
78  O  O   . THR A 13 ? 0.0881 0.0890 0.1132 0.0037  -0.0281 -0.0242 13  THR A O   
79  C  CB  . THR A 13 ? 0.0911 0.0917 0.1064 -0.0052 0.0206  -0.0110 13  THR A CB  
80  O  OG1 . THR A 13 ? 0.1292 0.1336 0.1194 -0.0181 0.0350  -0.0224 13  THR A OG1 
81  C  CG2 . THR A 13 ? 0.0945 0.1058 0.1459 -0.0117 0.0093  -0.0089 13  THR A CG2 
82  N  N   . ALA A 14 ? 0.0920 0.0638 0.0817 0.0134  -0.0158 -0.0019 14  ALA A N   
83  C  CA  . ALA A 14 ? 0.0863 0.0629 0.0872 0.0072  -0.0077 0.0024  14  ALA A CA  
84  C  C   . ALA A 14 ? 0.0897 0.0667 0.0842 0.0080  -0.0107 -0.0070 14  ALA A C   
85  O  O   . ALA A 14 ? 0.1330 0.0742 0.0853 0.0222  -0.0286 -0.0123 14  ALA A O   
86  C  CB  . ALA A 14 ? 0.0882 0.0682 0.1196 0.0051  -0.0031 0.0126  14  ALA A CB  
87  N  N   . ILE A 15 ? 0.1175 0.0584 0.0695 0.0126  -0.0021 0.0021  15  ILE A N   
88  C  CA  . ILE A 15 ? 0.1026 0.0755 0.0972 0.0130  0.0082  0.0132  15  ILE A CA  
89  C  C   . ILE A 15 ? 0.1092 0.0712 0.0984 0.0148  -0.0096 0.0000  15  ILE A C   
90  O  O   . ILE A 15 ? 0.1533 0.0857 0.0968 0.0370  -0.0210 -0.0026 15  ILE A O   
91  C  CB  . ILE A 15 ? 0.0945 0.0732 0.1717 0.0075  -0.0177 0.0251  15  ILE A CB  
92  C  CG1 . ILE A 15 ? 0.0877 0.1155 0.2049 0.0100  0.0137  0.0417  15  ILE A CG1 
93  C  CG2 . ILE A 15 ? 0.1662 0.0975 0.2622 -0.0315 -0.0886 0.0723  15  ILE A CG2 
94  C  CD1 . ILE A 15 ? 0.0928 0.1362 0.3062 -0.0058 -0.0305 0.0583  15  ILE A CD1 
95  N  N   . ALA A 16 ? 0.0956 0.0742 0.1047 0.0077  -0.0082 -0.0173 16  ALA A N   
96  C  CA  . ALA A 16 ? 0.1017 0.0776 0.1210 0.0158  -0.0161 -0.0189 16  ALA A CA  
97  C  C   . ALA A 16 ? 0.1104 0.0662 0.1300 0.0237  -0.0325 -0.0219 16  ALA A C   
98  O  O   . ALA A 16 ? 0.1480 0.0843 0.1576 0.0304  -0.0664 -0.0187 16  ALA A O   
99  C  CB  . ALA A 16 ? 0.1005 0.0917 0.1402 0.0113  -0.0155 -0.0488 16  ALA A CB  
100 N  N   . LEU A 17 ? 0.1189 0.0744 0.0908 0.0272  -0.0268 -0.0167 17  LEU A N   
101 C  CA  . LEU A 17 ? 0.0940 0.0726 0.1175 0.0194  -0.0270 -0.0295 17  LEU A CA  
102 C  C   . LEU A 17 ? 0.1253 0.0815 0.0898 0.0260  -0.0326 -0.0124 17  LEU A C   
103 O  O   . LEU A 17 ? 0.1478 0.0858 0.0976 0.0052  -0.0253 -0.0196 17  LEU A O   
104 C  CB  . LEU A 17 ? 0.0957 0.0790 0.1079 0.0228  -0.0085 -0.0302 17  LEU A CB  
105 C  CG  . LEU A 17 ? 0.0929 0.0908 0.1104 0.0194  -0.0147 -0.0315 17  LEU A CG  
106 C  CD1 . LEU A 17 ? 0.1620 0.0893 0.1519 -0.0019 0.0206  -0.0141 17  LEU A CD1 
107 C  CD2 . LEU A 17 ? 0.0906 0.1770 0.1248 0.0299  -0.0083 -0.0556 17  LEU A CD2 
108 N  N   . LYS A 18 ? 0.1267 0.0696 0.0993 0.0247  -0.0252 -0.0169 18  LYS A N   
109 C  CA  . LYS A 18 ? 0.1451 0.0721 0.0995 0.0232  -0.0180 -0.0138 18  LYS A CA  
110 C  C   . LYS A 18 ? 0.1433 0.0736 0.0855 0.0354  -0.0116 -0.0132 18  LYS A C   
111 O  O   . LYS A 18 ? 0.1676 0.0884 0.0777 0.0421  0.0013  -0.0081 18  LYS A O   
112 C  CB  . LYS A 18 ? 0.1663 0.1082 0.1062 0.0590  -0.0355 -0.0071 18  LYS A CB  
113 C  CG  . LYS A 18 ? 0.2938 0.1210 0.1600 0.0744  -0.0213 0.0189  18  LYS A CG  
114 C  CD  . LYS A 18 ? 0.3950 0.1500 0.1888 0.1124  -0.0537 0.0378  18  LYS A CD  
115 C  CE  . LYS A 18 ? 0.4227 0.1477 0.2462 0.1382  -0.0536 0.0182  18  LYS A CE  
116 N  NZ  . LYS A 18 ? 0.5533 0.1361 0.2975 0.0771  0.0043  0.0703  18  LYS A NZ  
117 N  N   . TYR A 19 ? 0.1289 0.0837 0.0806 0.0259  -0.0021 -0.0091 19  TYR A N   
118 C  CA  . TYR A 19 ? 0.0985 0.0807 0.0839 0.0132  -0.0060 -0.0036 19  TYR A CA  
119 C  C   . TYR A 19 ? 0.1042 0.0820 0.0912 0.0105  -0.0012 -0.0121 19  TYR A C   
120 O  O   . TYR A 19 ? 0.1088 0.0888 0.1401 -0.0068 0.0352  -0.0281 19  TYR A O   
121 C  CB  . TYR A 19 ? 0.0934 0.0770 0.0765 0.0113  -0.0133 -0.0097 19  TYR A CB  
122 C  CG  . TYR A 19 ? 0.0912 0.0732 0.0778 0.0109  -0.0084 -0.0028 19  TYR A CG  
123 C  CD1 . TYR A 19 ? 0.0680 0.0841 0.1052 0.0041  -0.0114 0.0058  19  TYR A CD1 
124 C  CD2 . TYR A 19 ? 0.0875 0.0750 0.0955 0.0043  -0.0058 -0.0140 19  TYR A CD2 
125 C  CE1 . TYR A 19 ? 0.0796 0.0733 0.0729 -0.0025 -0.0030 -0.0105 19  TYR A CE1 
126 C  CE2 . TYR A 19 ? 0.0869 0.0817 0.0931 -0.0034 -0.0270 0.0071  19  TYR A CE2 
127 C  CZ  . TYR A 19 ? 0.0794 0.0741 0.0746 0.0016  -0.0081 0.0093  19  TYR A CZ  
128 O  OH  . TYR A 19 ? 0.0934 0.0777 0.0926 0.0099  -0.0043 0.0058  19  TYR A OH  
129 N  N   . ASN A 20 ? 0.0938 0.0740 0.0902 0.0082  -0.0005 -0.0100 20  ASN A N   
130 C  CA  . ASN A 20 ? 0.0857 0.0977 0.0853 0.0047  -0.0037 -0.0173 20  ASN A CA  
131 C  C   . ASN A 20 ? 0.0816 0.0916 0.0951 0.0090  0.0097  -0.0260 20  ASN A C   
132 O  O   . ASN A 20 ? 0.0718 0.0899 0.1269 0.0092  -0.0045 -0.0200 20  ASN A O   
133 C  CB  . ASN A 20 ? 0.1245 0.1054 0.0933 -0.0052 0.0134  -0.0142 20  ASN A CB  
134 C  CG  . ASN A 20 ? 0.1326 0.0941 0.1456 -0.0058 0.0416  -0.0015 20  ASN A CG  
135 O  OD1 . ASN A 20 ? 0.1205 0.1270 0.1074 -0.0087 0.0210  -0.0105 20  ASN A OD1 
136 N  ND2 . ASN A 20 ? 0.2094 0.1589 0.1994 -0.0026 0.1042  0.0556  20  ASN A ND2 
137 N  N   . GLN A 21 ? 0.0959 0.0938 0.0760 0.0021  0.0010  -0.0241 21  GLN A N   
138 C  CA  . GLN A 21 ? 0.1059 0.1088 0.0851 0.0117  -0.0036 -0.0192 21  GLN A CA  
139 C  C   . GLN A 21 ? 0.0786 0.0918 0.0760 0.0049  -0.0063 -0.0091 21  GLN A C   
140 O  O   . GLN A 21 ? 0.0890 0.0989 0.0829 0.0066  -0.0003 -0.0140 21  GLN A O   
141 C  CB  . GLN A 21 ? 0.1165 0.1515 0.0834 -0.0053 -0.0111 -0.0001 21  GLN A CB  
142 C  CG  . GLN A 21 ? 0.1120 0.1604 0.1007 -0.0056 -0.0193 -0.0134 21  GLN A CG  
143 C  CD  . GLN A 21 ? 0.1132 0.1928 0.1111 0.0170  -0.0150 -0.0138 21  GLN A CD  
144 O  OE1 . GLN A 21 ? 0.1892 0.1960 0.1077 0.0469  -0.0254 0.0114  21  GLN A OE1 
145 N  NE2 . GLN A 21 ? 0.1483 0.4592 0.1956 -0.0884 -0.0730 0.0241  21  GLN A NE2 
146 N  N   . ASP A 22 ? 0.0708 0.0959 0.0808 0.0043  -0.0002 -0.0131 22  ASP A N   
147 C  CA  . ASP A 22 ? 0.0712 0.1022 0.0682 -0.0006 -0.0059 -0.0091 22  ASP A CA  
148 C  C   . ASP A 22 ? 0.0769 0.0949 0.0731 0.0003  -0.0017 -0.0063 22  ASP A C   
149 O  O   . ASP A 22 ? 0.0968 0.0933 0.0700 -0.0019 0.0042  -0.0031 22  ASP A O   
150 C  CB  . ASP A 22 ? 0.0763 0.1468 0.0893 -0.0040 0.0087  -0.0044 22  ASP A CB  
151 C  CG  . ASP A 22 ? 0.0798 0.1847 0.0972 0.0081  0.0043  -0.0285 22  ASP A CG  
152 O  OD1 . ASP A 22 ? 0.0960 0.1849 0.1023 -0.0096 0.0093  -0.0364 22  ASP A OD1 
153 O  OD2 . ASP A 22 ? 0.0871 0.1973 0.1170 -0.0015 0.0205  -0.0124 22  ASP A OD2 
154 N  N   . ALA A 23 ? 0.0700 0.0907 0.0771 0.0006  -0.0077 0.0053  23  ALA A N   
155 C  CA  . ALA A 23 ? 0.0813 0.0976 0.0764 0.0109  -0.0117 -0.0058 23  ALA A CA  
156 C  C   . ALA A 23 ? 0.0986 0.1095 0.0740 0.0217  -0.0079 -0.0023 23  ALA A C   
157 O  O   . ALA A 23 ? 0.1112 0.1234 0.0892 0.0269  -0.0125 0.0053  23  ALA A O   
158 C  CB  . ALA A 23 ? 0.0809 0.1026 0.0887 0.0079  -0.0089 -0.0230 23  ALA A CB  
159 N  N   . THR A 24 ? 0.1086 0.1374 0.0688 0.0355  -0.0060 -0.0035 24  THR A N   
160 C  CA  . THR A 24 ? 0.1693 0.1567 0.0766 0.0664  0.0190  -0.0019 24  THR A CA  
161 C  C   . THR A 24 ? 0.2035 0.1605 0.1029 0.0611  0.0609  0.0261  24  THR A C   
162 O  O   . THR A 24 ? 0.3940 0.2071 0.1142 0.0893  0.1047  0.0546  24  THR A O   
163 C  CB  . THR A 24 ? 0.1669 0.1672 0.0998 0.0662  0.0259  0.0006  24  THR A CB  
164 O  OG1 . THR A 24 ? 0.1718 0.1811 0.0982 0.0557  0.0182  -0.0077 24  THR A OG1 
165 C  CG2 . THR A 24 ? 0.1752 0.1550 0.1072 0.0728  0.0109  -0.0224 24  THR A CG2 
166 N  N   . LYS A 25 ? 0.1612 0.1328 0.1325 0.0490  0.0450  0.0182  25  LYS A N   
167 C  CA  . LYS A 25 ? 0.1500 0.1427 0.1809 0.0315  0.0620  0.0330  25  LYS A CA  
168 C  C   . LYS A 25 ? 0.1429 0.1231 0.1843 0.0135  0.0670  0.0192  25  LYS A C   
169 O  O   . LYS A 25 ? 0.1411 0.1187 0.2213 0.0103  0.0410  0.0435  25  LYS A O   
170 C  CB  . LYS A 25 ? 0.1859 0.1596 0.2424 0.0313  0.0132  0.0171  25  LYS A CB  
171 C  CG  . LYS A 25 ? 0.1778 0.2765 0.3319 0.0578  -0.0153 -0.0133 25  LYS A CG  
172 C  CD  . LYS A 25 ? 0.2080 0.4283 0.3344 0.0563  -0.0429 -0.0155 25  LYS A CD  
173 C  CE  . LYS A 25 ? 0.2899 0.4758 0.3217 0.0545  -0.0560 -0.0104 25  LYS A CE  
174 N  NZ  . LYS A 25 ? 0.2059 0.2391 0.2863 0.0580  0.0167  -0.0271 25  LYS A NZ  
175 N  N   . SER A 26 ? 0.1256 0.1019 0.1213 0.0236  0.0238  0.0110  26  SER A N   
176 C  CA  . SER A 26 ? 0.1151 0.0985 0.1019 0.0198  0.0140  0.0048  26  SER A CA  
177 C  C   . SER A 26 ? 0.1539 0.0930 0.0860 0.0224  -0.0014 -0.0104 26  SER A C   
178 O  O   . SER A 26 ? 0.1618 0.1112 0.0919 0.0104  0.0170  -0.0025 26  SER A O   
179 C  CB  . SER A 26 ? 0.0959 0.1213 0.0978 0.0138  -0.0130 0.0110  26  SER A CB  
180 O  OG  . SER A 26 ? 0.1046 0.1047 0.1122 0.0141  -0.0067 0.0073  26  SER A OG  
181 N  N   . GLU A 27 ? 0.1396 0.1084 0.0672 0.0179  -0.0052 -0.0041 27  GLU A N   
182 C  CA  . GLU A 27 ? 0.1455 0.1046 0.0862 0.0294  0.0078  0.0253  27  GLU A CA  
183 C  C   . GLU A 27 ? 0.1372 0.1149 0.0725 0.0357  0.0013  0.0008  27  GLU A C   
184 O  O   . GLU A 27 ? 0.1742 0.1176 0.0965 0.0436  -0.0331 0.0122  27  GLU A O   
185 C  CB  . GLU A 27 ? 0.2154 0.1064 0.1343 0.0409  -0.0277 -0.0041 27  GLU A CB  
186 C  CG  . GLU A 27 ? 0.2334 0.1487 0.2004 0.0273  -0.0540 -0.0350 27  GLU A CG  
187 C  CD  . GLU A 27 ? 0.2333 0.1452 0.2496 0.0337  -0.0886 -0.0393 27  GLU A CD  
188 O  OE1 . GLU A 27 ? 0.2553 0.1967 0.2729 0.0478  -0.0203 -0.0836 27  GLU A OE1 
189 O  OE2 . GLU A 27 ? 0.2651 0.1448 0.3326 0.0118  -0.1111 -0.0131 27  GLU A OE2 
190 N  N   . ARG A 28 ? 0.1260 0.1142 0.0819 0.0355  0.0027  -0.0020 28  ARG A N   
191 C  CA  . ARG A 28 ? 0.1315 0.1074 0.0827 0.0315  -0.0087 0.0088  28  ARG A CA  
192 C  C   . ARG A 28 ? 0.1537 0.1016 0.0766 0.0435  -0.0090 -0.0027 28  ARG A C   
193 O  O   . ARG A 28 ? 0.1586 0.1205 0.0922 0.0456  -0.0322 0.0045  28  ARG A O   
194 C  CB  . ARG A 28 ? 0.1359 0.1062 0.0655 0.0418  -0.0193 -0.0045 28  ARG A CB  
195 C  CG  . ARG A 28 ? 0.1335 0.1155 0.0825 0.0352  -0.0086 0.0018  28  ARG A CG  
196 C  CD  . ARG A 28 ? 0.1222 0.1195 0.0648 0.0452  -0.0182 -0.0091 28  ARG A CD  
197 N  NE  . ARG A 28 ? 0.1092 0.1214 0.0971 0.0373  -0.0170 -0.0176 28  ARG A NE  
198 C  CZ  . ARG A 28 ? 0.1047 0.1222 0.1090 0.0339  -0.0105 -0.0294 28  ARG A CZ  
199 N  NH1 . ARG A 28 ? 0.0938 0.1060 0.1162 0.0195  -0.0197 -0.0420 28  ARG A NH1 
200 N  NH2 . ARG A 28 ? 0.1277 0.1319 0.1759 0.0407  0.0244  -0.0240 28  ARG A NH2 
201 N  N   . VAL A 29 ? 0.1780 0.1035 0.0758 0.0507  -0.0047 0.0021  29  VAL A N   
202 C  CA  . VAL A 29 ? 0.2513 0.1002 0.0676 0.0541  -0.0117 -0.0032 29  VAL A CA  
203 C  C   . VAL A 29 ? 0.2507 0.1008 0.0812 0.0535  -0.0266 -0.0015 29  VAL A C   
204 O  O   . VAL A 29 ? 0.2797 0.1237 0.0968 0.0522  -0.0574 -0.0071 29  VAL A O   
205 C  CB  . VAL A 29 ? 0.2601 0.0880 0.0783 0.0342  0.0070  -0.0036 29  VAL A CB  
206 C  CG1 . VAL A 29 ? 0.2973 0.4724 0.3126 -0.1146 -0.0045 0.0267  29  VAL A CG1 
207 C  CG2 . VAL A 29 ? 0.3227 0.1233 0.0841 0.0621  0.0267  0.0221  29  VAL A CG2 
208 N  N   . ALA A 30 ? 0.2393 0.0959 0.0874 0.0564  -0.0191 0.0048  30  ALA A N   
209 C  CA  . ALA A 30 ? 0.2256 0.0974 0.0880 0.0551  -0.0238 0.0162  30  ALA A CA  
210 C  C   . ALA A 30 ? 0.2121 0.1122 0.0946 0.0610  -0.0349 0.0055  30  ALA A C   
211 O  O   . ALA A 30 ? 0.2054 0.1126 0.1166 0.0382  -0.0673 0.0059  30  ALA A O   
212 C  CB  . ALA A 30 ? 0.2582 0.1013 0.1190 0.0306  0.0040  0.0118  30  ALA A CB  
213 N  N   . ALA A 31 ? 0.2014 0.1040 0.0890 0.0467  -0.0353 0.0046  31  ALA A N   
214 C  CA  . ALA A 31 ? 0.1982 0.1235 0.0819 0.0740  -0.0387 0.0010  31  ALA A CA  
215 C  C   . ALA A 31 ? 0.2053 0.1078 0.0763 0.0500  -0.0225 0.0196  31  ALA A C   
216 O  O   . ALA A 31 ? 0.2035 0.1339 0.1105 0.0603  -0.0257 0.0027  31  ALA A O   
217 C  CB  . ALA A 31 ? 0.1980 0.1388 0.0891 0.0637  -0.0338 0.0155  31  ALA A CB  
218 N  N   . ALA A 32 ? 0.1817 0.1013 0.1166 0.0387  -0.0166 0.0117  32  ALA A N   
219 C  CA  . ALA A 32 ? 0.1983 0.1443 0.0815 0.0403  -0.0158 -0.0059 32  ALA A CA  
220 C  C   . ALA A 32 ? 0.1625 0.1072 0.1117 0.0494  -0.0225 -0.0046 32  ALA A C   
221 O  O   . ALA A 32 ? 0.1759 0.1234 0.1292 0.0503  -0.0586 -0.0134 32  ALA A O   
222 C  CB  . ALA A 32 ? 0.2332 0.1466 0.1383 -0.0015 -0.0506 0.0438  32  ALA A CB  
223 N  N   . ARG A 33 ? 0.1290 0.1271 0.0980 0.0363  -0.0251 -0.0064 33  ARG A N   
224 C  CA  . ARG A 33 ? 0.1265 0.0996 0.1019 0.0440  -0.0252 -0.0150 33  ARG A CA  
225 C  C   . ARG A 33 ? 0.1060 0.1132 0.1029 0.0490  -0.0300 -0.0208 33  ARG A C   
226 O  O   . ARG A 33 ? 0.1100 0.1191 0.1041 0.0422  -0.0284 -0.0337 33  ARG A O   
227 C  CB  . ARG A 33 ? 0.1369 0.1151 0.1024 0.0096  -0.0366 -0.0045 33  ARG A CB  
228 C  CG  . ARG A 33 ? 0.2245 0.2079 0.1084 -0.0598 -0.0138 -0.0558 33  ARG A CG  
229 C  CD  . ARG A 33 ? 0.3043 0.1743 0.1676 -0.0683 0.0410  -0.0538 33  ARG A CD  
230 N  NE  . ARG A 33 ? 0.2722 0.1400 0.1577 -0.0234 0.0389  -0.0481 33  ARG A NE  
231 C  CZ  . ARG A 33 ? 0.2791 0.1252 0.1142 0.0394  -0.0031 -0.0103 33  ARG A CZ  
232 N  NH1 . ARG A 33 ? 0.3431 0.1356 0.1967 0.0522  -0.1070 0.0069  33  ARG A NH1 
233 N  NH2 . ARG A 33 ? 0.2138 0.1722 0.1429 0.0353  0.0012  0.0086  33  ARG A NH2 
234 N  N   . PRO A 34 ? 0.1050 0.1283 0.1113 0.0530  -0.0236 -0.0361 34  PRO A N   
235 C  CA  . PRO A 34 ? 0.0952 0.1589 0.1082 0.0510  -0.0441 -0.0347 34  PRO A CA  
236 C  C   . PRO A 34 ? 0.0766 0.1463 0.0904 0.0295  -0.0249 -0.0404 34  PRO A C   
237 O  O   . PRO A 34 ? 0.0863 0.1509 0.0932 0.0202  -0.0335 -0.0325 34  PRO A O   
238 C  CB  . PRO A 34 ? 0.1006 0.1803 0.1370 0.0612  -0.0351 -0.0228 34  PRO A CB  
239 C  CG  . PRO A 34 ? 0.1094 0.1798 0.1397 0.0468  -0.0113 -0.0294 34  PRO A CG  
240 C  CD  . PRO A 34 ? 0.1257 0.1323 0.1155 0.0474  -0.0051 -0.0322 34  PRO A CD  
241 N  N   . GLY A 35 ? 0.0876 0.1554 0.0821 0.0424  -0.0300 -0.0390 35  GLY A N   
242 C  CA  . GLY A 35 ? 0.0706 0.1531 0.1158 0.0280  -0.0336 -0.0584 35  GLY A CA  
243 C  C   . GLY A 35 ? 0.0789 0.1579 0.1132 0.0337  -0.0406 -0.0716 35  GLY A C   
244 O  O   . GLY A 35 ? 0.0942 0.1591 0.1504 0.0274  -0.0371 -0.0629 35  GLY A O   
245 N  N   . LEU A 36 ? 0.0696 0.1509 0.1429 0.0383  -0.0405 -0.0793 36  LEU A N   
246 C  CA  . LEU A 36 ? 0.0810 0.1531 0.1476 0.0369  -0.0370 -0.0799 36  LEU A CA  
247 C  C   . LEU A 36 ? 0.0754 0.1660 0.1377 0.0498  -0.0367 -0.0664 36  LEU A C   
248 O  O   . LEU A 36 ? 0.0850 0.1577 0.1181 0.0370  -0.0383 -0.0610 36  LEU A O   
249 C  CB  . LEU A 36 ? 0.0832 0.1369 0.1621 0.0316  -0.0430 -0.0591 36  LEU A CB  
250 C  CG  . LEU A 36 ? 0.0775 0.1493 0.1608 0.0312  -0.0428 -0.0907 36  LEU A CG  
251 C  CD1 . LEU A 36 ? 0.1280 0.1391 0.2447 0.0213  -0.0814 -0.0917 36  LEU A CD1 
252 C  CD2 . LEU A 36 ? 0.0882 0.1532 0.1729 0.0354  -0.0499 -0.0734 36  LEU A CD2 
253 N  N   . PRO A 37 ? 0.0935 0.1838 0.1436 0.0300  -0.0325 -0.0916 37  PRO A N   
254 C  CA  . PRO A 37 ? 0.1089 0.1901 0.0995 0.0442  -0.0446 -0.0527 37  PRO A CA  
255 C  C   . PRO A 37 ? 0.0754 0.1689 0.1052 0.0416  -0.0285 -0.0470 37  PRO A C   
256 O  O   . PRO A 37 ? 0.0837 0.1374 0.1131 0.0224  -0.0309 -0.0486 37  PRO A O   
257 C  CB  . PRO A 37 ? 0.1338 0.2314 0.1390 0.0334  -0.0186 -0.0895 37  PRO A CB  
258 C  CG  . PRO A 37 ? 0.1243 0.2536 0.1670 0.0450  -0.0263 -0.1256 37  PRO A CG  
259 C  CD  . PRO A 37 ? 0.0990 0.2136 0.1735 0.0255  -0.0339 -0.1240 37  PRO A CD  
260 N  N   . PRO A 38 ? 0.1085 0.1610 0.0955 0.0487  -0.0285 -0.0357 38  PRO A N   
261 C  CA  . PRO A 38 ? 0.1009 0.1582 0.0927 0.0301  -0.0146 -0.0304 38  PRO A CA  
262 C  C   . PRO A 38 ? 0.0923 0.1559 0.0877 0.0208  -0.0139 -0.0268 38  PRO A C   
263 O  O   . PRO A 38 ? 0.1126 0.1371 0.0921 0.0169  -0.0311 -0.0362 38  PRO A O   
264 C  CB  . PRO A 38 ? 0.1564 0.1470 0.1456 0.0421  -0.0124 -0.0324 38  PRO A CB  
265 C  CG  . PRO A 38 ? 0.1950 0.1545 0.2222 0.0292  -0.0672 -0.0143 38  PRO A CG  
266 C  CD  . PRO A 38 ? 0.1852 0.1794 0.1506 0.0639  -0.0661 -0.0186 38  PRO A CD  
267 N  N   . GLU A 39 ? 0.0812 0.1734 0.0874 0.0242  -0.0210 -0.0380 39  GLU A N   
268 C  CA  . GLU A 39 ? 0.0831 0.1789 0.1664 0.0326  -0.0289 -0.0677 39  GLU A CA  
269 C  C   . GLU A 39 ? 0.0895 0.1828 0.1235 0.0580  -0.0288 -0.0704 39  GLU A C   
270 O  O   . GLU A 39 ? 0.0891 0.2287 0.1281 0.0556  -0.0216 -0.0481 39  GLU A O   
271 C  CB  . GLU A 39 ? 0.1142 0.1829 0.1961 0.0607  0.0110  -0.0303 39  GLU A CB  
272 C  CG  . GLU A 39 ? 0.1553 0.2112 0.2620 0.0579  0.0141  0.0122  39  GLU A CG  
273 C  CD  . GLU A 39 ? 0.1987 0.2327 0.3578 -0.0033 -0.0108 0.0318  39  GLU A CD  
274 O  OE1 . GLU A 39 ? 0.3290 0.5246 0.4744 -0.0694 -0.1849 0.0276  39  GLU A OE1 
275 O  OE2 . GLU A 39 ? 0.3562 0.2555 0.4988 -0.0598 0.1314  0.0435  39  GLU A OE2 
276 N  N   . GLU A 40 ? 0.0873 0.1676 0.1136 0.0558  -0.0316 -0.0601 40  GLU A N   
277 C  CA  . GLU A 40 ? 0.1049 0.1555 0.1073 0.0609  -0.0515 -0.0652 40  GLU A CA  
278 C  C   . GLU A 40 ? 0.0800 0.1269 0.1147 0.0486  -0.0367 -0.0568 40  GLU A C   
279 O  O   . GLU A 40 ? 0.1194 0.1154 0.1378 0.0537  -0.0355 -0.0461 40  GLU A O   
280 C  CB  . GLU A 40 ? 0.0984 0.1763 0.1315 0.0475  -0.0393 -0.0847 40  GLU A CB  
281 C  CG  . GLU A 40 ? 0.1239 0.2383 0.1544 0.0394  -0.0297 -0.1263 40  GLU A CG  
282 C  CD  . GLU A 40 ? 0.1779 0.2502 0.2233 0.0130  -0.0405 -0.1697 40  GLU A CD  
283 O  OE1 . GLU A 40 ? 0.1524 0.3065 0.3260 0.0035  -0.0338 -0.1869 40  GLU A OE1 
284 O  OE2 . GLU A 40 ? 0.2993 0.4019 0.2439 -0.0974 -0.0156 -0.2293 40  GLU A OE2 
285 N  N   . GLN A 41 ? 0.0832 0.1145 0.0912 0.0297  -0.0326 -0.0431 41  GLN A N   
286 C  CA  . GLN A 41 ? 0.0891 0.0999 0.0870 0.0427  -0.0339 -0.0322 41  GLN A CA  
287 C  C   . GLN A 41 ? 0.0938 0.1013 0.0791 0.0431  -0.0300 -0.0344 41  GLN A C   
288 O  O   . GLN A 41 ? 0.0847 0.1338 0.0730 0.0374  -0.0306 -0.0230 41  GLN A O   
289 C  CB  . GLN A 41 ? 0.0785 0.0870 0.0907 0.0259  -0.0372 -0.0321 41  GLN A CB  
290 C  CG  . GLN A 41 ? 0.0655 0.0972 0.0926 0.0175  -0.0243 -0.0310 41  GLN A CG  
291 C  CD  . GLN A 41 ? 0.0909 0.1089 0.0713 0.0334  -0.0198 -0.0209 41  GLN A CD  
292 O  OE1 . GLN A 41 ? 0.0934 0.0930 0.0909 0.0262  -0.0223 -0.0194 41  GLN A OE1 
293 N  NE2 . GLN A 41 ? 0.0795 0.1276 0.0859 0.0313  -0.0262 -0.0218 41  GLN A NE2 
294 N  N   . GLN A 42 ? 0.0861 0.0896 0.0920 0.0312  -0.0360 -0.0223 42  GLN A N   
295 C  CA  . GLN A 42 ? 0.0977 0.0887 0.0861 0.0383  -0.0323 -0.0228 42  GLN A CA  
296 C  C   . GLN A 42 ? 0.0822 0.0788 0.0888 0.0331  -0.0316 -0.0195 42  GLN A C   
297 O  O   . GLN A 42 ? 0.0822 0.0929 0.1066 0.0242  -0.0389 -0.0329 42  GLN A O   
298 C  CB  . GLN A 42 ? 0.0918 0.1590 0.0940 0.0550  -0.0359 -0.0548 42  GLN A CB  
299 C  CG  . GLN A 42 ? 0.1854 0.1220 0.1179 0.0946  -0.0647 -0.0602 42  GLN A CG  
300 C  CD  . GLN A 42 ? 0.1937 0.1820 0.1247 0.0917  -0.0765 -0.1028 42  GLN A CD  
301 O  OE1 . GLN A 42 ? 0.1407 0.1688 0.1779 0.0629  -0.0417 -0.0313 42  GLN A OE1 
302 N  NE2 . GLN A 42 ? 0.2551 0.3906 0.1408 0.2228  -0.0779 -0.1256 42  GLN A NE2 
303 N  N   . CYS A 43 ? 0.0757 0.0843 0.0892 0.0160  -0.0258 -0.0229 43  CYS A N   
304 C  CA  . CYS A 43 ? 0.0721 0.0702 0.0850 0.0166  -0.0226 -0.0255 43  CYS A CA  
305 C  C   . CYS A 43 ? 0.0738 0.0713 0.1081 0.0157  -0.0255 -0.0211 43  CYS A C   
306 O  O   . CYS A 43 ? 0.0893 0.0620 0.1140 0.0092  -0.0154 -0.0238 43  CYS A O   
307 C  CB  . CYS A 43 ? 0.0714 0.0809 0.0777 0.0138  -0.0224 -0.0181 43  CYS A CB  
308 S  SG  . CYS A 43 ? 0.0690 0.0784 0.0801 0.0175  -0.0162 -0.0163 43  CYS A SG  
309 N  N   . ALA A 44 ? 0.0950 0.0716 0.1120 0.0272  -0.0340 -0.0222 44  ALA A N   
310 C  CA  . ALA A 44 ? 0.1051 0.0739 0.1294 0.0214  -0.0414 -0.0441 44  ALA A CA  
311 C  C   . ALA A 44 ? 0.0905 0.0842 0.1483 0.0244  -0.0274 -0.0203 44  ALA A C   
312 O  O   . ALA A 44 ? 0.1206 0.1106 0.1767 -0.0012 -0.0555 0.0161  44  ALA A O   
313 C  CB  . ALA A 44 ? 0.1038 0.1153 0.2274 0.0511  -0.0403 -0.0813 44  ALA A CB  
314 N  N   . ASN A 45 ? 0.0799 0.0727 0.1244 0.0162  -0.0242 -0.0337 45  ASN A N   
315 C  CA  . ASN A 45 ? 0.0751 0.0735 0.1366 0.0108  -0.0272 -0.0398 45  ASN A CA  
316 C  C   . ASN A 45 ? 0.0678 0.0869 0.1327 0.0118  -0.0338 -0.0385 45  ASN A C   
317 O  O   . ASN A 45 ? 0.0841 0.1394 0.1726 0.0388  -0.0528 -0.0702 45  ASN A O   
318 C  CB  . ASN A 45 ? 0.1001 0.0948 0.1339 0.0236  -0.0417 -0.0432 45  ASN A CB  
319 C  CG  . ASN A 45 ? 0.0914 0.0903 0.1181 0.0351  -0.0452 -0.0444 45  ASN A CG  
320 O  OD1 . ASN A 45 ? 0.1197 0.0933 0.1380 0.0270  -0.0372 -0.0372 45  ASN A OD1 
321 N  ND2 . ASN A 45 ? 0.1492 0.1087 0.1591 0.0206  0.0045  -0.0543 45  ASN A ND2 
322 N  N   . CYS A 46 ? 0.0825 0.0801 0.1197 0.0211  -0.0298 -0.0308 46  CYS A N   
323 C  CA  . CYS A 46 ? 0.0737 0.0694 0.1190 0.0075  -0.0314 -0.0253 46  CYS A CA  
324 C  C   . CYS A 46 ? 0.0800 0.0885 0.1228 0.0204  -0.0302 -0.0247 46  CYS A C   
325 O  O   . CYS A 46 ? 0.1034 0.0903 0.1193 0.0207  -0.0304 -0.0177 46  CYS A O   
326 C  CB  . CYS A 46 ? 0.0775 0.0875 0.1154 0.0183  -0.0333 -0.0352 46  CYS A CB  
327 S  SG  . CYS A 46 ? 0.0682 0.0762 0.1137 0.0153  -0.0280 -0.0264 46  CYS A SG  
328 N  N   . GLN A 47 ? 0.0625 0.0852 0.1390 0.0096  -0.0256 -0.0138 47  GLN A N   
329 C  CA  . GLN A 47 ? 0.0710 0.0902 0.1395 -0.0081 -0.0253 -0.0034 47  GLN A CA  
330 C  C   . GLN A 47 ? 0.0831 0.0813 0.1414 -0.0003 -0.0111 -0.0173 47  GLN A C   
331 O  O   . GLN A 47 ? 0.0925 0.1334 0.1434 -0.0056 -0.0339 0.0115  47  GLN A O   
332 C  CB  . GLN A 47 ? 0.0855 0.1247 0.1808 0.0282  0.0074  0.0103  47  GLN A CB  
333 C  CG  . GLN A 47 ? 0.1034 0.1417 0.3865 -0.0071 0.0996  -0.0765 47  GLN A CG  
334 C  CD  . GLN A 47 ? 0.1344 0.2154 0.4301 -0.0359 0.0302  -0.0295 47  GLN A CD  
335 O  OE1 . GLN A 47 ? 0.1305 0.2071 0.1597 -0.0143 -0.0233 -0.0339 47  GLN A OE1 
336 N  NE2 . GLN A 47 ? 0.2017 0.1892 0.3490 0.0249  0.0833  0.0024  47  GLN A NE2 
337 N  N   . PHE A 48 ? 0.0630 0.1004 0.1341 0.0043  -0.0154 -0.0331 48  PHE A N   
338 C  CA  . PHE A 48 ? 0.0695 0.1080 0.1191 0.0015  -0.0076 -0.0194 48  PHE A CA  
339 C  C   . PHE A 48 ? 0.0751 0.0899 0.1190 -0.0039 -0.0085 -0.0145 48  PHE A C   
340 O  O   . PHE A 48 ? 0.0816 0.1020 0.1193 0.0047  -0.0101 -0.0174 48  PHE A O   
341 C  CB  . PHE A 48 ? 0.0866 0.0961 0.1356 0.0310  -0.0221 -0.0427 48  PHE A CB  
342 C  CG  . PHE A 48 ? 0.0765 0.1423 0.1808 0.0424  -0.0405 -0.0388 48  PHE A CG  
343 C  CD1 . PHE A 48 ? 0.1286 0.2372 0.1613 0.1020  -0.0313 -0.0497 48  PHE A CD1 
344 C  CD2 . PHE A 48 ? 0.1008 0.1555 0.2077 0.0397  -0.0434 -0.0081 48  PHE A CD2 
345 C  CE1 . PHE A 48 ? 0.1498 0.2892 0.1583 0.1307  -0.0244 -0.0515 48  PHE A CE1 
346 C  CE2 . PHE A 48 ? 0.1378 0.2078 0.2220 0.0808  -0.0285 0.0094  48  PHE A CE2 
347 C  CZ  . PHE A 48 ? 0.1593 0.2235 0.2324 0.1041  -0.0237 -0.0194 48  PHE A CZ  
348 N  N   . MET A 49 ? 0.0667 0.0892 0.1380 -0.0044 -0.0107 -0.0268 49  MET A N   
349 C  CA  . MET A 49 ? 0.0804 0.1014 0.1147 0.0080  -0.0125 -0.0311 49  MET A CA  
350 C  C   . MET A 49 ? 0.0808 0.0995 0.1354 0.0018  -0.0151 -0.0270 49  MET A C   
351 O  O   . MET A 49 ? 0.1087 0.1224 0.1643 -0.0249 -0.0246 -0.0132 49  MET A O   
352 C  CB  . MET A 49 ? 0.0854 0.1192 0.1235 0.0210  -0.0232 -0.0444 49  MET A CB  
353 C  CG  . MET A 49 ? 0.1098 0.1549 0.1206 0.0509  -0.0247 -0.0553 49  MET A CG  
354 S  SD  . MET A 49 ? 0.2579 0.1349 0.3094 0.0566  -0.1417 -0.0580 49  MET A SD  
355 C  CE  . MET A 49 ? 0.6456 0.1829 0.3964 0.2100  -0.2858 -0.1601 49  MET A CE  
356 N  N   . GLN A 50 ? 0.0987 0.0918 0.1146 -0.0069 -0.0062 -0.0277 50  GLN A N   
357 C  CA  . GLN A 50 ? 0.0939 0.0896 0.1558 -0.0148 0.0010  -0.0068 50  GLN A CA  
358 C  C   . GLN A 50 ? 0.1088 0.0934 0.1723 -0.0046 -0.0068 -0.0124 50  GLN A C   
359 O  O   . GLN A 50 ? 0.0903 0.1143 0.1708 -0.0088 -0.0068 0.0036  50  GLN A O   
360 C  CB  . GLN A 50 ? 0.1149 0.1207 0.1143 0.0005  0.0085  0.0087  50  GLN A CB  
361 C  CG  . GLN A 50 ? 0.1216 0.1284 0.1604 0.0017  0.0033  -0.0280 50  GLN A CG  
362 C  CD  . GLN A 50 ? 0.1370 0.1144 0.1649 0.0117  -0.0058 -0.0194 50  GLN A CD  
363 O  OE1 . GLN A 50 ? 0.1551 0.1819 0.2466 0.0475  0.0288  -0.0229 50  GLN A OE1 
364 N  NE2 . GLN A 50 ? 0.1695 0.1547 0.1771 0.0249  -0.0214 -0.0705 50  GLN A NE2 
365 N  N   . ALA A 51 ? 0.1326 0.1111 0.2793 0.0072  -0.0419 -0.0565 51  ALA A N   
366 C  CA  . ALA A 51 ? 0.1706 0.1197 0.3432 0.0361  -0.0480 -0.0635 51  ALA A CA  
367 C  C   . ALA A 51 ? 0.1920 0.1376 0.3742 0.0287  -0.0778 -0.0240 51  ALA A C   
368 O  O   . ALA A 51 ? 0.2317 0.3545 0.4038 0.1201  -0.1145 -0.0788 51  ALA A O   
369 C  CB  . ALA A 51 ? 0.2032 0.1629 0.4025 0.0411  -0.0208 -0.1242 51  ALA A CB  
370 N  N   . ASP A 52 ? 0.1998 0.1175 0.3571 -0.0163 -0.0780 0.0106  52  ASP A N   
371 C  CA  . ASP A 52 ? 0.2308 0.1444 0.4020 -0.0436 -0.0994 0.0741  52  ASP A CA  
372 C  C   . ASP A 52 ? 0.2523 0.1734 0.2920 -0.0562 -0.0468 0.0883  52  ASP A C   
373 O  O   . ASP A 52 ? 0.2358 0.2970 0.2987 0.0055  0.0249  0.1047  52  ASP A O   
374 C  CB  . ASP A 52 ? 0.2641 0.2490 0.4133 -0.0928 -0.0937 0.0846  52  ASP A CB  
375 C  CG  . ASP A 52 ? 0.3139 0.3108 0.4029 -0.0959 -0.0804 0.1112  52  ASP A CG  
376 O  OD1 . ASP A 52 ? 0.3509 0.4134 0.4417 -0.0002 -0.0744 0.1479  52  ASP A OD1 
377 O  OD2 . ASP A 52 ? 0.3902 0.4379 0.3806 -0.1071 -0.0323 0.0959  52  ASP A OD2 
378 N  N   . ALA A 53 ? 0.1949 0.1894 0.2551 -0.0683 -0.0323 0.0395  53  ALA A N   
379 C  CA  . ALA A 53 ? 0.1946 0.1777 0.1269 -0.0284 -0.0018 0.0435  53  ALA A CA  
380 C  C   . ALA A 53 ? 0.2169 0.1382 0.1296 -0.0180 -0.0083 0.0370  53  ALA A C   
381 O  O   . ALA A 53 ? 0.1879 0.1627 0.1314 -0.0342 -0.0006 0.0101  53  ALA A O   
382 C  CB  . ALA A 53 ? 0.1312 0.1738 0.1671 -0.0293 -0.0164 0.0675  53  ALA A CB  
383 N  N   . ALA A 54 ? 0.1862 0.1522 0.1233 0.0198  0.0040  0.0322  54  ALA A N   
384 C  CA  . ALA A 54 ? 0.1837 0.1176 0.1034 0.0286  0.0137  0.0271  54  ALA A CA  
385 C  C   . ALA A 54 ? 0.1839 0.1443 0.0970 0.0301  0.0161  0.0256  54  ALA A C   
386 O  O   . ALA A 54 ? 0.2139 0.1310 0.0812 0.0028  0.0175  0.0059  54  ALA A O   
387 C  CB  . ALA A 54 ? 0.2165 0.1561 0.1001 0.0167  0.0339  0.0143  54  ALA A CB  
388 N  N   . GLY A 55 ? 0.1681 0.1822 0.1087 0.0438  0.0084  0.0373  55  GLY A N   
389 C  CA  . GLY A 55 ? 0.1863 0.1874 0.1121 0.0444  0.0239  0.0358  55  GLY A CA  
390 C  C   . GLY A 55 ? 0.2154 0.1125 0.1175 0.0539  0.0290  0.0401  55  GLY A C   
391 O  O   . GLY A 55 ? 0.2276 0.1548 0.1110 0.0496  0.0371  0.0249  55  GLY A O   
392 N  N   . ALA A 56 ? 0.2106 0.1357 0.1007 0.0796  0.0189  0.0288  56  ALA A N   
393 C  CA  . ALA A 56 ? 0.2381 0.1277 0.1079 0.0960  0.0231  0.0251  56  ALA A CA  
394 C  C   . ALA A 56 ? 0.2323 0.1177 0.1141 0.0820  0.0071  0.0154  56  ALA A C   
395 O  O   . ALA A 56 ? 0.2357 0.1355 0.1394 0.1010  0.0203  0.0369  56  ALA A O   
396 C  CB  . ALA A 56 ? 0.2490 0.1750 0.1027 0.1122  -0.0065 0.0088  56  ALA A CB  
397 N  N   . THR A 57 ? 0.1957 0.1009 0.1205 0.0783  0.0016  0.0061  57  THR A N   
398 C  CA  . THR A 57 ? 0.1883 0.1148 0.1277 0.0870  0.0024  0.0075  57  THR A CA  
399 C  C   . THR A 57 ? 0.1982 0.1238 0.1274 0.0870  -0.0054 0.0040  57  THR A C   
400 O  O   . THR A 57 ? 0.2347 0.1570 0.1463 0.1221  -0.0199 0.0124  57  THR A O   
401 C  CB  . THR A 57 ? 0.1881 0.1537 0.1177 0.0913  -0.0053 0.0238  57  THR A CB  
402 O  OG1 . THR A 57 ? 0.1649 0.2083 0.2157 0.0795  0.0023  0.0855  57  THR A OG1 
403 C  CG2 . THR A 57 ? 0.2096 0.2381 0.1436 0.0947  -0.0286 -0.0139 57  THR A CG2 
404 N  N   . ASP A 58 ? 0.1892 0.1333 0.1372 0.0891  -0.0400 -0.0198 58  ASP A N   
405 C  CA  . ASP A 58 ? 0.1700 0.1459 0.1377 0.0852  -0.0263 -0.0269 58  ASP A CA  
406 C  C   . ASP A 58 ? 0.1262 0.1658 0.1151 0.0722  -0.0238 -0.0274 58  ASP A C   
407 O  O   . ASP A 58 ? 0.1598 0.2177 0.1254 0.0474  -0.0477 -0.0008 58  ASP A O   
408 C  CB  . ASP A 58 ? 0.2369 0.1806 0.1948 0.1052  -0.0122 -0.0760 58  ASP A CB  
409 C  CG  . ASP A 58 ? 0.3544 0.1756 0.3013 0.1392  -0.0252 -0.0533 58  ASP A CG  
410 O  OD1 . ASP A 58 ? 0.4055 0.1994 0.4197 0.1290  0.0198  0.0514  58  ASP A OD1 
411 O  OD2 . ASP A 58 ? 0.4444 0.2395 0.4798 0.2020  0.0144  -0.1031 58  ASP A OD2 
412 N  N   . GLU A 59 ? 0.1511 0.1478 0.0840 0.0784  -0.0262 -0.0252 59  GLU A N   
413 C  CA  . GLU A 59 ? 0.1482 0.1685 0.0838 0.0753  0.0011  -0.0066 59  GLU A CA  
414 C  C   . GLU A 59 ? 0.1087 0.1348 0.0725 0.0536  -0.0194 -0.0008 59  GLU A C   
415 O  O   . GLU A 59 ? 0.1405 0.1349 0.0677 0.0366  -0.0305 -0.0018 59  GLU A O   
416 C  CB  . GLU A 59 ? 0.1426 0.2242 0.1281 0.0959  0.0315  0.0308  59  GLU A CB  
417 C  CG  . GLU A 59 ? 0.1553 0.2825 0.2234 0.0812  0.0585  0.0905  59  GLU A CG  
418 C  CD  . GLU A 59 ? 0.1475 0.3442 0.2893 0.0955  0.0736  0.1162  59  GLU A CD  
419 O  OE1 . GLU A 59 ? 0.1859 0.4124 0.3973 0.1743  0.1079  0.1253  59  GLU A OE1 
420 O  OE2 . GLU A 59 ? 0.1449 0.3999 0.3555 0.0680  0.0795  0.1507  59  GLU A OE2 
421 N  N   . TRP A 60 ? 0.1158 0.1193 0.0851 0.0606  -0.0065 0.0011  60  TRP A N   
422 C  CA  . TRP A 60 ? 0.1017 0.1277 0.0922 0.0514  -0.0133 -0.0113 60  TRP A CA  
423 C  C   . TRP A 60 ? 0.1132 0.1079 0.0846 0.0497  0.0001  -0.0006 60  TRP A C   
424 O  O   . TRP A 60 ? 0.1635 0.1414 0.1197 0.0887  0.0274  0.0366  60  TRP A O   
425 C  CB  . TRP A 60 ? 0.1080 0.1604 0.1097 0.0623  -0.0255 -0.0166 60  TRP A CB  
426 C  CG  . TRP A 60 ? 0.1141 0.1567 0.1314 0.0507  -0.0219 -0.0167 60  TRP A CG  
427 C  CD1 . TRP A 60 ? 0.0907 0.1802 0.1535 0.0511  -0.0285 -0.0100 60  TRP A CD1 
428 C  CD2 . TRP A 60 ? 0.1369 0.1532 0.1277 0.0339  -0.0266 -0.0297 60  TRP A CD2 
429 N  NE1 . TRP A 60 ? 0.0992 0.1907 0.2226 0.0207  -0.0192 -0.0290 60  TRP A NE1 
430 C  CE2 . TRP A 60 ? 0.1435 0.1789 0.1698 0.0118  -0.0069 -0.0351 60  TRP A CE2 
431 C  CE3 . TRP A 60 ? 0.1698 0.1519 0.1077 0.0380  -0.0430 -0.0340 60  TRP A CE3 
432 C  CZ2 . TRP A 60 ? 0.1859 0.2057 0.1592 -0.0118 -0.0089 -0.0280 60  TRP A CZ2 
433 C  CZ3 . TRP A 60 ? 0.1978 0.1628 0.1357 0.0023  -0.0819 -0.0213 60  TRP A CZ3 
434 C  CH2 . TRP A 60 ? 0.2079 0.1963 0.1343 -0.0198 -0.0603 -0.0171 60  TRP A CH2 
435 N  N   . LYS A 61 ? 0.0905 0.0915 0.0846 0.0260  -0.0057 -0.0030 61  LYS A N   
436 C  CA  . LYS A 61 ? 0.0920 0.0855 0.1067 0.0125  -0.0049 -0.0197 61  LYS A CA  
437 C  C   . LYS A 61 ? 0.0822 0.0782 0.0760 0.0076  -0.0094 -0.0094 61  LYS A C   
438 O  O   . LYS A 61 ? 0.0831 0.0782 0.0998 0.0018  -0.0004 -0.0130 61  LYS A O   
439 C  CB  . LYS A 61 ? 0.1329 0.1592 0.1736 0.0202  -0.0502 -0.0831 61  LYS A CB  
440 C  CG  . LYS A 61 ? 0.2033 0.1734 0.2224 0.0538  -0.0771 -0.1132 61  LYS A CG  
441 C  CD  . LYS A 61 ? 0.2362 0.1889 0.2927 0.1112  -0.0457 -0.0805 61  LYS A CD  
442 C  CE  . LYS A 61 ? 0.2477 0.1820 0.3435 0.0839  -0.0990 -0.1168 61  LYS A CE  
443 N  NZ  . LYS A 61 ? 0.4139 0.1908 0.4614 0.1522  -0.0273 -0.0777 61  LYS A NZ  
444 N  N   . GLY A 62 ? 0.0807 0.0796 0.0936 0.0093  -0.0064 -0.0083 62  GLY A N   
445 C  CA  . GLY A 62 ? 0.0895 0.0661 0.0898 0.0084  -0.0019 0.0025  62  GLY A CA  
446 C  C   . GLY A 62 ? 0.0776 0.0735 0.0816 0.0058  0.0027  -0.0012 62  GLY A C   
447 O  O   . GLY A 62 ? 0.0923 0.0839 0.0952 0.0126  -0.0096 -0.0151 62  GLY A O   
448 N  N   . CYS A 63 ? 0.0786 0.0805 0.0828 0.0114  -0.0052 -0.0106 63  CYS A N   
449 C  CA  . CYS A 63 ? 0.0817 0.0729 0.0817 0.0082  -0.0067 -0.0115 63  CYS A CA  
450 C  C   . CYS A 63 ? 0.0741 0.0751 0.0925 -0.0001 0.0088  0.0022  63  CYS A C   
451 O  O   . CYS A 63 ? 0.1062 0.0896 0.0829 0.0164  -0.0005 -0.0099 63  CYS A O   
452 C  CB  . CYS A 63 ? 0.0703 0.0918 0.0903 0.0120  0.0089  -0.0001 63  CYS A CB  
453 S  SG  . CYS A 63 ? 0.0758 0.0807 0.0869 0.0162  0.0012  -0.0044 63  CYS A SG  
454 N  N   . GLN A 64 ? 0.0768 0.0783 0.1012 0.0113  0.0098  -0.0080 64  GLN A N   
455 C  CA  . GLN A 64 ? 0.0775 0.0901 0.0954 -0.0053 0.0232  -0.0227 64  GLN A CA  
456 C  C   . GLN A 64 ? 0.0948 0.0914 0.1069 0.0073  0.0220  -0.0258 64  GLN A C   
457 O  O   . GLN A 64 ? 0.1387 0.0920 0.1060 0.0134  0.0314  -0.0168 64  GLN A O   
458 C  CB  . GLN A 64 ? 0.0866 0.0929 0.1355 0.0151  0.0055  -0.0078 64  GLN A CB  
459 C  CG  . GLN A 64 ? 0.0876 0.1712 0.1512 0.0261  0.0144  -0.0107 64  GLN A CG  
460 C  CD  . GLN A 64 ? 0.0925 0.1674 0.2337 0.0283  -0.0112 -0.0087 64  GLN A CD  
461 O  OE1 . GLN A 64 ? 0.1485 0.2048 0.3854 0.0775  -0.0417 -0.0261 64  GLN A OE1 
462 N  NE2 . GLN A 64 ? 0.0850 0.1930 0.2367 0.0071  -0.0154 -0.0193 64  GLN A NE2 
463 N  N   . LEU A 65 ? 0.0818 0.0746 0.0984 0.0088  0.0074  -0.0232 65  LEU A N   
464 C  CA  . LEU A 65 ? 0.0895 0.0755 0.0911 0.0219  -0.0004 -0.0218 65  LEU A CA  
465 C  C   . LEU A 65 ? 0.1017 0.0727 0.0891 0.0136  -0.0038 -0.0250 65  LEU A C   
466 O  O   . LEU A 65 ? 0.1052 0.0740 0.1185 0.0124  -0.0167 -0.0095 65  LEU A O   
467 C  CB  . LEU A 65 ? 0.1040 0.0812 0.0905 0.0149  -0.0017 -0.0243 65  LEU A CB  
468 C  CG  . LEU A 65 ? 0.1232 0.0910 0.0994 0.0100  -0.0156 -0.0255 65  LEU A CG  
469 C  CD1 . LEU A 65 ? 0.1538 0.1072 0.1028 0.0166  -0.0267 -0.0140 65  LEU A CD1 
470 C  CD2 . LEU A 65 ? 0.0986 0.1492 0.1327 -0.0144 -0.0215 -0.0344 65  LEU A CD2 
471 N  N   . PHE A 66 ? 0.0923 0.0762 0.0993 0.0145  -0.0118 -0.0284 66  PHE A N   
472 C  CA  . PHE A 66 ? 0.0909 0.0766 0.1061 -0.0024 -0.0094 -0.0038 66  PHE A CA  
473 C  C   . PHE A 66 ? 0.1074 0.0761 0.0932 -0.0171 -0.0090 -0.0093 66  PHE A C   
474 O  O   . PHE A 66 ? 0.1201 0.0766 0.0909 -0.0079 -0.0225 -0.0085 66  PHE A O   
475 C  CB  . PHE A 66 ? 0.0965 0.0915 0.1002 0.0103  -0.0033 0.0124  66  PHE A CB  
476 C  CG  . PHE A 66 ? 0.0785 0.0745 0.1119 0.0032  -0.0043 0.0048  66  PHE A CG  
477 C  CD1 . PHE A 66 ? 0.0752 0.0800 0.1115 0.0042  -0.0055 0.0000  66  PHE A CD1 
478 C  CD2 . PHE A 66 ? 0.1113 0.0737 0.1080 -0.0057 -0.0080 0.0120  66  PHE A CD2 
479 C  CE1 . PHE A 66 ? 0.0889 0.0714 0.1310 0.0087  0.0104  0.0083  66  PHE A CE1 
480 C  CE2 . PHE A 66 ? 0.1500 0.0827 0.1066 -0.0137 0.0084  0.0078  66  PHE A CE2 
481 C  CZ  . PHE A 66 ? 0.1015 0.0934 0.1226 -0.0039 -0.0003 0.0328  66  PHE A CZ  
482 N  N   . PRO A 67 ? 0.1254 0.1158 0.1005 -0.0072 -0.0049 -0.0188 67  PRO A N   
483 C  CA  . PRO A 67 ? 0.1308 0.1520 0.1017 -0.0059 0.0104  -0.0009 67  PRO A CA  
484 C  C   . PRO A 67 ? 0.1346 0.1303 0.0793 -0.0007 0.0117  -0.0136 67  PRO A C   
485 O  O   . PRO A 67 ? 0.1355 0.1120 0.0891 0.0120  0.0034  -0.0194 67  PRO A O   
486 C  CB  . PRO A 67 ? 0.1286 0.2340 0.1439 0.0146  0.0383  0.0162  67  PRO A CB  
487 C  CG  . PRO A 67 ? 0.1901 0.1939 0.1359 0.0395  0.0238  -0.0305 67  PRO A CG  
488 C  CD  . PRO A 67 ? 0.1522 0.1424 0.1279 0.0262  0.0147  -0.0151 67  PRO A CD  
489 N  N   . GLY A 68 ? 0.1484 0.1294 0.0685 -0.0211 0.0071  0.0029  68  GLY A N   
490 C  CA  . GLY A 68 ? 0.1495 0.1380 0.0613 -0.0004 0.0052  -0.0192 68  GLY A CA  
491 C  C   . GLY A 68 ? 0.1417 0.1225 0.0668 -0.0131 -0.0033 -0.0034 68  GLY A C   
492 O  O   . GLY A 68 ? 0.1501 0.1756 0.0714 0.0189  -0.0086 0.0214  68  GLY A O   
493 N  N   . LYS A 69 ? 0.1311 0.0961 0.0633 0.0036  0.0021  0.0064  69  LYS A N   
494 C  CA  . LYS A 69 ? 0.1168 0.0985 0.0562 -0.0077 -0.0149 -0.0063 69  LYS A CA  
495 C  C   . LYS A 69 ? 0.1106 0.0968 0.0752 -0.0233 0.0041  -0.0128 69  LYS A C   
496 O  O   . LYS A 69 ? 0.1096 0.1424 0.1215 -0.0359 0.0267  -0.0497 69  LYS A O   
497 C  CB  . LYS A 69 ? 0.1220 0.0981 0.0613 -0.0135 0.0006  -0.0035 69  LYS A CB  
498 C  CG  . LYS A 69 ? 0.2103 0.1145 0.1239 -0.0397 -0.0159 -0.0217 69  LYS A CG  
499 C  CD  . LYS A 69 ? 0.3444 0.1161 0.2189 -0.0644 -0.0568 -0.0030 69  LYS A CD  
500 C  CE  . LYS A 69 ? 0.4109 0.1319 0.2694 -0.0591 -0.0726 -0.0395 69  LYS A CE  
501 N  NZ  . LYS A 69 ? 0.5925 0.3566 0.2626 -0.1232 -0.1736 -0.0630 69  LYS A NZ  
502 N  N   . LEU A 70 ? 0.0891 0.0845 0.0582 -0.0173 -0.0078 0.0059  70  LEU A N   
503 C  CA  . LEU A 70 ? 0.0786 0.0858 0.0679 -0.0035 -0.0106 0.0037  70  LEU A CA  
504 C  C   . LEU A 70 ? 0.0633 0.0836 0.0683 -0.0005 -0.0099 -0.0064 70  LEU A C   
505 O  O   . LEU A 70 ? 0.0932 0.0954 0.0772 -0.0239 -0.0159 0.0120  70  LEU A O   
506 C  CB  . LEU A 70 ? 0.0936 0.0967 0.0599 0.0008  -0.0015 0.0038  70  LEU A CB  
507 C  CG  . LEU A 70 ? 0.1048 0.1059 0.0761 -0.0086 -0.0084 0.0211  70  LEU A CG  
508 C  CD1 . LEU A 70 ? 0.1190 0.1053 0.1009 -0.0193 -0.0275 0.0324  70  LEU A CD1 
509 C  CD2 . LEU A 70 ? 0.1012 0.1127 0.0853 -0.0027 -0.0055 0.0304  70  LEU A CD2 
510 N  N   . ILE A 71 ? 0.0704 0.0997 0.0597 -0.0067 -0.0048 -0.0011 71  ILE A N   
511 C  CA  . ILE A 71 ? 0.0759 0.1060 0.0615 0.0119  -0.0054 0.0040  71  ILE A CA  
512 C  C   . ILE A 71 ? 0.0669 0.1141 0.0594 0.0108  -0.0040 0.0098  71  ILE A C   
513 O  O   . ILE A 71 ? 0.0887 0.1039 0.0797 0.0169  0.0009  0.0065  71  ILE A O   
514 C  CB  . ILE A 71 ? 0.0765 0.1008 0.0563 0.0116  -0.0057 0.0027  71  ILE A CB  
515 C  CG1 . ILE A 71 ? 0.0766 0.1171 0.0764 0.0094  -0.0050 0.0082  71  ILE A CG1 
516 C  CG2 . ILE A 71 ? 0.1150 0.0999 0.0802 0.0257  -0.0107 0.0090  71  ILE A CG2 
517 C  CD1 . ILE A 71 ? 0.1002 0.1152 0.0921 0.0010  -0.0274 0.0052  71  ILE A CD1 
518 N  N   . ASN A 72 ? 0.0949 0.1138 0.0704 0.0105  0.0067  -0.0002 72  ASN A N   
519 C  CA  . ASN A 72 ? 0.0647 0.1267 0.0852 0.0342  0.0050  0.0028  72  ASN A CA  
520 C  C   . ASN A 72 ? 0.0854 0.1051 0.0736 0.0441  0.0038  -0.0087 72  ASN A C   
521 O  O   . ASN A 72 ? 0.0859 0.1117 0.0758 0.0394  -0.0090 -0.0167 72  ASN A O   
522 C  CB  . ASN A 72 ? 0.0870 0.1476 0.0851 0.0236  0.0039  0.0142  72  ASN A CB  
523 C  CG  . ASN A 72 ? 0.0824 0.2314 0.0745 0.0449  0.0037  -0.0092 72  ASN A CG  
524 O  OD1 . ASN A 72 ? 0.1012 0.1734 0.1051 0.0497  0.0058  -0.0030 72  ASN A OD1 
525 N  ND2 . ASN A 72 ? 0.0804 0.2452 0.1389 0.0403  0.0005  -0.0189 72  ASN A ND2 
526 N  N   . VAL A 73 ? 0.0763 0.1171 0.0900 0.0340  0.0030  0.0054  73  VAL A N   
527 C  CA  . VAL A 73 ? 0.0902 0.1066 0.0935 0.0285  0.0014  0.0003  73  VAL A CA  
528 C  C   . VAL A 73 ? 0.0922 0.0722 0.0915 0.0275  0.0000  -0.0101 73  VAL A C   
529 O  O   . VAL A 73 ? 0.0886 0.0839 0.1074 0.0247  -0.0138 -0.0061 73  VAL A O   
530 C  CB  . VAL A 73 ? 0.1564 0.1047 0.1412 0.0273  0.0077  0.0299  73  VAL A CB  
531 C  CG1 . VAL A 73 ? 0.1477 0.0843 0.1370 0.0400  -0.0324 -0.0018 73  VAL A CG1 
532 C  CG2 . VAL A 73 ? 0.2310 0.1648 0.5153 -0.0544 0.1130  -0.0278 73  VAL A CG2 
533 N  N   . ASN A 74 ? 0.0861 0.0794 0.0841 0.0294  -0.0086 -0.0013 74  ASN A N   
534 C  CA  . ASN A 74 ? 0.1105 0.0826 0.0746 0.0286  -0.0025 -0.0052 74  ASN A CA  
535 C  C   . ASN A 74 ? 0.0794 0.0829 0.0756 0.0210  -0.0130 -0.0053 74  ASN A C   
536 O  O   . ASN A 74 ? 0.0894 0.0938 0.0869 0.0050  -0.0071 0.0012  74  ASN A O   
537 C  CB  . ASN A 74 ? 0.1287 0.1390 0.0991 0.0623  0.0118  -0.0147 74  ASN A CB  
538 C  CG  . ASN A 74 ? 0.1597 0.1400 0.1356 0.0705  0.0005  -0.0294 74  ASN A CG  
539 O  OD1 . ASN A 74 ? 0.1762 0.1850 0.3259 0.0985  -0.0836 -0.0972 74  ASN A OD1 
540 N  ND2 . ASN A 74 ? 0.1562 0.1343 0.1780 0.0753  -0.0146 -0.0308 74  ASN A ND2 
541 N  N   . GLY A 75 ? 0.0782 0.0715 0.0873 0.0221  -0.0091 -0.0042 75  GLY A N   
542 C  CA  . GLY A 75 ? 0.0874 0.0674 0.0832 0.0233  -0.0270 -0.0148 75  GLY A CA  
543 C  C   . GLY A 75 ? 0.0769 0.0746 0.0759 0.0186  -0.0214 -0.0193 75  GLY A C   
544 O  O   . GLY A 75 ? 0.0876 0.0733 0.0795 0.0189  -0.0255 -0.0215 75  GLY A O   
545 N  N   . TRP A 76 ? 0.0739 0.0727 0.0900 0.0207  -0.0222 -0.0255 76  TRP A N   
546 C  CA  . TRP A 76 ? 0.0732 0.0804 0.0645 0.0229  -0.0166 -0.0161 76  TRP A CA  
547 C  C   . TRP A 76 ? 0.0794 0.0798 0.0631 0.0220  -0.0172 -0.0032 76  TRP A C   
548 O  O   . TRP A 76 ? 0.0849 0.0769 0.0981 0.0196  -0.0192 -0.0291 76  TRP A O   
549 C  CB  . TRP A 76 ? 0.0806 0.0870 0.0747 0.0231  -0.0116 -0.0101 76  TRP A CB  
550 C  CG  . TRP A 76 ? 0.0935 0.0892 0.0672 0.0288  -0.0229 -0.0141 76  TRP A CG  
551 C  CD1 . TRP A 76 ? 0.0917 0.1042 0.0775 0.0238  -0.0276 -0.0150 76  TRP A CD1 
552 C  CD2 . TRP A 76 ? 0.0855 0.0933 0.0611 0.0286  -0.0083 -0.0114 76  TRP A CD2 
553 N  NE1 . TRP A 76 ? 0.1010 0.1044 0.0712 0.0283  -0.0260 -0.0092 76  TRP A NE1 
554 C  CE2 . TRP A 76 ? 0.1059 0.1065 0.0732 0.0352  -0.0317 -0.0166 76  TRP A CE2 
555 C  CE3 . TRP A 76 ? 0.0977 0.0908 0.0875 0.0267  -0.0149 -0.0188 76  TRP A CE3 
556 C  CZ2 . TRP A 76 ? 0.1038 0.1154 0.0727 0.0457  -0.0175 -0.0154 76  TRP A CZ2 
557 C  CZ3 . TRP A 76 ? 0.1404 0.0878 0.0791 0.0257  -0.0225 -0.0154 76  TRP A CZ3 
558 C  CH2 . TRP A 76 ? 0.1278 0.1047 0.0692 0.0444  -0.0086 -0.0027 76  TRP A CH2 
559 N  N   . CYS A 77 ? 0.0827 0.0670 0.0746 0.0184  -0.0104 -0.0176 77  CYS A N   
560 C  CA  . CYS A 77 ? 0.0829 0.0745 0.0696 0.0248  -0.0175 -0.0100 77  CYS A CA  
561 C  C   . CYS A 77 ? 0.0790 0.0698 0.0736 0.0197  -0.0065 -0.0078 77  CYS A C   
562 O  O   . CYS A 77 ? 0.0916 0.0835 0.0734 0.0233  -0.0236 -0.0193 77  CYS A O   
563 C  CB  . CYS A 77 ? 0.0805 0.0587 0.0800 0.0224  -0.0158 -0.0195 77  CYS A CB  
564 S  SG  . CYS A 77 ? 0.0828 0.0732 0.0799 0.0220  -0.0136 -0.0155 77  CYS A SG  
565 N  N   . ALA A 78 ? 0.1045 0.0698 0.0860 0.0253  -0.0355 -0.0125 78  ALA A N   
566 C  CA  . ALA A 78 ? 0.1075 0.0960 0.0800 0.0406  -0.0271 -0.0120 78  ALA A CA  
567 C  C   . ALA A 78 ? 0.0996 0.0773 0.1038 0.0348  -0.0336 -0.0169 78  ALA A C   
568 O  O   . ALA A 78 ? 0.1075 0.1366 0.1334 0.0374  -0.0468 0.0116  78  ALA A O   
569 C  CB  . ALA A 78 ? 0.1128 0.0982 0.1282 0.0465  -0.0175 0.0130  78  ALA A CB  
570 N  N   . SER A 79 ? 0.0917 0.0751 0.0950 0.0272  -0.0264 -0.0245 79  SER A N   
571 C  CA  . SER A 79 ? 0.0890 0.0814 0.1056 0.0302  -0.0270 -0.0224 79  SER A CA  
572 C  C   . SER A 79 ? 0.0805 0.0846 0.1031 0.0238  -0.0321 -0.0245 79  SER A C   
573 O  O   . SER A 79 ? 0.0936 0.0983 0.1142 0.0107  -0.0133 -0.0357 79  SER A O   
574 C  CB  . SER A 79 ? 0.0898 0.0897 0.1063 0.0166  -0.0140 -0.0276 79  SER A CB  
575 O  OG  . SER A 79 ? 0.1574 0.1012 0.1091 0.0154  -0.0022 -0.0313 79  SER A OG  
576 N  N   . TRP A 80 ? 0.0801 0.0743 0.1114 0.0216  -0.0265 -0.0215 80  TRP A N   
577 C  CA  . TRP A 80 ? 0.0733 0.0804 0.1031 0.0251  -0.0261 -0.0277 80  TRP A CA  
578 C  C   . TRP A 80 ? 0.0853 0.0830 0.0940 0.0168  -0.0279 -0.0307 80  TRP A C   
579 O  O   . TRP A 80 ? 0.0860 0.0901 0.1050 0.0287  -0.0348 -0.0253 80  TRP A O   
580 C  CB  . TRP A 80 ? 0.0831 0.0809 0.1022 0.0224  -0.0275 -0.0359 80  TRP A CB  
581 C  CG  . TRP A 80 ? 0.0770 0.0828 0.1043 0.0254  -0.0369 -0.0297 80  TRP A CG  
582 C  CD1 . TRP A 80 ? 0.0894 0.0746 0.1051 0.0250  -0.0365 -0.0336 80  TRP A CD1 
583 C  CD2 . TRP A 80 ? 0.0780 0.0820 0.0836 0.0146  -0.0261 -0.0255 80  TRP A CD2 
584 N  NE1 . TRP A 80 ? 0.1020 0.0779 0.1083 0.0244  -0.0457 -0.0397 80  TRP A NE1 
585 C  CE2 . TRP A 80 ? 0.0830 0.0818 0.1014 0.0147  -0.0330 -0.0203 80  TRP A CE2 
586 C  CE3 . TRP A 80 ? 0.0813 0.0907 0.0742 0.0262  -0.0176 -0.0146 80  TRP A CE3 
587 C  CZ2 . TRP A 80 ? 0.1007 0.0821 0.0883 0.0074  -0.0316 -0.0230 80  TRP A CZ2 
588 C  CZ3 . TRP A 80 ? 0.0802 0.1149 0.0985 0.0268  -0.0373 -0.0255 80  TRP A CZ3 
589 C  CH2 . TRP A 80 ? 0.0709 0.1051 0.1064 0.0057  -0.0271 -0.0260 80  TRP A CH2 
590 N  N   . THR A 81 ? 0.0787 0.0774 0.1223 0.0210  -0.0257 -0.0199 81  THR A N   
591 C  CA  . THR A 81 ? 0.0864 0.0919 0.0947 0.0191  -0.0330 -0.0218 81  THR A CA  
592 C  C   . THR A 81 ? 0.0703 0.0955 0.1119 0.0137  -0.0259 -0.0280 81  THR A C   
593 O  O   . THR A 81 ? 0.0897 0.0913 0.1299 0.0157  -0.0471 -0.0279 81  THR A O   
594 C  CB  . THR A 81 ? 0.0853 0.0992 0.1277 0.0159  -0.0186 -0.0346 81  THR A CB  
595 O  OG1 . THR A 81 ? 0.0964 0.1044 0.1673 0.0327  -0.0228 -0.0537 81  THR A OG1 
596 C  CG2 . THR A 81 ? 0.0959 0.1517 0.1566 -0.0044 -0.0041 -0.0654 81  THR A CG2 
597 N  N   . LEU A 82 ? 0.0805 0.0907 0.1094 0.0266  -0.0150 -0.0323 82  LEU A N   
598 C  CA  . LEU A 82 ? 0.0816 0.0870 0.1314 0.0137  -0.0303 -0.0291 82  LEU A CA  
599 C  C   . LEU A 82 ? 0.0797 0.0897 0.1243 0.0222  -0.0495 -0.0313 82  LEU A C   
600 O  O   . LEU A 82 ? 0.0872 0.1053 0.1114 0.0156  -0.0253 -0.0234 82  LEU A O   
601 C  CB  . LEU A 82 ? 0.0889 0.1125 0.1381 0.0075  -0.0455 -0.0374 82  LEU A CB  
602 C  CG  . LEU A 82 ? 0.1786 0.1928 0.2236 0.0427  -0.0855 -0.1179 82  LEU A CG  
603 C  CD1 . LEU A 82 ? 0.1691 0.2294 0.1740 0.0198  -0.0656 -0.1187 82  LEU A CD1 
604 C  CD2 . LEU A 82 ? 0.1128 0.1354 0.2059 0.0143  0.0123  -0.0739 82  LEU A CD2 
605 N  N   . LYS A 83 ? 0.1117 0.0932 0.1269 0.0287  -0.0373 -0.0219 83  LYS A N   
606 C  CA  . LYS A 83 ? 0.1520 0.1259 0.1149 -0.0060 -0.0555 -0.0138 83  LYS A CA  
607 C  C   . LYS A 83 ? 0.1689 0.1161 0.1314 -0.0153 -0.0464 -0.0288 83  LYS A C   
608 O  O   . LYS A 83 ? 0.2215 0.1172 0.1362 0.0003  -0.0640 -0.0363 83  LYS A O   
609 C  CB  . LYS A 83 ? 0.2004 0.1112 0.1759 -0.0045 -0.0852 0.0192  83  LYS A CB  
610 C  CG  . LYS A 83 ? 0.2343 0.1424 0.1691 -0.0300 -0.0683 0.0215  83  LYS A CG  
611 C  CD  . LYS A 83 ? 0.2367 0.1419 0.2186 -0.0308 -0.0069 0.0005  83  LYS A CD  
612 C  CE  . LYS A 83 ? 0.1934 0.2162 0.1863 -0.0129 -0.0346 0.0233  83  LYS A CE  
613 N  NZ  . LYS A 83 ? 0.1654 0.2604 0.3473 0.0413  -0.0080 0.0379  83  LYS A NZ  
614 N  N   . ALA A 84 ? 0.1766 0.1099 0.1324 -0.0249 -0.0514 -0.0160 84  ALA A N   
615 C  CA  . ALA A 84 ? 0.1588 0.1013 0.1476 -0.0104 -0.0380 -0.0182 84  ALA A CA  
616 C  C   . ALA A 84 ? 0.1476 0.1107 0.1759 -0.0129 -0.0488 -0.0042 84  ALA A C   
617 O  O   . ALA A 84 ? 0.2306 0.1591 0.1670 0.0194  -0.0344 0.0104  84  ALA A O   
618 C  CB  . ALA A 84 ? 0.1720 0.1603 0.1876 0.0323  -0.0446 0.0055  84  ALA A CB  
619 N  N   . GLY A 85 ? 0.2054 0.1007 0.2706 -0.0300 -0.1064 0.0078  85  GLY A N   
620 C  CA  . GLY A 85 ? 0.2832 0.1553 0.4052 -0.0709 -0.0861 0.0879  85  GLY A CA  
621 C  C   . GLY A 85 ? 0.3267 0.2596 0.4492 -0.0549 -0.0082 0.1215  85  GLY A C   
622 O  O   . GLY A 85 ? 0.4688 0.2987 0.6091 0.1057  0.0227  0.1411  85  GLY A O   
623 O  OXT . GLY A 85 ? 0.5625 0.3347 0.4964 -0.0909 0.1008  0.1073  85  GLY A OXT 
624 FE FE1 . SF4 B .  ? 0.0675 0.0728 0.0779 0.0115  -0.0100 -0.0165 87  SF4 A FE1 
625 FE FE2 . SF4 B .  ? 0.0732 0.0694 0.0806 0.0132  -0.0165 -0.0142 87  SF4 A FE2 
626 FE FE3 . SF4 B .  ? 0.0670 0.0744 0.0913 0.0133  -0.0204 -0.0200 87  SF4 A FE3 
627 FE FE4 . SF4 B .  ? 0.0661 0.0732 0.0770 0.0175  -0.0165 -0.0157 87  SF4 A FE4 
628 S  S1  . SF4 B .  ? 0.0765 0.0803 0.0826 0.0168  -0.0232 -0.0188 87  SF4 A S1  
629 S  S2  . SF4 B .  ? 0.0730 0.0705 0.0885 0.0119  -0.0157 -0.0146 87  SF4 A S2  
630 S  S3  . SF4 B .  ? 0.0692 0.0744 0.0729 0.0095  -0.0151 -0.0119 87  SF4 A S3  
631 S  S4  . SF4 B .  ? 0.0707 0.0762 0.0943 0.0139  -0.0146 -0.0199 87  SF4 A S4  
632 O  O   . HOH C .  ? 0.2808 0.1355 0.1753 -0.0208 -0.0240 0.0447  101 HOH A O   
633 O  O   . HOH C .  ? 0.2240 0.1573 0.1934 -0.0672 -0.0258 -0.0004 102 HOH A O   
634 O  O   . HOH C .  ? 0.1305 0.0864 0.0933 -0.0028 -0.0168 0.0011  103 HOH A O   
635 O  O   . HOH C .  ? 0.1184 0.0977 0.1508 0.0298  -0.0200 -0.0472 104 HOH A O   
636 O  O   . HOH C .  ? 0.1348 0.1224 0.1095 0.0449  -0.0340 0.0106  105 HOH A O   
637 O  O   . HOH C .  ? 0.1946 0.1505 0.1365 -0.0501 -0.0547 -0.0086 106 HOH A O   
638 O  O   . HOH C .  ? 0.0933 0.1382 0.1088 0.0235  -0.0302 -0.0057 107 HOH A O   
639 O  O   . HOH C .  ? 0.1387 0.0931 0.1584 0.0143  0.0150  0.0102  108 HOH A O   
640 O  O   . HOH C .  ? 0.1272 0.1358 0.1060 0.0237  -0.0288 0.0166  109 HOH A O   
641 O  O   . HOH C .  ? 0.1031 0.1854 0.1481 0.0325  -0.0427 -0.0307 110 HOH A O   
642 O  O   . HOH C .  ? 0.1662 0.1126 0.1816 0.0093  -0.0236 0.0046  111 HOH A O   
643 O  O   . HOH C .  ? 0.1945 0.1204 0.1523 -0.0089 -0.0640 0.0092  112 HOH A O   
644 O  O   . HOH C .  ? 0.1087 0.1357 0.1550 0.0408  -0.0121 -0.0141 113 HOH A O   
645 O  O   . HOH C .  ? 0.1656 0.1362 0.1364 0.0489  -0.0196 0.0174  114 HOH A O   
646 O  O   . HOH C .  ? 0.1652 0.1629 0.0807 0.0106  0.0075  0.0091  115 HOH A O   
647 O  O   . HOH C .  ? 0.1948 0.1005 0.1586 0.0119  0.0229  -0.0108 116 HOH A O   
648 O  O   . HOH C .  ? 0.0997 0.1400 0.1573 0.0235  -0.0354 -0.0393 117 HOH A O   
649 O  O   . HOH C .  ? 0.0835 0.1146 0.0994 -0.0044 -0.0085 -0.0103 118 HOH A O   
650 O  O   . HOH C .  ? 0.1833 0.1322 0.1559 0.0142  0.0004  -0.0016 119 HOH A O   
651 O  O   . HOH C .  ? 0.2708 0.1521 0.1798 0.0396  -0.0975 -0.0764 120 HOH A O   
652 O  O   . HOH C .  ? 0.2466 0.1613 0.1377 0.0500  0.0585  0.0263  121 HOH A O   
653 O  O   . HOH C .  ? 0.2068 0.2319 0.1820 0.0339  -0.0003 0.0357  122 HOH A O   
654 O  O   . HOH C .  ? 0.2238 0.1280 0.3016 0.0242  -0.0739 0.0180  123 HOH A O   
655 O  O   . HOH C .  ? 0.2312 0.1321 0.1218 0.0563  -0.0263 0.0135  124 HOH A O   
656 O  O   . HOH C .  ? 0.2357 0.1470 0.1447 0.0162  -0.0303 0.0003  125 HOH A O   
657 O  O   . HOH C .  ? 0.1415 0.2102 0.3085 -0.0270 0.0388  -0.0667 126 HOH A O   
658 O  O   . HOH C .  ? 0.0721 0.2189 0.2633 -0.0045 0.0776  -0.0874 127 HOH A O   
659 O  O   . HOH C .  ? 0.1822 0.2132 0.2374 0.0389  0.0050  -0.0831 128 HOH A O   
660 O  O   . HOH C .  ? 0.2982 0.1846 0.2058 0.1314  0.0148  -0.0173 129 HOH A O   
661 O  O   . HOH C .  ? 0.2572 0.1699 0.3339 0.0650  -0.0655 0.0263  130 HOH A O   
662 O  O   . HOH C .  ? 0.2309 0.2173 0.1888 -0.0192 0.0373  -0.0466 131 HOH A O   
663 O  O   . HOH C .  ? 0.2235 0.1760 0.2978 -0.0514 -0.0460 -0.0152 132 HOH A O   
664 O  O   . HOH C .  ? 0.1408 0.1509 0.2636 -0.0814 -0.0742 -0.0146 133 HOH A O   
665 O  O   . HOH C .  ? 0.1697 0.2980 0.1540 0.0655  -0.0315 -0.0050 134 HOH A O   
666 O  O   . HOH C .  ? 0.1502 0.1657 0.2239 -0.0027 0.0308  -0.0071 135 HOH A O   
667 O  O   . HOH C .  ? 0.2534 0.1501 0.3143 -0.0143 -0.0694 -0.0091 136 HOH A O   
668 O  O   . HOH C .  ? 0.1688 0.1131 0.2022 -0.0379 -0.0913 0.0561  137 HOH A O   
669 O  O   . HOH C .  ? 0.2246 0.1277 0.1910 -0.0048 -0.0139 0.0062  138 HOH A O   
670 O  O   . HOH C .  ? 0.3284 0.2222 0.3922 0.1056  -0.0922 -0.0683 139 HOH A O   
671 O  O   . HOH C .  ? 0.4511 0.2966 0.3880 -0.0202 0.0420  -0.0875 140 HOH A O   
672 O  O   . HOH C .  ? 0.1378 0.2932 0.1514 0.0173  -0.0088 -0.0274 141 HOH A O   
673 O  O   . HOH C .  ? 0.2844 0.1228 0.2359 -0.0343 -0.0521 -0.0096 142 HOH A O   
674 O  O   . HOH C .  ? 0.1901 0.1754 0.2344 0.0196  -0.0320 -0.0622 143 HOH A O   
675 O  O   . HOH C .  ? 0.1882 0.1430 0.1642 0.0484  -0.0715 0.0098  144 HOH A O   
676 O  O   . HOH C .  ? 0.2002 0.2062 0.1211 0.0363  -0.0772 0.0007  145 HOH A O   
677 O  O   . HOH C .  ? 0.1416 0.2239 0.1520 -0.0510 0.0254  -0.0380 146 HOH A O   
678 O  O   . HOH C .  ? 0.1434 0.2662 0.1465 -0.0318 0.0626  -0.0137 147 HOH A O   
679 O  O   . HOH C .  ? 0.2964 0.1309 0.2530 -0.0575 0.1121  -0.0454 148 HOH A O   
680 O  O   . HOH C .  ? 0.1693 0.2188 0.2232 0.0018  0.0072  0.0240  149 HOH A O   
681 O  O   . HOH C .  ? 0.3043 0.1462 0.3251 0.0456  0.0594  -0.0076 150 HOH A O   
682 O  O   . HOH C .  ? 0.3506 0.1930 0.3348 0.0697  0.1063  0.0293  151 HOH A O   
683 O  O   . HOH C .  ? 0.3079 0.1943 0.2244 0.1154  0.0301  0.0209  152 HOH A O   
684 O  O   . HOH C .  ? 0.0736 0.1800 0.2281 -0.0056 -0.0009 -0.0100 153 HOH A O   
685 O  O   . HOH C .  ? 0.1781 0.1074 0.2537 -0.0244 -0.0107 0.0071  154 HOH A O   
686 O  O   . HOH C .  ? 0.1546 0.2153 0.2317 -0.0548 -0.0256 0.0040  155 HOH A O   
687 O  O   . HOH C .  ? 0.1538 0.2564 0.2587 -0.0485 -0.0126 0.0078  156 HOH A O   
688 O  O   . HOH C .  ? 0.1757 0.1694 0.2359 -0.0101 0.0083  -0.0676 157 HOH A O   
689 O  O   . HOH C .  ? 0.2337 0.1402 0.2871 -0.0045 -0.0004 -0.0525 158 HOH A O   
690 O  O   . HOH C .  ? 0.2723 0.2947 0.3754 0.1173  0.0580  -0.0884 159 HOH A O   
691 O  O   . HOH C .  ? 0.3991 0.1958 0.1706 0.0323  -0.0769 0.0110  160 HOH A O   
692 O  O   . HOH C .  ? 0.3317 0.1147 0.2644 0.0955  -0.0699 -0.0234 161 HOH A O   
693 O  O   . HOH C .  ? 0.2473 0.1375 0.2091 0.1017  -0.0621 -0.0210 162 HOH A O   
694 O  O   . HOH C .  ? 0.2549 0.0885 0.2308 0.0751  0.0137  -0.0224 163 HOH A O   
695 O  O   . HOH C .  ? 0.2780 0.1456 0.2138 0.0769  0.0035  0.0054  164 HOH A O   
696 O  O   . HOH C .  ? 0.1276 0.2307 0.1710 0.0021  0.0244  -0.0887 165 HOH A O   
697 O  O   . HOH C .  ? 0.1452 0.1992 0.1302 0.0132  0.0109  -0.0569 166 HOH A O   
698 O  O   . HOH C .  ? 0.1664 0.3608 0.2679 -0.0417 -0.0198 0.1050  167 HOH A O   
699 O  O   . HOH C .  ? 0.1756 0.1247 0.1617 0.0875  0.0570  0.0248  168 HOH A O   
700 O  O   . HOH C .  ? 0.1388 0.6683 0.2800 -0.0323 -0.0730 -0.0622 169 HOH A O   
701 O  O   . HOH C .  ? 0.2910 0.2551 0.2039 0.0074  0.0238  -0.0583 170 HOH A O   
702 O  O   . HOH C .  ? 0.2631 0.2817 0.4732 0.0863  0.0639  0.0546  171 HOH A O   
703 O  O   . HOH C .  ? 0.1640 0.2322 0.1888 0.0073  0.0538  0.0690  172 HOH A O   
704 O  O   . HOH C .  ? 0.2190 0.1528 0.2384 0.0404  0.0543  0.0799  173 HOH A O   
705 O  O   . HOH C .  ? 0.1876 0.3360 0.2333 -0.0048 -0.0088 -0.1601 174 HOH A O   
706 O  O   . HOH C .  ? 0.3736 0.2887 0.6760 0.1087  0.0553  -0.0701 175 HOH A O   
707 O  O   . HOH C .  ? 0.1796 0.3055 0.1921 0.1391  0.0495  0.0521  176 HOH A O   
708 O  O   . HOH C .  ? 0.2133 0.3154 0.2421 0.1138  0.0257  0.0318  177 HOH A O   
709 O  O   . HOH C .  ? 0.2532 0.2349 0.2466 0.0853  -0.0351 0.0571  178 HOH A O   
710 O  O   . HOH C .  ? 0.2448 0.3656 0.4622 -0.0359 0.0716  -0.0167 179 HOH A O   
711 O  O   . HOH C .  ? 0.2343 0.3037 0.1929 0.0818  -0.0012 -0.0696 180 HOH A O   
712 O  O   . HOH C .  ? 0.2089 0.2522 0.2127 -0.0069 -0.0018 0.0218  181 HOH A O   
713 O  O   . HOH C .  ? 0.1510 0.2227 0.1227 0.0270  0.0293  0.0349  182 HOH A O   
714 O  O   . HOH C .  ? 0.5042 0.3290 0.5269 -0.0446 0.0024  0.1231  183 HOH A O   
715 O  O   . HOH C .  ? 0.2966 0.2554 0.4786 -0.1107 -0.0194 -0.0732 184 HOH A O   
716 O  O   . HOH C .  ? 0.5629 0.6772 0.1516 0.1092  -0.1209 0.1035  185 HOH A O   
717 O  O   . HOH C .  ? 0.1431 0.1566 0.2427 0.0244  -0.0240 -0.1493 186 HOH A O   
718 O  O   . HOH C .  ? 0.1506 0.1815 0.3303 0.0125  -0.0221 -0.1215 187 HOH A O   
719 O  O   . HOH C .  ? 0.2332 0.5279 0.2147 -0.0730 0.0864  0.0239  188 HOH A O   
720 O  O   . HOH C .  ? 0.7225 0.6003 0.3102 0.0038  -0.2007 0.1581  189 HOH A O   
721 O  O   . HOH C .  ? 0.2386 0.2582 0.2039 -0.0089 -0.0433 -0.0108 190 HOH A O   
722 O  O   . HOH C .  ? 0.1298 0.2752 0.1044 -0.0166 -0.0291 0.0106  191 HOH A O   
723 O  O   . HOH C .  ? 0.1935 0.2580 0.0926 0.0548  0.0090  0.0248  192 HOH A O   
724 O  O   . HOH C .  ? 0.3070 0.5486 0.2931 0.0543  -0.0790 -0.0317 193 HOH A O   
725 O  O   . HOH C .  ? 0.3355 0.1247 0.1640 0.0319  -0.0707 0.0118  194 HOH A O   
726 O  O   . HOH C .  ? 0.2243 0.3390 0.3105 0.0070  -0.0620 -0.0642 195 HOH A O   
727 O  O   . HOH C .  ? 0.5285 0.3134 0.2732 0.1162  0.1016  0.0742  196 HOH A O   
728 O  O   . HOH C .  ? 0.1735 0.3709 0.1114 0.0880  -0.0108 0.0673  197 HOH A O   
729 O  O   . HOH C .  ? 0.2527 0.3272 0.2696 0.0553  -0.0107 0.0263  198 HOH A O   
730 O  O   . HOH C .  ? 0.2845 0.6539 0.5364 -0.0723 -0.1320 -0.0781 199 HOH A O   
731 O  O   . HOH C .  ? 0.3482 0.4858 0.3536 -0.0579 0.0102  0.0459  200 HOH A O   
732 O  O   . HOH C .  ? 0.2241 0.2476 0.2177 0.0504  0.0105  0.0257  201 HOH A O   
733 O  O   . HOH C .  ? 0.2227 0.2434 0.2003 0.0454  -0.0305 0.0228  202 HOH A O   
734 O  O   . HOH C .  ? 0.2815 0.5582 0.3545 -0.1393 -0.1263 -0.0017 203 HOH A O   
735 O  O   . HOH C .  ? 0.2136 0.1323 0.1757 0.0363  0.0162  -0.0023 204 HOH A O   
736 O  O   . HOH C .  ? 0.2003 0.2001 0.2249 0.0077  0.0081  0.0128  205 HOH A O   
737 O  O   . HOH C .  ? 0.4195 0.2039 0.3186 0.0223  -0.0595 0.0135  206 HOH A O   
738 O  O   . HOH C .  ? 0.2892 0.4272 0.4327 -0.1556 -0.1560 0.1466  207 HOH A O   
739 O  O   . HOH C .  ? 0.4721 0.5629 0.5266 0.1416  0.2434  -0.1044 208 HOH A O   
740 O  O   . HOH C .  ? 0.2392 0.1356 0.1846 0.0182  0.0210  -0.0227 209 HOH A O   
741 O  O   . HOH C .  ? 0.2051 0.1399 0.2128 0.0026  0.0020  0.0006  210 HOH A O   
742 O  O   . HOH C .  ? 0.4202 0.2321 0.2537 0.0941  0.0356  -0.1692 211 HOH A O   
743 O  O   . HOH C .  ? 0.5459 0.1274 0.1307 -0.0031 0.0599  -0.0205 212 HOH A O   
744 O  O   . HOH C .  ? 0.3853 0.3791 0.4047 0.2370  -0.0192 0.0334  213 HOH A O   
745 O  O   . HOH C .  ? 0.3627 0.3072 0.2552 -0.0577 -0.0479 0.1255  214 HOH A O   
746 O  O   . HOH C .  ? 0.4179 0.2012 0.3979 -0.0840 0.0309  -0.0512 215 HOH A O   
747 O  O   . HOH C .  ? 0.4842 0.3464 0.7345 0.0229  0.0845  -0.1008 216 HOH A O   
748 O  O   . HOH C .  ? 0.2998 0.2998 0.2842 -0.0511 0.1183  -0.0245 217 HOH A O   
749 O  O   . HOH C .  ? 0.7073 0.2266 0.3519 0.1440  0.0247  -0.0235 218 HOH A O   
750 O  O   . HOH C .  ? 0.1800 0.2779 0.1619 0.0950  0.0139  -0.0438 219 HOH A O   
751 O  O   . HOH C .  ? 0.2345 0.3293 0.2136 0.0485  -0.0150 -0.0298 220 HOH A O   
752 O  O   . HOH C .  ? 0.4030 0.3420 0.5641 -0.0302 -0.1820 -0.1917 221 HOH A O   
753 O  O   . HOH C .  ? 0.2193 0.2255 0.3464 0.0223  0.0290  -0.0646 222 HOH A O   
754 O  O   . HOH C .  ? 0.1948 0.1529 0.3431 0.0014  0.0362  -0.1144 223 HOH A O   
755 O  O   . HOH C .  ? 0.2464 0.3690 0.3427 0.0386  0.0940  -0.0596 224 HOH A O   
756 O  O   . HOH C .  ? 0.6489 0.4993 0.5155 -0.0032 0.0207  0.0942  225 HOH A O   
757 O  O   . HOH C .  ? 0.2841 0.5625 0.5854 0.0909  -0.1540 0.0716  226 HOH A O   
758 O  O   . HOH C .  ? 0.2188 0.3908 0.1972 -0.0895 -0.0607 0.0426  227 HOH A O   
759 O  O   . HOH C .  ? 0.2164 0.4427 0.3810 0.1475  0.1349  0.0321  228 HOH A O   
760 O  O   . HOH C .  ? 0.1484 0.1769 0.2678 0.0227  0.0378  -0.0477 229 HOH A O   
761 O  O   . HOH C .  ? 0.2166 0.4795 0.1685 0.0452  0.0340  -0.0582 230 HOH A O   
762 O  O   . HOH C .  ? 0.5097 0.6033 0.1946 0.1514  -0.0123 0.0480  231 HOH A O   
763 O  O   . HOH C .  ? 0.2847 0.4552 0.2283 -0.0401 -0.0801 -0.0419 232 HOH A O   
764 O  O   . HOH C .  ? 0.3747 0.1977 0.4893 0.0395  -0.0202 -0.0352 233 HOH A O   
765 O  O   . HOH C .  ? 0.1187 0.1857 0.1508 0.0100  -0.0272 -0.0389 234 HOH A O   
766 O  O   . HOH C .  ? 0.1696 0.1903 0.1084 0.0588  0.0030  0.0017  235 HOH A O   
767 O  O   . HOH C .  ? 0.1354 0.1921 0.1407 0.0257  -0.0084 0.0079  236 HOH A O   
768 O  O   . HOH C .  ? 0.3709 0.3083 0.2165 0.1749  -0.0063 -0.0378 237 HOH A O   
769 O  O   . HOH C .  ? 0.3715 0.1509 0.3166 -0.0067 -0.0156 -0.0091 238 HOH A O   
770 O  O   . HOH C .  ? 0.1337 0.1942 0.2835 -0.0296 -0.0275 -0.0689 239 HOH A O   
771 O  O   . HOH C .  ? 0.1913 0.1677 0.2738 0.0108  -0.0045 -0.0789 240 HOH A O   
772 O  O   . HOH C .  ? 0.5740 0.3118 0.3342 -0.0459 -0.2003 0.0286  241 HOH A O   
773 O  O   . HOH C .  ? 0.2922 0.2799 0.2696 0.0611  -0.1235 -0.0343 242 HOH A O   
774 O  O   . HOH C .  ? 0.5029 0.2515 0.3679 0.1621  0.0381  0.0755  243 HOH A O   
775 O  O   . HOH C .  ? 0.1195 0.2311 0.1589 -0.0150 -0.0016 -0.0228 244 HOH A O   
776 O  O   . HOH C .  ? 0.1630 0.2097 0.3626 0.0218  -0.1097 -0.0252 245 HOH A O   
777 O  O   . HOH C .  ? 0.1859 0.1541 0.1864 0.0959  -0.0267 0.0022  246 HOH A O   
778 O  O   . HOH C .  ? 0.1717 0.0653 0.2124 -0.0004 -0.0343 0.0188  247 HOH A O   
779 O  O   . HOH C .  ? 0.2918 0.4165 0.2886 -0.0503 -0.0283 -0.0626 248 HOH A O   
780 O  O   . HOH C .  ? 0.1050 0.1424 0.2960 0.0123  -0.0181 -0.0748 249 HOH A O   
781 O  O   . HOH C .  ? 0.3290 0.2234 0.6018 0.0805  -0.2020 -0.0782 250 HOH A O   
782 O  O   . HOH C .  ? 0.5931 0.4647 0.4927 0.1529  -0.1741 0.0072  251 HOH A O   
783 O  O   . HOH C .  ? 0.4765 0.2266 0.5757 0.1399  0.0897  -0.0247 252 HOH A O   
784 O  O   . HOH C .  ? 0.1734 0.6301 0.2415 0.1005  -0.0134 -0.1227 253 HOH A O   
785 O  O   . HOH C .  ? 0.1628 0.1382 0.2183 0.0577  -0.0475 -0.0243 254 HOH A O   
786 O  O   . HOH C .  ? 0.1933 0.1603 0.1625 0.0341  -0.0390 -0.0318 255 HOH A O   
787 O  O   . HOH C .  ? 0.6421 0.7916 0.5173 -0.0560 -0.0716 -0.0583 256 HOH A O   
788 O  O   . HOH C .  ? 0.2902 0.3700 0.3881 0.1470  -0.0353 0.0304  257 HOH A O   
789 O  O   . HOH C .  ? 0.5073 0.6550 0.3967 0.1601  0.1157  0.0078  258 HOH A O   
790 O  O   . HOH C .  ? 0.3471 0.3612 0.1949 0.0770  -0.1315 -0.0979 259 HOH A O   
791 O  O   . HOH C .  ? 0.1355 0.1787 0.2267 -0.0613 -0.0346 -0.0480 260 HOH A O   
792 O  O   . HOH C .  ? 0.1775 0.1667 0.1988 -0.0043 -0.0568 -0.0171 261 HOH A O   
793 O  O   . HOH C .  ? 0.3370 0.8834 0.7950 -0.1267 -0.1820 -0.0868 262 HOH A O   
794 O  O   . HOH C .  ? 0.2952 0.6018 0.4211 0.1553  -0.0475 0.0295  263 HOH A O   
795 O  O   . HOH C .  ? 0.2715 0.4605 0.4435 0.0475  -0.0589 0.0606  264 HOH A O   
796 O  O   . HOH C .  ? 0.4172 0.3816 0.7337 0.1688  0.0990  0.1135  265 HOH A O   
797 O  O   . HOH C .  ? 0.5309 0.5457 0.5312 0.0838  -0.0337 0.0306  266 HOH A O   
798 O  O   . HOH C .  ? 0.5256 0.3078 0.5870 0.2245  -0.0242 0.0522  267 HOH A O   
799 O  O   . HOH C .  ? 0.5954 0.8201 0.5223 -0.0076 -0.1669 -0.0169 268 HOH A O   
800 O  O   . HOH C .  ? 0.6806 0.3067 0.5448 0.0589  0.1189  -0.0732 269 HOH A O   
801 O  O   . HOH C .  ? 0.8003 0.3895 0.8352 0.0247  0.0611  -0.0141 270 HOH A O   
802 O  O   . HOH C .  ? 0.4351 0.7162 0.5579 0.0005  0.1014  -0.0270 271 HOH A O   
803 O  O   . HOH C .  ? 0.2149 0.2316 0.1709 0.0066  -0.0129 -0.0239 272 HOH A O   
804 O  O   . HOH C .  ? 0.0618 0.1605 0.0778 -0.0211 -0.0034 -0.0148 273 HOH A O   
805 O  O   . HOH C .  ? 0.4123 0.4782 0.2662 0.1223  0.0034  0.0041  274 HOH A O   
806 O  O   . HOH C .  ? 0.7364 0.6916 0.7349 -0.0159 -0.0240 0.0671  275 HOH A O   
807 O  O   . HOH C .  ? 0.2074 0.3143 0.2968 0.1138  -0.0675 -0.0622 276 HOH A O   
808 O  O   . HOH C .  ? 0.2952 0.1515 0.1349 0.0761  -0.0111 0.0196  277 HOH A O   
809 O  O   . HOH C .  ? 0.5042 0.3370 0.3110 0.2019  0.1151  0.1094  278 HOH A O   
810 O  O   . HOH C .  ? 0.4051 0.2752 0.4928 0.0750  0.0495  -0.0973 279 HOH A O   
811 O  O   . HOH C .  ? 0.2790 0.4263 0.4510 0.1295  -0.0848 -0.0533 280 HOH A O   
812 O  O   . HOH C .  ? 0.4417 0.4299 0.4438 0.1560  0.1376  -0.0192 281 HOH A O   
813 O  O   . HOH C .  ? 0.3267 0.1494 0.3091 0.0353  -0.0619 -0.0524 282 HOH A O   
814 O  O   . HOH C .  ? 0.1459 0.1552 0.2843 0.0685  -0.0320 -0.0464 283 HOH A O   
815 O  O   . HOH C .  ? 0.5281 0.3265 0.5740 0.1570  0.0999  0.0869  284 HOH A O   
816 O  O   . HOH C .  ? 0.2185 0.1584 0.1994 0.0090  0.0161  0.0017  285 HOH A O   
817 O  O   . HOH C .  ? 0.2072 0.2427 0.3086 -0.0614 -0.0423 -0.0039 286 HOH A O   
818 O  O   . HOH C .  ? 0.6469 0.3594 0.5037 0.0055  0.0632  -0.0623 287 HOH A O   
819 O  O   . HOH C .  ? 0.6502 0.2002 0.3686 -0.0541 -0.0811 -0.0307 288 HOH A O   
820 O  O   . HOH C .  ? 0.5059 0.3135 0.3021 0.1615  -0.0431 -0.0828 289 HOH A O   
821 O  O   . HOH C .  ? 0.4452 0.4028 0.6386 -0.1275 0.0320  -0.0666 290 HOH A O   
822 O  O   . HOH C .  ? 0.5484 0.6387 0.3672 0.1734  0.1262  0.1072  291 HOH A O   
823 O  O   . HOH C .  ? 0.7351 0.2791 0.7589 0.0504  -0.1480 0.0763  292 HOH A O   
824 O  O   . HOH C .  ? 0.6661 0.8580 0.2684 0.0374  0.2667  0.1645  293 HOH A O   
825 O  O   . HOH C .  ? 0.5543 0.5963 0.4355 -0.0680 0.1466  0.0196  294 HOH A O   
826 O  O   . HOH C .  ? 0.4424 0.4308 0.4778 -0.1613 0.0012  -0.0353 295 HOH A O   
827 O  O   . HOH C .  ? 0.4468 0.3118 0.6308 -0.0126 -0.2387 0.0351  296 HOH A O   
828 O  O   . HOH C .  ? 0.5495 0.6991 0.7667 0.0903  0.1110  0.0238  297 HOH A O   
829 O  O   . HOH C .  ? 0.5123 0.8892 0.6005 -0.0718 -0.1290 -0.0653 298 HOH A O   
830 O  O   . HOH C .  ? 0.4836 0.7267 0.5926 -0.0153 0.0988  -0.1404 299 HOH A O   
831 O  O   . HOH C .  ? 0.5688 0.6839 0.5960 -0.0696 0.1304  -0.0152 300 HOH A O   
832 O  O   . HOH C .  ? 0.5379 0.2145 0.5867 -0.0303 0.1489  -0.0262 301 HOH A O   
833 O  O   . HOH C .  ? 0.3346 0.5367 0.5202 -0.0828 -0.1466 0.0972  302 HOH A O   
834 O  O   . HOH C .  ? 0.4814 0.3842 0.5582 -0.1348 -0.0012 -0.2236 303 HOH A O   
835 O  O   . HOH C .  ? 0.2306 0.2116 0.4514 -0.0991 0.0558  -0.1136 304 HOH A O   
836 O  O   . HOH C .  ? 0.6822 0.4271 0.6900 0.0832  -0.0365 0.1227  305 HOH A O   
837 O  O   . HOH C .  ? 0.0985 0.1490 0.2258 -0.0128 -0.0149 -0.0341 306 HOH A O   
# 
